data_1SK2
# 
_entry.id   1SK2 
# 
_audit_conform.dict_name       mmcif_pdbx.dic 
_audit_conform.dict_version    5.389 
_audit_conform.dict_location   http://mmcif.pdb.org/dictionaries/ascii/mmcif_pdbx.dic 
# 
loop_
_database_2.database_id 
_database_2.database_code 
_database_2.pdbx_database_accession 
_database_2.pdbx_DOI 
PDB   1SK2         pdb_00001sk2 10.2210/pdb1sk2/pdb 
RCSB  RCSB021778   ?            ?                   
WWPDB D_1000021778 ?            ?                   
# 
loop_
_pdbx_audit_revision_history.ordinal 
_pdbx_audit_revision_history.data_content_type 
_pdbx_audit_revision_history.major_revision 
_pdbx_audit_revision_history.minor_revision 
_pdbx_audit_revision_history.revision_date 
1  'Structure model' 1 0 2005-02-15 
2  'Structure model' 1 1 2008-04-29 
3  'Structure model' 1 2 2011-07-13 
4  'Structure model' 1 3 2017-10-11 
5  'Structure model' 1 4 2018-04-04 
6  'Structure model' 1 5 2018-08-29 
7  'Structure model' 1 6 2019-07-24 
8  'Structure model' 1 7 2021-10-27 
9  'Structure model' 1 8 2024-02-14 
10 'Structure model' 1 9 2024-04-03 
# 
_pdbx_audit_revision_details.ordinal             1 
_pdbx_audit_revision_details.revision_ordinal    1 
_pdbx_audit_revision_details.data_content_type   'Structure model' 
_pdbx_audit_revision_details.provider            repository 
_pdbx_audit_revision_details.type                'Initial release' 
_pdbx_audit_revision_details.description         ? 
_pdbx_audit_revision_details.details             ? 
# 
loop_
_pdbx_audit_revision_group.ordinal 
_pdbx_audit_revision_group.revision_ordinal 
_pdbx_audit_revision_group.data_content_type 
_pdbx_audit_revision_group.group 
1  2  'Structure model' 'Version format compliance' 
2  3  'Structure model' 'Derived calculations'      
3  3  'Structure model' 'Version format compliance' 
4  4  'Structure model' 'Refinement description'    
5  5  'Structure model' 'Data collection'           
6  6  'Structure model' 'Data collection'           
7  6  'Structure model' 'Source and taxonomy'       
8  6  'Structure model' 'Structure summary'         
9  7  'Structure model' 'Data collection'           
10 7  'Structure model' 'Refinement description'    
11 8  'Structure model' 'Database references'       
12 8  'Structure model' 'Derived calculations'      
13 9  'Structure model' 'Data collection'           
14 10 'Structure model' 'Refinement description'    
# 
loop_
_pdbx_audit_revision_category.ordinal 
_pdbx_audit_revision_category.revision_ordinal 
_pdbx_audit_revision_category.data_content_type 
_pdbx_audit_revision_category.category 
1  4  'Structure model' software                      
2  5  'Structure model' diffrn_source                 
3  6  'Structure model' entity                        
4  6  'Structure model' entity_src_gen                
5  6  'Structure model' entity_src_nat                
6  7  'Structure model' software                      
7  8  'Structure model' database_2                    
8  8  'Structure model' pdbx_struct_conn_angle        
9  8  'Structure model' struct_conn                   
10 8  'Structure model' struct_ref_seq_dif            
11 8  'Structure model' struct_site                   
12 9  'Structure model' chem_comp_atom                
13 9  'Structure model' chem_comp_bond                
14 10 'Structure model' pdbx_initial_refinement_model 
# 
loop_
_pdbx_audit_revision_item.ordinal 
_pdbx_audit_revision_item.revision_ordinal 
_pdbx_audit_revision_item.data_content_type 
_pdbx_audit_revision_item.item 
1  5 'Structure model' '_diffrn_source.type'                         
2  6 'Structure model' '_entity.src_method'                          
3  7 'Structure model' '_software.classification'                    
4  7 'Structure model' '_software.name'                              
5  8 'Structure model' '_database_2.pdbx_DOI'                        
6  8 'Structure model' '_database_2.pdbx_database_accession'         
7  8 'Structure model' '_pdbx_struct_conn_angle.ptnr1_auth_comp_id'  
8  8 'Structure model' '_pdbx_struct_conn_angle.ptnr1_auth_seq_id'   
9  8 'Structure model' '_pdbx_struct_conn_angle.ptnr1_label_asym_id' 
10 8 'Structure model' '_pdbx_struct_conn_angle.ptnr1_label_atom_id' 
11 8 'Structure model' '_pdbx_struct_conn_angle.ptnr1_label_comp_id' 
12 8 'Structure model' '_pdbx_struct_conn_angle.ptnr1_label_seq_id'  
13 8 'Structure model' '_pdbx_struct_conn_angle.ptnr1_symmetry'      
14 8 'Structure model' '_pdbx_struct_conn_angle.ptnr2_auth_seq_id'   
15 8 'Structure model' '_pdbx_struct_conn_angle.ptnr2_label_asym_id' 
16 8 'Structure model' '_pdbx_struct_conn_angle.ptnr3_auth_comp_id'  
17 8 'Structure model' '_pdbx_struct_conn_angle.ptnr3_auth_seq_id'   
18 8 'Structure model' '_pdbx_struct_conn_angle.ptnr3_label_asym_id' 
19 8 'Structure model' '_pdbx_struct_conn_angle.ptnr3_label_atom_id' 
20 8 'Structure model' '_pdbx_struct_conn_angle.ptnr3_label_comp_id' 
21 8 'Structure model' '_pdbx_struct_conn_angle.ptnr3_label_seq_id'  
22 8 'Structure model' '_pdbx_struct_conn_angle.ptnr3_symmetry'      
23 8 'Structure model' '_pdbx_struct_conn_angle.value'               
24 8 'Structure model' '_struct_conn.pdbx_dist_value'                
25 8 'Structure model' '_struct_conn.ptnr1_auth_comp_id'             
26 8 'Structure model' '_struct_conn.ptnr1_auth_seq_id'              
27 8 'Structure model' '_struct_conn.ptnr1_label_asym_id'            
28 8 'Structure model' '_struct_conn.ptnr1_label_atom_id'            
29 8 'Structure model' '_struct_conn.ptnr1_label_comp_id'            
30 8 'Structure model' '_struct_conn.ptnr1_label_seq_id'             
31 8 'Structure model' '_struct_conn.ptnr1_symmetry'                 
32 8 'Structure model' '_struct_conn.ptnr2_auth_comp_id'             
33 8 'Structure model' '_struct_conn.ptnr2_auth_seq_id'              
34 8 'Structure model' '_struct_conn.ptnr2_label_asym_id'            
35 8 'Structure model' '_struct_conn.ptnr2_label_atom_id'            
36 8 'Structure model' '_struct_conn.ptnr2_label_comp_id'            
37 8 'Structure model' '_struct_conn.ptnr2_label_seq_id'             
38 8 'Structure model' '_struct_conn.ptnr2_symmetry'                 
39 8 'Structure model' '_struct_ref_seq_dif.details'                 
40 8 'Structure model' '_struct_site.pdbx_auth_asym_id'              
41 8 'Structure model' '_struct_site.pdbx_auth_comp_id'              
42 8 'Structure model' '_struct_site.pdbx_auth_seq_id'               
# 
_pdbx_database_status.status_code                     REL 
_pdbx_database_status.entry_id                        1SK2 
_pdbx_database_status.recvd_initial_deposition_date   2004-03-04 
_pdbx_database_status.deposit_site                    RCSB 
_pdbx_database_status.process_site                    RCSB 
_pdbx_database_status.status_code_sf                  ? 
_pdbx_database_status.status_code_mr                  ? 
_pdbx_database_status.SG_entry                        ? 
_pdbx_database_status.status_code_cs                  ? 
_pdbx_database_status.pdb_format_compatible           Y 
_pdbx_database_status.methods_development_category    ? 
_pdbx_database_status.status_code_nmr_data            ? 
# 
loop_
_pdbx_database_related.db_name 
_pdbx_database_related.db_id 
_pdbx_database_related.details 
_pdbx_database_related.content_type 
PDB 1S3C . unspecified 
PDB 1S3D . unspecified 
PDB 1SD8 . unspecified 
PDB 1SD9 . unspecified 
PDB 1SJZ . unspecified 
PDB 1SK0 . unspecified 
PDB 1SK1 . unspecified 
# 
loop_
_audit_author.name 
_audit_author.pdbx_ordinal 
'DeMel, S.'     1 
'Edwards, B.F.' 2 
# 
_citation.id                        primary 
_citation.title                     
'Arginine 60 in the ArsC arsenate reductase of E. coli plasmid R773 determines the chemical nature of the bound As(III) product.' 
_citation.journal_abbrev            'Protein Sci.' 
_citation.journal_volume            13 
_citation.page_first                2330 
_citation.page_last                 2340 
_citation.year                      2004 
_citation.journal_id_ASTM           PRCIEI 
_citation.country                   US 
_citation.journal_id_ISSN           0961-8368 
_citation.journal_id_CSD            0795 
_citation.book_publisher            ? 
_citation.pdbx_database_id_PubMed   15295115 
_citation.pdbx_database_id_DOI      10.1110/ps.04787204 
# 
loop_
_citation_author.citation_id 
_citation_author.name 
_citation_author.ordinal 
_citation_author.identifier_ORCID 
primary 'DeMel, S.'     1 ? 
primary 'Shi, J.'       2 ? 
primary 'Martin, P.'    3 ? 
primary 'Rosen, B.P.'   4 ? 
primary 'Edwards, B.F.' 5 ? 
# 
loop_
_entity.id 
_entity.type 
_entity.src_method 
_entity.pdbx_description 
_entity.formula_weight 
_entity.pdbx_number_of_molecules 
_entity.pdbx_ec 
_entity.pdbx_mutation 
_entity.pdbx_fragment 
_entity.details 
1 polymer     man 'Arsenate reductase' 15633.946 1   1.20.4.1 R60A ? ? 
2 non-polymer syn 'SULFATE ION'        96.063    3   ?        ?    ? ? 
3 non-polymer syn 'CESIUM ION'         132.905   4   ?        ?    ? ? 
4 water       nat water                18.015    289 ?        ?    ? ? 
# 
_entity_name_com.entity_id   1 
_entity_name_com.name        'Arsenical pump modifier' 
# 
_entity_poly.entity_id                      1 
_entity_poly.type                           'polypeptide(L)' 
_entity_poly.nstd_linkage                   no 
_entity_poly.nstd_monomer                   no 
_entity_poly.pdbx_seq_one_letter_code       
;MSNITIYHNPACGTSRNTLEMIRNSGTEPTIILYLENPPSRDELVKLIADMGISVRALLAKNVEPYEQLGLAEDKFTDDQ
LIDFMLQHPILINRPIVVTPLGTRLCRPSEVVLDILQDAQKGAFTKEDGEKVVDEAGKRL
;
_entity_poly.pdbx_seq_one_letter_code_can   
;MSNITIYHNPACGTSRNTLEMIRNSGTEPTIILYLENPPSRDELVKLIADMGISVRALLAKNVEPYEQLGLAEDKFTDDQ
LIDFMLQHPILINRPIVVTPLGTRLCRPSEVVLDILQDAQKGAFTKEDGEKVVDEAGKRL
;
_entity_poly.pdbx_strand_id                 A 
_entity_poly.pdbx_target_identifier         ? 
# 
loop_
_pdbx_entity_nonpoly.entity_id 
_pdbx_entity_nonpoly.name 
_pdbx_entity_nonpoly.comp_id 
2 'SULFATE ION' SO4 
3 'CESIUM ION'  CS  
4 water         HOH 
# 
loop_
_entity_poly_seq.entity_id 
_entity_poly_seq.num 
_entity_poly_seq.mon_id 
_entity_poly_seq.hetero 
1 1   MET n 
1 2   SER n 
1 3   ASN n 
1 4   ILE n 
1 5   THR n 
1 6   ILE n 
1 7   TYR n 
1 8   HIS n 
1 9   ASN n 
1 10  PRO n 
1 11  ALA n 
1 12  CYS n 
1 13  GLY n 
1 14  THR n 
1 15  SER n 
1 16  ARG n 
1 17  ASN n 
1 18  THR n 
1 19  LEU n 
1 20  GLU n 
1 21  MET n 
1 22  ILE n 
1 23  ARG n 
1 24  ASN n 
1 25  SER n 
1 26  GLY n 
1 27  THR n 
1 28  GLU n 
1 29  PRO n 
1 30  THR n 
1 31  ILE n 
1 32  ILE n 
1 33  LEU n 
1 34  TYR n 
1 35  LEU n 
1 36  GLU n 
1 37  ASN n 
1 38  PRO n 
1 39  PRO n 
1 40  SER n 
1 41  ARG n 
1 42  ASP n 
1 43  GLU n 
1 44  LEU n 
1 45  VAL n 
1 46  LYS n 
1 47  LEU n 
1 48  ILE n 
1 49  ALA n 
1 50  ASP n 
1 51  MET n 
1 52  GLY n 
1 53  ILE n 
1 54  SER n 
1 55  VAL n 
1 56  ARG n 
1 57  ALA n 
1 58  LEU n 
1 59  LEU n 
1 60  ALA n 
1 61  LYS n 
1 62  ASN n 
1 63  VAL n 
1 64  GLU n 
1 65  PRO n 
1 66  TYR n 
1 67  GLU n 
1 68  GLN n 
1 69  LEU n 
1 70  GLY n 
1 71  LEU n 
1 72  ALA n 
1 73  GLU n 
1 74  ASP n 
1 75  LYS n 
1 76  PHE n 
1 77  THR n 
1 78  ASP n 
1 79  ASP n 
1 80  GLN n 
1 81  LEU n 
1 82  ILE n 
1 83  ASP n 
1 84  PHE n 
1 85  MET n 
1 86  LEU n 
1 87  GLN n 
1 88  HIS n 
1 89  PRO n 
1 90  ILE n 
1 91  LEU n 
1 92  ILE n 
1 93  ASN n 
1 94  ARG n 
1 95  PRO n 
1 96  ILE n 
1 97  VAL n 
1 98  VAL n 
1 99  THR n 
1 100 PRO n 
1 101 LEU n 
1 102 GLY n 
1 103 THR n 
1 104 ARG n 
1 105 LEU n 
1 106 CYS n 
1 107 ARG n 
1 108 PRO n 
1 109 SER n 
1 110 GLU n 
1 111 VAL n 
1 112 VAL n 
1 113 LEU n 
1 114 ASP n 
1 115 ILE n 
1 116 LEU n 
1 117 GLN n 
1 118 ASP n 
1 119 ALA n 
1 120 GLN n 
1 121 LYS n 
1 122 GLY n 
1 123 ALA n 
1 124 PHE n 
1 125 THR n 
1 126 LYS n 
1 127 GLU n 
1 128 ASP n 
1 129 GLY n 
1 130 GLU n 
1 131 LYS n 
1 132 VAL n 
1 133 VAL n 
1 134 ASP n 
1 135 GLU n 
1 136 ALA n 
1 137 GLY n 
1 138 LYS n 
1 139 ARG n 
1 140 LEU n 
# 
_entity_src_gen.entity_id                          1 
_entity_src_gen.pdbx_src_id                        1 
_entity_src_gen.pdbx_alt_source_flag               sample 
_entity_src_gen.pdbx_seq_type                      ? 
_entity_src_gen.pdbx_beg_seq_num                   ? 
_entity_src_gen.pdbx_end_seq_num                   ? 
_entity_src_gen.gene_src_common_name               ? 
_entity_src_gen.gene_src_genus                     ? 
_entity_src_gen.pdbx_gene_src_gene                 ? 
_entity_src_gen.gene_src_species                   ? 
_entity_src_gen.gene_src_strain                    ? 
_entity_src_gen.gene_src_tissue                    ? 
_entity_src_gen.gene_src_tissue_fraction           ? 
_entity_src_gen.gene_src_details                   ? 
_entity_src_gen.pdbx_gene_src_fragment             ? 
_entity_src_gen.pdbx_gene_src_scientific_name      'Escherichia coli' 
_entity_src_gen.pdbx_gene_src_ncbi_taxonomy_id     562 
_entity_src_gen.pdbx_gene_src_variant              ? 
_entity_src_gen.pdbx_gene_src_cell_line            ? 
_entity_src_gen.pdbx_gene_src_atcc                 ? 
_entity_src_gen.pdbx_gene_src_organ                ? 
_entity_src_gen.pdbx_gene_src_organelle            ? 
_entity_src_gen.pdbx_gene_src_cell                 ? 
_entity_src_gen.pdbx_gene_src_cellular_location    ? 
_entity_src_gen.host_org_common_name               ? 
_entity_src_gen.pdbx_host_org_scientific_name      'Escherichia coli BL21(DE3)' 
_entity_src_gen.pdbx_host_org_ncbi_taxonomy_id     469008 
_entity_src_gen.host_org_genus                     ? 
_entity_src_gen.pdbx_host_org_gene                 ? 
_entity_src_gen.pdbx_host_org_organ                ? 
_entity_src_gen.host_org_species                   ? 
_entity_src_gen.pdbx_host_org_tissue               ? 
_entity_src_gen.pdbx_host_org_tissue_fraction      ? 
_entity_src_gen.pdbx_host_org_strain               'BL21(DE3)' 
_entity_src_gen.pdbx_host_org_variant              ? 
_entity_src_gen.pdbx_host_org_cell_line            ? 
_entity_src_gen.pdbx_host_org_atcc                 ? 
_entity_src_gen.pdbx_host_org_culture_collection   ? 
_entity_src_gen.pdbx_host_org_cell                 ? 
_entity_src_gen.pdbx_host_org_organelle            ? 
_entity_src_gen.pdbx_host_org_cellular_location    ? 
_entity_src_gen.pdbx_host_org_vector_type          ? 
_entity_src_gen.pdbx_host_org_vector               ? 
_entity_src_gen.host_org_details                   ? 
_entity_src_gen.expression_system_id               ? 
_entity_src_gen.plasmid_name                       ? 
_entity_src_gen.plasmid_details                    ? 
_entity_src_gen.pdbx_description                   ? 
# 
loop_
_chem_comp.id 
_chem_comp.type 
_chem_comp.mon_nstd_flag 
_chem_comp.name 
_chem_comp.pdbx_synonyms 
_chem_comp.formula 
_chem_comp.formula_weight 
ALA 'L-peptide linking' y ALANINE         ? 'C3 H7 N O2'     89.093  
ARG 'L-peptide linking' y ARGININE        ? 'C6 H15 N4 O2 1' 175.209 
ASN 'L-peptide linking' y ASPARAGINE      ? 'C4 H8 N2 O3'    132.118 
ASP 'L-peptide linking' y 'ASPARTIC ACID' ? 'C4 H7 N O4'     133.103 
CS  non-polymer         . 'CESIUM ION'    ? 'Cs 1'           132.905 
CYS 'L-peptide linking' y CYSTEINE        ? 'C3 H7 N O2 S'   121.158 
GLN 'L-peptide linking' y GLUTAMINE       ? 'C5 H10 N2 O3'   146.144 
GLU 'L-peptide linking' y 'GLUTAMIC ACID' ? 'C5 H9 N O4'     147.129 
GLY 'peptide linking'   y GLYCINE         ? 'C2 H5 N O2'     75.067  
HIS 'L-peptide linking' y HISTIDINE       ? 'C6 H10 N3 O2 1' 156.162 
HOH non-polymer         . WATER           ? 'H2 O'           18.015  
ILE 'L-peptide linking' y ISOLEUCINE      ? 'C6 H13 N O2'    131.173 
LEU 'L-peptide linking' y LEUCINE         ? 'C6 H13 N O2'    131.173 
LYS 'L-peptide linking' y LYSINE          ? 'C6 H15 N2 O2 1' 147.195 
MET 'L-peptide linking' y METHIONINE      ? 'C5 H11 N O2 S'  149.211 
PHE 'L-peptide linking' y PHENYLALANINE   ? 'C9 H11 N O2'    165.189 
PRO 'L-peptide linking' y PROLINE         ? 'C5 H9 N O2'     115.130 
SER 'L-peptide linking' y SERINE          ? 'C3 H7 N O3'     105.093 
SO4 non-polymer         . 'SULFATE ION'   ? 'O4 S -2'        96.063  
THR 'L-peptide linking' y THREONINE       ? 'C4 H9 N O3'     119.119 
TYR 'L-peptide linking' y TYROSINE        ? 'C9 H11 N O3'    181.189 
VAL 'L-peptide linking' y VALINE          ? 'C5 H11 N O2'    117.146 
# 
loop_
_pdbx_poly_seq_scheme.asym_id 
_pdbx_poly_seq_scheme.entity_id 
_pdbx_poly_seq_scheme.seq_id 
_pdbx_poly_seq_scheme.mon_id 
_pdbx_poly_seq_scheme.ndb_seq_num 
_pdbx_poly_seq_scheme.pdb_seq_num 
_pdbx_poly_seq_scheme.auth_seq_num 
_pdbx_poly_seq_scheme.pdb_mon_id 
_pdbx_poly_seq_scheme.auth_mon_id 
_pdbx_poly_seq_scheme.pdb_strand_id 
_pdbx_poly_seq_scheme.pdb_ins_code 
_pdbx_poly_seq_scheme.hetero 
A 1 1   MET 1   1   ?   ?   ?   A . n 
A 1 2   SER 2   2   ?   ?   ?   A . n 
A 1 3   ASN 3   3   3   ASN ASN A . n 
A 1 4   ILE 4   4   4   ILE ILE A . n 
A 1 5   THR 5   5   5   THR THR A . n 
A 1 6   ILE 6   6   6   ILE ILE A . n 
A 1 7   TYR 7   7   7   TYR TYR A . n 
A 1 8   HIS 8   8   8   HIS HIS A . n 
A 1 9   ASN 9   9   9   ASN ASN A . n 
A 1 10  PRO 10  10  10  PRO PRO A . n 
A 1 11  ALA 11  11  11  ALA ALA A . n 
A 1 12  CYS 12  12  12  CYS CYS A . n 
A 1 13  GLY 13  13  13  GLY GLY A . n 
A 1 14  THR 14  14  14  THR THR A . n 
A 1 15  SER 15  15  15  SER SER A . n 
A 1 16  ARG 16  16  16  ARG ARG A . n 
A 1 17  ASN 17  17  17  ASN ASN A . n 
A 1 18  THR 18  18  18  THR THR A . n 
A 1 19  LEU 19  19  19  LEU LEU A . n 
A 1 20  GLU 20  20  20  GLU GLU A . n 
A 1 21  MET 21  21  21  MET MET A . n 
A 1 22  ILE 22  22  22  ILE ILE A . n 
A 1 23  ARG 23  23  23  ARG ARG A . n 
A 1 24  ASN 24  24  24  ASN ASN A . n 
A 1 25  SER 25  25  25  SER SER A . n 
A 1 26  GLY 26  26  26  GLY GLY A . n 
A 1 27  THR 27  27  27  THR THR A . n 
A 1 28  GLU 28  28  28  GLU GLU A . n 
A 1 29  PRO 29  29  29  PRO PRO A . n 
A 1 30  THR 30  30  30  THR THR A . n 
A 1 31  ILE 31  31  31  ILE ILE A . n 
A 1 32  ILE 32  32  32  ILE ILE A . n 
A 1 33  LEU 33  33  33  LEU LEU A . n 
A 1 34  TYR 34  34  34  TYR TYR A . n 
A 1 35  LEU 35  35  35  LEU LEU A . n 
A 1 36  GLU 36  36  36  GLU GLU A . n 
A 1 37  ASN 37  37  37  ASN ASN A . n 
A 1 38  PRO 38  38  38  PRO PRO A . n 
A 1 39  PRO 39  39  39  PRO PRO A . n 
A 1 40  SER 40  40  40  SER SER A . n 
A 1 41  ARG 41  41  41  ARG ARG A . n 
A 1 42  ASP 42  42  42  ASP ASP A . n 
A 1 43  GLU 43  43  43  GLU GLU A . n 
A 1 44  LEU 44  44  44  LEU LEU A . n 
A 1 45  VAL 45  45  45  VAL VAL A . n 
A 1 46  LYS 46  46  46  LYS LYS A . n 
A 1 47  LEU 47  47  47  LEU LEU A . n 
A 1 48  ILE 48  48  48  ILE ILE A . n 
A 1 49  ALA 49  49  49  ALA ALA A . n 
A 1 50  ASP 50  50  50  ASP ASP A . n 
A 1 51  MET 51  51  51  MET MET A . n 
A 1 52  GLY 52  52  52  GLY GLY A . n 
A 1 53  ILE 53  53  53  ILE ILE A . n 
A 1 54  SER 54  54  54  SER SER A . n 
A 1 55  VAL 55  55  55  VAL VAL A . n 
A 1 56  ARG 56  56  56  ARG ARG A . n 
A 1 57  ALA 57  57  57  ALA ALA A . n 
A 1 58  LEU 58  58  58  LEU LEU A . n 
A 1 59  LEU 59  59  59  LEU LEU A . n 
A 1 60  ALA 60  60  60  ALA ALA A . n 
A 1 61  LYS 61  61  61  LYS LYS A . n 
A 1 62  ASN 62  62  62  ASN ASN A . n 
A 1 63  VAL 63  63  63  VAL VAL A . n 
A 1 64  GLU 64  64  64  GLU GLU A . n 
A 1 65  PRO 65  65  65  PRO PRO A . n 
A 1 66  TYR 66  66  66  TYR TYR A . n 
A 1 67  GLU 67  67  67  GLU GLU A . n 
A 1 68  GLN 68  68  68  GLN GLN A . n 
A 1 69  LEU 69  69  69  LEU LEU A . n 
A 1 70  GLY 70  70  70  GLY GLY A . n 
A 1 71  LEU 71  71  71  LEU LEU A . n 
A 1 72  ALA 72  72  72  ALA ALA A . n 
A 1 73  GLU 73  73  73  GLU GLU A . n 
A 1 74  ASP 74  74  74  ASP ASP A . n 
A 1 75  LYS 75  75  75  LYS LYS A . n 
A 1 76  PHE 76  76  76  PHE PHE A . n 
A 1 77  THR 77  77  77  THR THR A . n 
A 1 78  ASP 78  78  78  ASP ASP A . n 
A 1 79  ASP 79  79  79  ASP ASP A . n 
A 1 80  GLN 80  80  80  GLN GLN A . n 
A 1 81  LEU 81  81  81  LEU LEU A . n 
A 1 82  ILE 82  82  82  ILE ILE A . n 
A 1 83  ASP 83  83  83  ASP ASP A . n 
A 1 84  PHE 84  84  84  PHE PHE A . n 
A 1 85  MET 85  85  85  MET MET A . n 
A 1 86  LEU 86  86  86  LEU LEU A . n 
A 1 87  GLN 87  87  87  GLN GLN A . n 
A 1 88  HIS 88  88  88  HIS HIS A . n 
A 1 89  PRO 89  89  89  PRO PRO A . n 
A 1 90  ILE 90  90  90  ILE ILE A . n 
A 1 91  LEU 91  91  91  LEU LEU A . n 
A 1 92  ILE 92  92  92  ILE ILE A . n 
A 1 93  ASN 93  93  93  ASN ASN A . n 
A 1 94  ARG 94  94  94  ARG ARG A . n 
A 1 95  PRO 95  95  95  PRO PRO A . n 
A 1 96  ILE 96  96  96  ILE ILE A . n 
A 1 97  VAL 97  97  97  VAL VAL A . n 
A 1 98  VAL 98  98  98  VAL VAL A . n 
A 1 99  THR 99  99  99  THR THR A . n 
A 1 100 PRO 100 100 100 PRO PRO A . n 
A 1 101 LEU 101 101 101 LEU LEU A . n 
A 1 102 GLY 102 102 102 GLY GLY A . n 
A 1 103 THR 103 103 103 THR THR A . n 
A 1 104 ARG 104 104 104 ARG ARG A . n 
A 1 105 LEU 105 105 105 LEU LEU A . n 
A 1 106 CYS 106 106 106 CYS CYS A . n 
A 1 107 ARG 107 107 107 ARG ARG A . n 
A 1 108 PRO 108 108 108 PRO PRO A . n 
A 1 109 SER 109 109 109 SER SER A . n 
A 1 110 GLU 110 110 110 GLU GLU A . n 
A 1 111 VAL 111 111 111 VAL VAL A . n 
A 1 112 VAL 112 112 112 VAL VAL A . n 
A 1 113 LEU 113 113 113 LEU LEU A . n 
A 1 114 ASP 114 114 114 ASP ASP A . n 
A 1 115 ILE 115 115 115 ILE ILE A . n 
A 1 116 LEU 116 116 116 LEU LEU A . n 
A 1 117 GLN 117 117 117 GLN GLN A . n 
A 1 118 ASP 118 118 118 ASP ASP A . n 
A 1 119 ALA 119 119 119 ALA ALA A . n 
A 1 120 GLN 120 120 120 GLN GLN A . n 
A 1 121 LYS 121 121 121 LYS LYS A . n 
A 1 122 GLY 122 122 122 GLY GLY A . n 
A 1 123 ALA 123 123 123 ALA ALA A . n 
A 1 124 PHE 124 124 124 PHE PHE A . n 
A 1 125 THR 125 125 125 THR THR A . n 
A 1 126 LYS 126 126 126 LYS LYS A . n 
A 1 127 GLU 127 127 127 GLU GLU A . n 
A 1 128 ASP 128 128 128 ASP ASP A . n 
A 1 129 GLY 129 129 129 GLY GLY A . n 
A 1 130 GLU 130 130 130 GLU GLU A . n 
A 1 131 LYS 131 131 131 LYS LYS A . n 
A 1 132 VAL 132 132 132 VAL VAL A . n 
A 1 133 VAL 133 133 133 VAL VAL A . n 
A 1 134 ASP 134 134 134 ASP ASP A . n 
A 1 135 GLU 135 135 135 GLU GLU A . n 
A 1 136 ALA 136 136 136 ALA ALA A . n 
A 1 137 GLY 137 137 137 GLY GLY A . n 
A 1 138 LYS 138 138 138 LYS LYS A . n 
A 1 139 ARG 139 139 139 ARG ARG A . n 
A 1 140 LEU 140 140 140 LEU LEU A . n 
# 
loop_
_pdbx_nonpoly_scheme.asym_id 
_pdbx_nonpoly_scheme.entity_id 
_pdbx_nonpoly_scheme.mon_id 
_pdbx_nonpoly_scheme.ndb_seq_num 
_pdbx_nonpoly_scheme.pdb_seq_num 
_pdbx_nonpoly_scheme.auth_seq_num 
_pdbx_nonpoly_scheme.pdb_mon_id 
_pdbx_nonpoly_scheme.auth_mon_id 
_pdbx_nonpoly_scheme.pdb_strand_id 
_pdbx_nonpoly_scheme.pdb_ins_code 
B 2 SO4 1   201  201  SO4 SO4 A . 
C 2 SO4 1   202  202  SO4 SO4 A . 
D 2 SO4 1   203  203  SO4 SO4 A . 
E 3 CS  1   401  401  CS  CS  A . 
F 3 CS  1   402  402  CS  CS  A . 
G 3 CS  1   404  404  CS  CS  A . 
H 3 CS  1   405  405  CS  CS  A . 
I 4 HOH 1   1001 1001 HOH HOH A . 
I 4 HOH 2   1002 1002 HOH HOH A . 
I 4 HOH 3   1003 1003 HOH HOH A . 
I 4 HOH 4   1004 1004 HOH HOH A . 
I 4 HOH 5   1005 1005 HOH HOH A . 
I 4 HOH 6   1006 1006 HOH HOH A . 
I 4 HOH 7   1007 1007 HOH HOH A . 
I 4 HOH 8   1008 1008 HOH HOH A . 
I 4 HOH 9   1009 1009 HOH HOH A . 
I 4 HOH 10  1010 1010 HOH HOH A . 
I 4 HOH 11  1011 1011 HOH HOH A . 
I 4 HOH 12  1012 1012 HOH HOH A . 
I 4 HOH 13  1013 1013 HOH HOH A . 
I 4 HOH 14  1014 1014 HOH HOH A . 
I 4 HOH 15  1015 1015 HOH HOH A . 
I 4 HOH 16  1016 1016 HOH HOH A . 
I 4 HOH 17  1017 1017 HOH HOH A . 
I 4 HOH 18  1018 1018 HOH HOH A . 
I 4 HOH 19  1019 1019 HOH HOH A . 
I 4 HOH 20  1020 1020 HOH HOH A . 
I 4 HOH 21  1021 1021 HOH HOH A . 
I 4 HOH 22  1022 1022 HOH HOH A . 
I 4 HOH 23  1023 1023 HOH HOH A . 
I 4 HOH 24  1024 1024 HOH HOH A . 
I 4 HOH 25  1025 1025 HOH HOH A . 
I 4 HOH 26  1026 1026 HOH HOH A . 
I 4 HOH 27  1027 1027 HOH HOH A . 
I 4 HOH 28  1028 1028 HOH HOH A . 
I 4 HOH 29  1029 1029 HOH HOH A . 
I 4 HOH 30  1030 1030 HOH HOH A . 
I 4 HOH 31  1031 1031 HOH HOH A . 
I 4 HOH 32  1032 1032 HOH HOH A . 
I 4 HOH 33  1033 1033 HOH HOH A . 
I 4 HOH 34  1034 1034 HOH HOH A . 
I 4 HOH 35  1035 1035 HOH HOH A . 
I 4 HOH 36  1036 1036 HOH HOH A . 
I 4 HOH 37  1037 1037 HOH HOH A . 
I 4 HOH 38  1038 1038 HOH HOH A . 
I 4 HOH 39  1039 1039 HOH HOH A . 
I 4 HOH 40  1040 1040 HOH HOH A . 
I 4 HOH 41  1041 1041 HOH HOH A . 
I 4 HOH 42  1042 1042 HOH HOH A . 
I 4 HOH 43  1043 1043 HOH HOH A . 
I 4 HOH 44  1044 1044 HOH HOH A . 
I 4 HOH 45  1045 1045 HOH HOH A . 
I 4 HOH 46  1046 1046 HOH HOH A . 
I 4 HOH 47  1047 1047 HOH HOH A . 
I 4 HOH 48  1048 1048 HOH HOH A . 
I 4 HOH 49  1049 1049 HOH HOH A . 
I 4 HOH 50  1050 1050 HOH HOH A . 
I 4 HOH 51  1051 1051 HOH HOH A . 
I 4 HOH 52  1052 1052 HOH HOH A . 
I 4 HOH 53  1053 1053 HOH HOH A . 
I 4 HOH 54  1054 1054 HOH HOH A . 
I 4 HOH 55  1055 1055 HOH HOH A . 
I 4 HOH 56  1056 1056 HOH HOH A . 
I 4 HOH 57  1057 1057 HOH HOH A . 
I 4 HOH 58  1058 1058 HOH HOH A . 
I 4 HOH 59  1059 1059 HOH HOH A . 
I 4 HOH 60  1060 1060 HOH HOH A . 
I 4 HOH 61  1061 1061 HOH HOH A . 
I 4 HOH 62  1062 1062 HOH HOH A . 
I 4 HOH 63  1063 1063 HOH HOH A . 
I 4 HOH 64  1064 1064 HOH HOH A . 
I 4 HOH 65  1065 1065 HOH HOH A . 
I 4 HOH 66  1066 1066 HOH HOH A . 
I 4 HOH 67  1067 1067 HOH HOH A . 
I 4 HOH 68  1068 1068 HOH HOH A . 
I 4 HOH 69  1069 1069 HOH HOH A . 
I 4 HOH 70  1070 1070 HOH HOH A . 
I 4 HOH 71  1071 1071 HOH HOH A . 
I 4 HOH 72  1072 1072 HOH HOH A . 
I 4 HOH 73  1073 1073 HOH HOH A . 
I 4 HOH 74  1074 1074 HOH HOH A . 
I 4 HOH 75  1075 1075 HOH HOH A . 
I 4 HOH 76  1076 1076 HOH HOH A . 
I 4 HOH 77  1077 1077 HOH HOH A . 
I 4 HOH 78  1078 1078 HOH HOH A . 
I 4 HOH 79  1079 1079 HOH HOH A . 
I 4 HOH 80  1080 1080 HOH HOH A . 
I 4 HOH 81  1081 1081 HOH HOH A . 
I 4 HOH 82  1082 1082 HOH HOH A . 
I 4 HOH 83  1083 1083 HOH HOH A . 
I 4 HOH 84  1084 1084 HOH HOH A . 
I 4 HOH 85  1085 1085 HOH HOH A . 
I 4 HOH 86  1086 1086 HOH HOH A . 
I 4 HOH 87  1087 1087 HOH HOH A . 
I 4 HOH 88  1088 1088 HOH HOH A . 
I 4 HOH 89  1089 1089 HOH HOH A . 
I 4 HOH 90  1090 1090 HOH HOH A . 
I 4 HOH 91  1091 1091 HOH HOH A . 
I 4 HOH 92  1092 1092 HOH HOH A . 
I 4 HOH 93  1093 1093 HOH HOH A . 
I 4 HOH 94  1094 1094 HOH HOH A . 
I 4 HOH 95  1095 1095 HOH HOH A . 
I 4 HOH 96  1096 1096 HOH HOH A . 
I 4 HOH 97  1097 1097 HOH HOH A . 
I 4 HOH 98  1098 1098 HOH HOH A . 
I 4 HOH 99  1099 1099 HOH HOH A . 
I 4 HOH 100 1100 1100 HOH HOH A . 
I 4 HOH 101 1101 1101 HOH HOH A . 
I 4 HOH 102 1102 1102 HOH HOH A . 
I 4 HOH 103 1103 1103 HOH HOH A . 
I 4 HOH 104 1104 1104 HOH HOH A . 
I 4 HOH 105 1105 1105 HOH HOH A . 
I 4 HOH 106 1106 1106 HOH HOH A . 
I 4 HOH 107 1107 1107 HOH HOH A . 
I 4 HOH 108 1108 1108 HOH HOH A . 
I 4 HOH 109 1109 1109 HOH HOH A . 
I 4 HOH 110 1110 1110 HOH HOH A . 
I 4 HOH 111 1111 1111 HOH HOH A . 
I 4 HOH 112 1112 1112 HOH HOH A . 
I 4 HOH 113 1113 1113 HOH HOH A . 
I 4 HOH 114 1114 1114 HOH HOH A . 
I 4 HOH 115 1115 1115 HOH HOH A . 
I 4 HOH 116 1116 1116 HOH HOH A . 
I 4 HOH 117 1117 1117 HOH HOH A . 
I 4 HOH 118 1118 1118 HOH HOH A . 
I 4 HOH 119 1119 1119 HOH HOH A . 
I 4 HOH 120 1120 1120 HOH HOH A . 
I 4 HOH 121 1121 1121 HOH HOH A . 
I 4 HOH 122 1122 1122 HOH HOH A . 
I 4 HOH 123 1123 1123 HOH HOH A . 
I 4 HOH 124 1124 1124 HOH HOH A . 
I 4 HOH 125 1125 1125 HOH HOH A . 
I 4 HOH 126 1126 1126 HOH HOH A . 
I 4 HOH 127 1127 1127 HOH HOH A . 
I 4 HOH 128 1128 1128 HOH HOH A . 
I 4 HOH 129 1129 1129 HOH HOH A . 
I 4 HOH 130 1130 1130 HOH HOH A . 
I 4 HOH 131 1131 1131 HOH HOH A . 
I 4 HOH 132 1132 1132 HOH HOH A . 
I 4 HOH 133 1133 1133 HOH HOH A . 
I 4 HOH 134 1134 1134 HOH HOH A . 
I 4 HOH 135 1135 1135 HOH HOH A . 
I 4 HOH 136 1136 1136 HOH HOH A . 
I 4 HOH 137 1137 1137 HOH HOH A . 
I 4 HOH 138 1138 1138 HOH HOH A . 
I 4 HOH 139 1139 1139 HOH HOH A . 
I 4 HOH 140 1140 1140 HOH HOH A . 
I 4 HOH 141 1141 1141 HOH HOH A . 
I 4 HOH 142 1142 1142 HOH HOH A . 
I 4 HOH 143 1143 1143 HOH HOH A . 
I 4 HOH 144 1144 1144 HOH HOH A . 
I 4 HOH 145 1145 1145 HOH HOH A . 
I 4 HOH 146 1146 1146 HOH HOH A . 
I 4 HOH 147 1147 1147 HOH HOH A . 
I 4 HOH 148 1148 1148 HOH HOH A . 
I 4 HOH 149 1149 1149 HOH HOH A . 
I 4 HOH 150 1150 1150 HOH HOH A . 
I 4 HOH 151 1151 1151 HOH HOH A . 
I 4 HOH 152 1152 1152 HOH HOH A . 
I 4 HOH 153 1153 1153 HOH HOH A . 
I 4 HOH 154 1154 1154 HOH HOH A . 
I 4 HOH 155 1155 1155 HOH HOH A . 
I 4 HOH 156 1156 1156 HOH HOH A . 
I 4 HOH 157 1157 1157 HOH HOH A . 
I 4 HOH 158 1158 1158 HOH HOH A . 
I 4 HOH 159 1159 1159 HOH HOH A . 
I 4 HOH 160 1160 1160 HOH HOH A . 
I 4 HOH 161 1161 1161 HOH HOH A . 
I 4 HOH 162 1162 1162 HOH HOH A . 
I 4 HOH 163 1163 1163 HOH HOH A . 
I 4 HOH 164 1164 1164 HOH HOH A . 
I 4 HOH 165 1165 1165 HOH HOH A . 
I 4 HOH 166 1166 1166 HOH HOH A . 
I 4 HOH 167 1167 1167 HOH HOH A . 
I 4 HOH 168 1168 1168 HOH HOH A . 
I 4 HOH 169 1169 1169 HOH HOH A . 
I 4 HOH 170 1170 1170 HOH HOH A . 
I 4 HOH 171 1171 1171 HOH HOH A . 
I 4 HOH 172 1172 1172 HOH HOH A . 
I 4 HOH 173 1173 1173 HOH HOH A . 
I 4 HOH 174 1174 1174 HOH HOH A . 
I 4 HOH 175 1175 1175 HOH HOH A . 
I 4 HOH 176 1176 1176 HOH HOH A . 
I 4 HOH 177 1177 1177 HOH HOH A . 
I 4 HOH 178 1178 1178 HOH HOH A . 
I 4 HOH 179 1179 1179 HOH HOH A . 
I 4 HOH 180 1180 1180 HOH HOH A . 
I 4 HOH 181 1181 1181 HOH HOH A . 
I 4 HOH 182 1182 1182 HOH HOH A . 
I 4 HOH 183 1183 1183 HOH HOH A . 
I 4 HOH 184 1184 1184 HOH HOH A . 
I 4 HOH 185 1185 1185 HOH HOH A . 
I 4 HOH 186 1186 1186 HOH HOH A . 
I 4 HOH 187 1187 1187 HOH HOH A . 
I 4 HOH 188 1188 1188 HOH HOH A . 
I 4 HOH 189 1189 1189 HOH HOH A . 
I 4 HOH 190 1190 1190 HOH HOH A . 
I 4 HOH 191 1191 1191 HOH HOH A . 
I 4 HOH 192 1192 1192 HOH HOH A . 
I 4 HOH 193 1193 1193 HOH HOH A . 
I 4 HOH 194 1194 1194 HOH HOH A . 
I 4 HOH 195 1195 1195 HOH HOH A . 
I 4 HOH 196 1196 1196 HOH HOH A . 
I 4 HOH 197 1197 1197 HOH HOH A . 
I 4 HOH 198 1198 1198 HOH HOH A . 
I 4 HOH 199 1199 1199 HOH HOH A . 
I 4 HOH 200 1200 1200 HOH HOH A . 
I 4 HOH 201 1203 1203 HOH HOH A . 
I 4 HOH 202 1204 1204 HOH HOH A . 
I 4 HOH 203 1206 1206 HOH HOH A . 
I 4 HOH 204 1207 1207 HOH HOH A . 
I 4 HOH 205 1208 1208 HOH HOH A . 
I 4 HOH 206 1210 1210 HOH HOH A . 
I 4 HOH 207 1211 1211 HOH HOH A . 
I 4 HOH 208 1212 1212 HOH HOH A . 
I 4 HOH 209 1214 1214 HOH HOH A . 
I 4 HOH 210 1215 1215 HOH HOH A . 
I 4 HOH 211 1216 1216 HOH HOH A . 
I 4 HOH 212 1217 1217 HOH HOH A . 
I 4 HOH 213 1218 1218 HOH HOH A . 
I 4 HOH 214 1220 1220 HOH HOH A . 
I 4 HOH 215 1221 1221 HOH HOH A . 
I 4 HOH 216 1222 1222 HOH HOH A . 
I 4 HOH 217 1223 1223 HOH HOH A . 
I 4 HOH 218 1224 1224 HOH HOH A . 
I 4 HOH 219 1227 1227 HOH HOH A . 
I 4 HOH 220 1228 1228 HOH HOH A . 
I 4 HOH 221 1229 1229 HOH HOH A . 
I 4 HOH 222 1230 1230 HOH HOH A . 
I 4 HOH 223 1231 1231 HOH HOH A . 
I 4 HOH 224 1232 1232 HOH HOH A . 
I 4 HOH 225 1233 1233 HOH HOH A . 
I 4 HOH 226 1234 1234 HOH HOH A . 
I 4 HOH 227 1235 1235 HOH HOH A . 
I 4 HOH 228 1236 1236 HOH HOH A . 
I 4 HOH 229 1237 1237 HOH HOH A . 
I 4 HOH 230 1238 1238 HOH HOH A . 
I 4 HOH 231 1241 1241 HOH HOH A . 
I 4 HOH 232 1242 1242 HOH HOH A . 
I 4 HOH 233 1243 1243 HOH HOH A . 
I 4 HOH 234 1244 1244 HOH HOH A . 
I 4 HOH 235 1245 1245 HOH HOH A . 
I 4 HOH 236 1246 1246 HOH HOH A . 
I 4 HOH 237 1247 1247 HOH HOH A . 
I 4 HOH 238 1248 1248 HOH HOH A . 
I 4 HOH 239 1249 1249 HOH HOH A . 
I 4 HOH 240 1251 1251 HOH HOH A . 
I 4 HOH 241 1252 1252 HOH HOH A . 
I 4 HOH 242 1254 1254 HOH HOH A . 
I 4 HOH 243 1255 1255 HOH HOH A . 
I 4 HOH 244 1256 1256 HOH HOH A . 
I 4 HOH 245 1257 1257 HOH HOH A . 
I 4 HOH 246 1258 1258 HOH HOH A . 
I 4 HOH 247 1259 1259 HOH HOH A . 
I 4 HOH 248 1260 1260 HOH HOH A . 
I 4 HOH 249 1261 1261 HOH HOH A . 
I 4 HOH 250 1262 1262 HOH HOH A . 
I 4 HOH 251 1263 1263 HOH HOH A . 
I 4 HOH 252 1264 1264 HOH HOH A . 
I 4 HOH 253 1265 1265 HOH HOH A . 
I 4 HOH 254 1267 1267 HOH HOH A . 
I 4 HOH 255 1268 1268 HOH HOH A . 
I 4 HOH 256 1269 1269 HOH HOH A . 
I 4 HOH 257 1273 1273 HOH HOH A . 
I 4 HOH 258 1274 1274 HOH HOH A . 
I 4 HOH 259 1275 1275 HOH HOH A . 
I 4 HOH 260 1276 1276 HOH HOH A . 
I 4 HOH 261 1277 1277 HOH HOH A . 
I 4 HOH 262 1278 1278 HOH HOH A . 
I 4 HOH 263 1279 1279 HOH HOH A . 
I 4 HOH 264 1280 1280 HOH HOH A . 
I 4 HOH 265 1284 1284 HOH HOH A . 
I 4 HOH 266 1285 1285 HOH HOH A . 
I 4 HOH 267 1286 1286 HOH HOH A . 
I 4 HOH 268 1287 1287 HOH HOH A . 
I 4 HOH 269 1288 1288 HOH HOH A . 
I 4 HOH 270 1289 1289 HOH HOH A . 
I 4 HOH 271 1290 1290 HOH HOH A . 
I 4 HOH 272 1293 1293 HOH HOH A . 
I 4 HOH 273 1294 1294 HOH HOH A . 
I 4 HOH 274 1296 1296 HOH HOH A . 
I 4 HOH 275 1297 1297 HOH HOH A . 
I 4 HOH 276 1298 1298 HOH HOH A . 
I 4 HOH 277 1300 1300 HOH HOH A . 
I 4 HOH 278 1301 1301 HOH HOH A . 
I 4 HOH 279 1302 1302 HOH HOH A . 
I 4 HOH 280 1303 1303 HOH HOH A . 
I 4 HOH 281 1305 1305 HOH HOH A . 
I 4 HOH 282 1307 1307 HOH HOH A . 
I 4 HOH 283 1308 1308 HOH HOH A . 
I 4 HOH 284 1309 1309 HOH HOH A . 
I 4 HOH 285 1314 1314 HOH HOH A . 
I 4 HOH 286 1315 1315 HOH HOH A . 
I 4 HOH 287 1317 1317 HOH HOH A . 
I 4 HOH 288 1319 1319 HOH HOH A . 
I 4 HOH 289 1320 1320 HOH HOH A . 
# 
loop_
_software.name 
_software.classification 
_software.version 
_software.citation_id 
_software.pdbx_ordinal 
SHELXL-97 refinement       . ? 1 
XTALVIEW  refinement       . ? 2 
SHELX     'model building' . ? 3 
X-GEN     'data reduction' . ? 4 
X-GEN     'data scaling'   . ? 5 
SHELX     phasing          . ? 6 
# 
_cell.entry_id           1SK2 
_cell.length_a           86.440 
_cell.length_b           86.440 
_cell.length_c           116.450 
_cell.angle_alpha        90.00 
_cell.angle_beta         90.00 
_cell.angle_gamma        120.00 
_cell.Z_PDB              12 
_cell.pdbx_unique_axis   ? 
_cell.length_a_esd       ? 
_cell.length_b_esd       ? 
_cell.length_c_esd       ? 
_cell.angle_alpha_esd    ? 
_cell.angle_beta_esd     ? 
_cell.angle_gamma_esd    ? 
# 
_symmetry.entry_id                         1SK2 
_symmetry.space_group_name_H-M             'P 61 2 2' 
_symmetry.pdbx_full_space_group_name_H-M   ? 
_symmetry.cell_setting                     ? 
_symmetry.Int_Tables_number                178 
_symmetry.space_group_name_Hall            ? 
# 
_exptl.entry_id          1SK2 
_exptl.method            'X-RAY DIFFRACTION' 
_exptl.crystals_number   1 
# 
_exptl_crystal.id                    1 
_exptl_crystal.density_meas          ? 
_exptl_crystal.density_percent_sol   57.7 
_exptl_crystal.description           ? 
_exptl_crystal.density_Matthews      2.91 
_exptl_crystal.F_000                 ? 
_exptl_crystal.preparation           ? 
# 
_exptl_crystal_grow.crystal_id      1 
_exptl_crystal_grow.method          'VAPOR DIFFUSION, HANGING DROP' 
_exptl_crystal_grow.temp            278 
_exptl_crystal_grow.temp_details    ? 
_exptl_crystal_grow.pH              4.80 
_exptl_crystal_grow.pdbx_details    
'50% saturated Cesium Sulfate, 100mM sodium acetate,5mM DTT, pH 4.80, VAPOR DIFFUSION, HANGING DROP, temperature 278K' 
_exptl_crystal_grow.pdbx_pH_range   . 
# 
_diffrn.id                     1 
_diffrn.ambient_temp           93.0 
_diffrn.ambient_temp_details   ? 
_diffrn.crystal_id             1 
# 
_diffrn_detector.diffrn_id              1 
_diffrn_detector.detector               'IMAGE PLATE' 
_diffrn_detector.type                   'RIGAKU RAXIS IV' 
_diffrn_detector.pdbx_collection_date   2001-10-12 
_diffrn_detector.details                'OSMIC MIRRORS' 
# 
_diffrn_radiation.diffrn_id                        1 
_diffrn_radiation.wavelength_id                    1 
_diffrn_radiation.pdbx_monochromatic_or_laue_m_l   M 
_diffrn_radiation.monochromator                    'OSMIC MIRRORS' 
_diffrn_radiation.pdbx_diffrn_protocol             'SINGLE WAVELENGTH' 
_diffrn_radiation.pdbx_scattering_type             x-ray 
# 
_diffrn_radiation_wavelength.id           1 
_diffrn_radiation_wavelength.wavelength   1.5418 
_diffrn_radiation_wavelength.wt           1.0 
# 
_diffrn_source.diffrn_id                   1 
_diffrn_source.source                      'ROTATING ANODE' 
_diffrn_source.type                        'RIGAKU RU200' 
_diffrn_source.pdbx_synchrotron_site       ? 
_diffrn_source.pdbx_synchrotron_beamline   ? 
_diffrn_source.pdbx_wavelength             1.5418 
_diffrn_source.pdbx_wavelength_list        ? 
# 
_reflns.entry_id                     1SK2 
_reflns.observed_criterion_sigma_I   -3.0 
_reflns.observed_criterion_sigma_F   ? 
_reflns.d_resolution_low             20.00 
_reflns.d_resolution_high            1.53 
_reflns.number_obs                   34198 
_reflns.number_all                   ? 
_reflns.percent_possible_obs         86.7 
_reflns.pdbx_Rmerge_I_obs            0.114 
_reflns.pdbx_Rsym_value              0.114 
_reflns.pdbx_netI_over_sigmaI        16.20 
_reflns.B_iso_Wilson_estimate        ? 
_reflns.pdbx_redundancy              20.2 
_reflns.R_free_details               ? 
_reflns.limit_h_max                  ? 
_reflns.limit_h_min                  ? 
_reflns.limit_k_max                  ? 
_reflns.limit_k_min                  ? 
_reflns.limit_l_max                  ? 
_reflns.limit_l_min                  ? 
_reflns.observed_criterion_F_max     ? 
_reflns.observed_criterion_F_min     ? 
_reflns.pdbx_chi_squared             ? 
_reflns.pdbx_scaling_rejects         ? 
_reflns.pdbx_ordinal                 1 
_reflns.pdbx_diffrn_id               1 
# 
_reflns_shell.d_res_high             1.53 
_reflns_shell.d_res_low              1.586 
_reflns_shell.percent_possible_all   42.3 
_reflns_shell.Rmerge_I_obs           0.5964 
_reflns_shell.pdbx_Rsym_value        0.5964 
_reflns_shell.meanI_over_sigI_obs    1.5290 
_reflns_shell.pdbx_redundancy        5.250 
_reflns_shell.percent_possible_obs   ? 
_reflns_shell.number_unique_all      ? 
_reflns_shell.number_measured_all    ? 
_reflns_shell.number_measured_obs    ? 
_reflns_shell.number_unique_obs      ? 
_reflns_shell.pdbx_chi_squared       ? 
_reflns_shell.pdbx_ordinal           1 
_reflns_shell.pdbx_diffrn_id         1 
# 
_refine.entry_id                                 1SK2 
_refine.ls_number_reflns_obs                     32561 
_refine.ls_number_reflns_all                     32561 
_refine.pdbx_ls_sigma_I                          ? 
_refine.pdbx_ls_sigma_F                          0.0 
_refine.pdbx_data_cutoff_high_absF               ? 
_refine.pdbx_data_cutoff_low_absF                ? 
_refine.pdbx_data_cutoff_high_rms_absF           ? 
_refine.ls_d_res_low                             20.00 
_refine.ls_d_res_high                            1.54 
_refine.ls_percent_reflns_obs                    83.8 
_refine.ls_R_factor_obs                          0.1857 
_refine.ls_R_factor_all                          0.1859 
_refine.ls_R_factor_R_work                       0.1857 
_refine.ls_R_factor_R_free                       0.2297 
_refine.ls_R_factor_R_free_error                 ? 
_refine.ls_R_factor_R_free_error_details         ? 
_refine.ls_percent_reflns_R_free                 ? 
_refine.ls_number_reflns_R_free                  1609 
_refine.ls_number_parameters                     5812 
_refine.ls_number_restraints                     4598 
_refine.occupancy_min                            ? 
_refine.occupancy_max                            ? 
_refine.correlation_coeff_Fo_to_Fc               ? 
_refine.correlation_coeff_Fo_to_Fc_free          ? 
_refine.B_iso_mean                               ? 
_refine.aniso_B[1][1]                            ? 
_refine.aniso_B[2][2]                            ? 
_refine.aniso_B[3][3]                            ? 
_refine.aniso_B[1][2]                            ? 
_refine.aniso_B[1][3]                            ? 
_refine.aniso_B[2][3]                            ? 
_refine.solvent_model_details                    'MOEWS & KRETSINGER, J.MOL.BIOL.91(1973)201-228' 
_refine.solvent_model_param_ksol                 ? 
_refine.solvent_model_param_bsol                 ? 
_refine.pdbx_solvent_vdw_probe_radii             ? 
_refine.pdbx_solvent_ion_probe_radii             ? 
_refine.pdbx_solvent_shrinkage_radii             ? 
_refine.pdbx_ls_cross_valid_method               'FREE R' 
_refine.details                                  ? 
_refine.pdbx_starting_model                      'NATIVE STRUCTURE' 
_refine.pdbx_method_to_determine_struct          'SINGLE WAVELENGTH METHOD USED TO DETERMINE THE STRUCTURE: FOURIER SYNTHESIS' 
_refine.pdbx_isotropic_thermal_model             ? 
_refine.pdbx_stereochemistry_target_values       'ENGH & HUBER' 
_refine.pdbx_stereochem_target_val_spec_case     ? 
_refine.pdbx_R_Free_selection_details            RANDOM 
_refine.pdbx_overall_ESU_R                       ? 
_refine.pdbx_overall_ESU_R_Free                  ? 
_refine.overall_SU_ML                            ? 
_refine.overall_SU_B                             ? 
_refine.ls_redundancy_reflns_obs                 ? 
_refine.B_iso_min                                ? 
_refine.B_iso_max                                ? 
_refine.overall_SU_R_Cruickshank_DPI             ? 
_refine.overall_SU_R_free                        ? 
_refine.ls_wR_factor_R_free                      ? 
_refine.ls_wR_factor_R_work                      ? 
_refine.overall_FOM_free_R_set                   ? 
_refine.overall_FOM_work_R_set                   ? 
_refine.pdbx_refine_id                           'X-RAY DIFFRACTION' 
_refine.pdbx_overall_phase_error                 ? 
_refine.pdbx_diffrn_id                           1 
_refine.pdbx_TLS_residual_ADP_flag               ? 
_refine.pdbx_overall_SU_R_free_Cruickshank_DPI   ? 
_refine.pdbx_overall_SU_R_Blow_DPI               ? 
_refine.pdbx_overall_SU_R_free_Blow_DPI          ? 
# 
_refine_analyze.entry_id                        1SK2 
_refine_analyze.Luzzati_coordinate_error_obs    ? 
_refine_analyze.Luzzati_sigma_a_obs             ? 
_refine_analyze.Luzzati_d_res_low_obs           ? 
_refine_analyze.Luzzati_coordinate_error_free   ? 
_refine_analyze.Luzzati_sigma_a_free            ? 
_refine_analyze.Luzzati_d_res_low_free          ? 
_refine_analyze.number_disordered_residues      4 
_refine_analyze.occupancy_sum_hydrogen          0.00 
_refine_analyze.occupancy_sum_non_hydrogen      1409.62 
_refine_analyze.pdbx_Luzzati_d_res_high_obs     ? 
_refine_analyze.pdbx_refine_id                  'X-RAY DIFFRACTION' 
# 
_refine_hist.pdbx_refine_id                   'X-RAY DIFFRACTION' 
_refine_hist.cycle_id                         LAST 
_refine_hist.pdbx_number_atoms_protein        1080 
_refine_hist.pdbx_number_atoms_nucleic_acid   0 
_refine_hist.pdbx_number_atoms_ligand         19 
_refine_hist.number_atoms_solvent             289 
_refine_hist.number_atoms_total               1388 
_refine_hist.d_res_high                       1.54 
_refine_hist.d_res_low                        20.00 
# 
loop_
_refine_ls_restr.type 
_refine_ls_restr.dev_ideal 
_refine_ls_restr.dev_ideal_target 
_refine_ls_restr.weight 
_refine_ls_restr.number 
_refine_ls_restr.pdbx_refine_id 
_refine_ls_restr.pdbx_restraint_function 
s_bond_d               0.009  ? ? ? 'X-RAY DIFFRACTION' ? 
s_angle_d              0.026  ? ? ? 'X-RAY DIFFRACTION' ? 
s_similar_dist         0.000  ? ? ? 'X-RAY DIFFRACTION' ? 
s_from_restr_planes    0.0294 ? ? ? 'X-RAY DIFFRACTION' ? 
s_zero_chiral_vol      0.048  ? ? ? 'X-RAY DIFFRACTION' ? 
s_non_zero_chiral_vol  0.065  ? ? ? 'X-RAY DIFFRACTION' ? 
s_anti_bump_dis_restr  0.015  ? ? ? 'X-RAY DIFFRACTION' ? 
s_rigid_bond_adp_cmpnt 0.000  ? ? ? 'X-RAY DIFFRACTION' ? 
s_similar_adp_cmpnt    0.067  ? ? ? 'X-RAY DIFFRACTION' ? 
s_approx_iso_adps      0.000  ? ? ? 'X-RAY DIFFRACTION' ? 
# 
_pdbx_refine.entry_id                                    1SK2 
_pdbx_refine.R_factor_all_no_cutoff                      0.1859 
_pdbx_refine.R_factor_obs_no_cutoff                      ? 
_pdbx_refine.free_R_factor_no_cutoff                     ? 
_pdbx_refine.free_R_val_test_set_size_perc_no_cutoff     ? 
_pdbx_refine.free_R_val_test_set_ct_no_cutoff            ? 
_pdbx_refine.R_factor_all_4sig_cutoff                    0.1816 
_pdbx_refine.R_factor_obs_4sig_cutoff                    ? 
_pdbx_refine.free_R_factor_4sig_cutoff                   ? 
_pdbx_refine.free_R_val_test_set_size_perc_4sig_cutoff   ? 
_pdbx_refine.free_R_val_test_set_ct_4sig_cutoff          ? 
_pdbx_refine.number_reflns_obs_4sig_cutoff               31086 
_pdbx_refine.number_reflns_obs_no_cutoff                 ? 
_pdbx_refine.pdbx_refine_id                              'X-RAY DIFFRACTION' 
_pdbx_refine.free_R_error_no_cutoff                      ? 
# 
_struct.entry_id                  1SK2 
_struct.title                     'ARSENATE REDUCTASE R60A MUTANT +0.4M ARSENATE FROM E. COLI' 
_struct.pdbx_model_details        ? 
_struct.pdbx_CASP_flag            ? 
_struct.pdbx_model_type_details   ? 
# 
_struct_keywords.entry_id        1SK2 
_struct_keywords.pdbx_keywords   OXIDOREDUCTASE 
_struct_keywords.text            'ARSC, REDUCTASE, ARSENITE, ARSENATE, OXIDOREDUCTASE' 
# 
loop_
_struct_asym.id 
_struct_asym.pdbx_blank_PDB_chainid_flag 
_struct_asym.pdbx_modified 
_struct_asym.entity_id 
_struct_asym.details 
A N N 1 ? 
B N N 2 ? 
C N N 2 ? 
D N N 2 ? 
E N N 3 ? 
F N N 3 ? 
G N N 3 ? 
H N N 3 ? 
I N N 4 ? 
# 
_struct_ref.id                         1 
_struct_ref.db_name                    UNP 
_struct_ref.db_code                    ARSC1_ECOLI 
_struct_ref.pdbx_db_accession          P08692 
_struct_ref.entity_id                  1 
_struct_ref.pdbx_seq_one_letter_code   
;MSNITIYHNPACGTSRNTLEMIRNSGTEPTIILYLENPPSRDELVKLIADMGISVRALLRKNVEPYEQLGLAEDKFTDDQ
LIDFMLQHPILINRPIVVTPLGTRLCRPSEVVLDILQDAQKGAFTKEDGEKVVDEAGKRL
;
_struct_ref.pdbx_align_begin           1 
_struct_ref.pdbx_db_isoform            ? 
# 
_struct_ref_seq.align_id                      1 
_struct_ref_seq.ref_id                        1 
_struct_ref_seq.pdbx_PDB_id_code              1SK2 
_struct_ref_seq.pdbx_strand_id                A 
_struct_ref_seq.seq_align_beg                 1 
_struct_ref_seq.pdbx_seq_align_beg_ins_code   ? 
_struct_ref_seq.seq_align_end                 140 
_struct_ref_seq.pdbx_seq_align_end_ins_code   ? 
_struct_ref_seq.pdbx_db_accession             P08692 
_struct_ref_seq.db_align_beg                  1 
_struct_ref_seq.pdbx_db_align_beg_ins_code    ? 
_struct_ref_seq.db_align_end                  140 
_struct_ref_seq.pdbx_db_align_end_ins_code    ? 
_struct_ref_seq.pdbx_auth_seq_align_beg       1 
_struct_ref_seq.pdbx_auth_seq_align_end       140 
# 
_struct_ref_seq_dif.align_id                     1 
_struct_ref_seq_dif.pdbx_pdb_id_code             1SK2 
_struct_ref_seq_dif.mon_id                       ALA 
_struct_ref_seq_dif.pdbx_pdb_strand_id           A 
_struct_ref_seq_dif.seq_num                      60 
_struct_ref_seq_dif.pdbx_pdb_ins_code            ? 
_struct_ref_seq_dif.pdbx_seq_db_name             UNP 
_struct_ref_seq_dif.pdbx_seq_db_accession_code   P08692 
_struct_ref_seq_dif.db_mon_id                    ARG 
_struct_ref_seq_dif.pdbx_seq_db_seq_num          60 
_struct_ref_seq_dif.details                      'engineered mutation' 
_struct_ref_seq_dif.pdbx_auth_seq_num            60 
_struct_ref_seq_dif.pdbx_ordinal                 1 
# 
_pdbx_struct_assembly.id                   1 
_pdbx_struct_assembly.details              author_and_software_defined_assembly 
_pdbx_struct_assembly.method_details       PQS 
_pdbx_struct_assembly.oligomeric_details   monomeric 
_pdbx_struct_assembly.oligomeric_count     1 
# 
_pdbx_struct_assembly_gen.assembly_id       1 
_pdbx_struct_assembly_gen.oper_expression   1 
_pdbx_struct_assembly_gen.asym_id_list      A,B,C,D,E,F,G,H,I 
# 
_pdbx_struct_oper_list.id                   1 
_pdbx_struct_oper_list.type                 'identity operation' 
_pdbx_struct_oper_list.name                 1_555 
_pdbx_struct_oper_list.symmetry_operation   x,y,z 
_pdbx_struct_oper_list.matrix[1][1]         1.0000000000 
_pdbx_struct_oper_list.matrix[1][2]         0.0000000000 
_pdbx_struct_oper_list.matrix[1][3]         0.0000000000 
_pdbx_struct_oper_list.vector[1]            0.0000000000 
_pdbx_struct_oper_list.matrix[2][1]         0.0000000000 
_pdbx_struct_oper_list.matrix[2][2]         1.0000000000 
_pdbx_struct_oper_list.matrix[2][3]         0.0000000000 
_pdbx_struct_oper_list.vector[2]            0.0000000000 
_pdbx_struct_oper_list.matrix[3][1]         0.0000000000 
_pdbx_struct_oper_list.matrix[3][2]         0.0000000000 
_pdbx_struct_oper_list.matrix[3][3]         1.0000000000 
_pdbx_struct_oper_list.vector[3]            0.0000000000 
# 
loop_
_struct_conf.conf_type_id 
_struct_conf.id 
_struct_conf.pdbx_PDB_helix_id 
_struct_conf.beg_label_comp_id 
_struct_conf.beg_label_asym_id 
_struct_conf.beg_label_seq_id 
_struct_conf.pdbx_beg_PDB_ins_code 
_struct_conf.end_label_comp_id 
_struct_conf.end_label_asym_id 
_struct_conf.end_label_seq_id 
_struct_conf.pdbx_end_PDB_ins_code 
_struct_conf.beg_auth_comp_id 
_struct_conf.beg_auth_asym_id 
_struct_conf.beg_auth_seq_id 
_struct_conf.end_auth_comp_id 
_struct_conf.end_auth_asym_id 
_struct_conf.end_auth_seq_id 
_struct_conf.pdbx_PDB_helix_class 
_struct_conf.details 
_struct_conf.pdbx_PDB_helix_length 
HELX_P HELX_P1 1 CYS A 12  ? SER A 25  ? CYS A 12  SER A 25  1 ? 14 
HELX_P HELX_P2 2 SER A 40  ? GLY A 52  ? SER A 40  GLY A 52  1 ? 13 
HELX_P HELX_P3 3 VAL A 55  ? LEU A 59  ? VAL A 55  LEU A 59  5 ? 5  
HELX_P HELX_P4 4 VAL A 63  ? LEU A 69  ? VAL A 63  LEU A 69  1 ? 7  
HELX_P HELX_P5 5 THR A 77  ? HIS A 88  ? THR A 77  HIS A 88  1 ? 12 
HELX_P HELX_P6 6 PRO A 89  ? ILE A 92  ? PRO A 89  ILE A 92  5 ? 4  
HELX_P HELX_P7 7 PRO A 108 ? ILE A 115 ? PRO A 108 ILE A 115 5 ? 8  
# 
_struct_conf_type.id          HELX_P 
_struct_conf_type.criteria    ? 
_struct_conf_type.reference   ? 
# 
loop_
_struct_conn.id 
_struct_conn.conn_type_id 
_struct_conn.pdbx_leaving_atom_flag 
_struct_conn.pdbx_PDB_id 
_struct_conn.ptnr1_label_asym_id 
_struct_conn.ptnr1_label_comp_id 
_struct_conn.ptnr1_label_seq_id 
_struct_conn.ptnr1_label_atom_id 
_struct_conn.pdbx_ptnr1_label_alt_id 
_struct_conn.pdbx_ptnr1_PDB_ins_code 
_struct_conn.pdbx_ptnr1_standard_comp_id 
_struct_conn.ptnr1_symmetry 
_struct_conn.ptnr2_label_asym_id 
_struct_conn.ptnr2_label_comp_id 
_struct_conn.ptnr2_label_seq_id 
_struct_conn.ptnr2_label_atom_id 
_struct_conn.pdbx_ptnr2_label_alt_id 
_struct_conn.pdbx_ptnr2_PDB_ins_code 
_struct_conn.ptnr1_auth_asym_id 
_struct_conn.ptnr1_auth_comp_id 
_struct_conn.ptnr1_auth_seq_id 
_struct_conn.ptnr2_auth_asym_id 
_struct_conn.ptnr2_auth_comp_id 
_struct_conn.ptnr2_auth_seq_id 
_struct_conn.ptnr2_symmetry 
_struct_conn.pdbx_ptnr3_label_atom_id 
_struct_conn.pdbx_ptnr3_label_seq_id 
_struct_conn.pdbx_ptnr3_label_comp_id 
_struct_conn.pdbx_ptnr3_label_asym_id 
_struct_conn.pdbx_ptnr3_label_alt_id 
_struct_conn.pdbx_ptnr3_PDB_ins_code 
_struct_conn.details 
_struct_conn.pdbx_dist_value 
_struct_conn.pdbx_value_order 
_struct_conn.pdbx_role 
metalc1  metalc ? ? A PRO 38  O   ? ? ? 1_555  F CS  . CS ? ? A PRO 38  A CS  402  1_555  ? ? ? ? ? ? ? 3.024 ? ? 
metalc2  metalc ? ? A SER 40  N   ? ? ? 1_555  F CS  . CS ? ? A SER 40  A CS  402  1_555  ? ? ? ? ? ? ? 3.637 ? ? 
metalc3  metalc ? ? A GLU 67  OE1 ? ? ? 12_566 H CS  . CS ? ? A GLU 67  A CS  405  1_555  ? ? ? ? ? ? ? 3.585 ? ? 
metalc4  metalc ? ? A LEU 113 O   ? ? ? 1_555  E CS  . CS ? ? A LEU 113 A CS  401  1_555  ? ? ? ? ? ? ? 3.146 ? ? 
metalc5  metalc ? ? A LEU 113 O   ? ? ? 10_665 E CS  . CS ? ? A LEU 113 A CS  401  1_555  ? ? ? ? ? ? ? 3.146 ? ? 
metalc6  metalc ? ? A ASP 114 O   ? ? ? 1_555  E CS  . CS ? ? A ASP 114 A CS  401  1_555  ? ? ? ? ? ? ? 3.244 ? ? 
metalc7  metalc ? ? A ASP 114 O   ? ? ? 10_665 E CS  . CS ? ? A ASP 114 A CS  401  1_555  ? ? ? ? ? ? ? 3.244 ? ? 
metalc8  metalc ? ? A LEU 116 O   ? ? ? 1_555  E CS  . CS ? ? A LEU 116 A CS  401  1_555  ? ? ? ? ? ? ? 3.163 ? ? 
metalc9  metalc ? ? A LEU 116 O   ? ? ? 10_665 E CS  . CS ? ? A LEU 116 A CS  401  1_555  ? ? ? ? ? ? ? 3.163 ? ? 
metalc10 metalc ? ? A GLN 120 O   ? ? ? 1_555  G CS  . CS ? ? A GLN 120 A CS  404  1_555  ? ? ? ? ? ? ? 3.914 ? ? 
metalc11 metalc ? ? A LYS 121 O   ? ? ? 1_555  G CS  . CS ? ? A LYS 121 A CS  404  1_555  ? ? ? ? ? ? ? 3.921 ? ? 
metalc12 metalc ? ? A ASP 128 OD2 ? ? ? 1_555  H CS  . CS ? ? A ASP 128 A CS  405  1_555  ? ? ? ? ? ? ? 3.486 ? ? 
metalc13 metalc ? ? A GLU 135 O   ? ? ? 1_555  G CS  . CS ? ? A GLU 135 A CS  404  1_555  ? ? ? ? ? ? ? 2.853 ? ? 
metalc14 metalc ? ? E CS  .   CS  ? ? ? 1_555  I HOH . O  ? ? A CS  401 A HOH 1026 1_555  ? ? ? ? ? ? ? 3.220 ? ? 
metalc15 metalc ? ? E CS  .   CS  ? ? ? 1_555  I HOH . O  ? ? A CS  401 A HOH 1026 10_665 ? ? ? ? ? ? ? 3.220 ? ? 
metalc16 metalc ? ? F CS  .   CS  ? ? ? 1_555  I HOH . O  ? ? A CS  402 A HOH 1089 1_555  ? ? ? ? ? ? ? 3.190 ? ? 
metalc17 metalc ? ? F CS  .   CS  ? ? ? 1_555  I HOH . O  ? ? A CS  402 A HOH 1110 1_555  ? ? ? ? ? ? ? 3.388 ? ? 
metalc18 metalc ? ? G CS  .   CS  ? ? ? 1_555  I HOH . O  ? ? A CS  404 A HOH 1033 1_555  ? ? ? ? ? ? ? 3.686 ? ? 
metalc19 metalc ? ? G CS  .   CS  ? ? ? 1_555  I HOH . O  ? ? A CS  404 A HOH 1078 1_555  ? ? ? ? ? ? ? 2.504 ? ? 
metalc20 metalc ? ? G CS  .   CS  ? ? ? 1_555  I HOH . O  ? ? A CS  404 A HOH 1173 1_555  ? ? ? ? ? ? ? 3.700 ? ? 
metalc21 metalc ? ? H CS  .   CS  ? ? ? 1_555  I HOH . O  ? ? A CS  405 A HOH 1024 1_555  ? ? ? ? ? ? ? 3.643 ? ? 
metalc22 metalc ? ? H CS  .   CS  ? ? ? 1_555  I HOH . O  ? ? A CS  405 A HOH 1040 1_555  ? ? ? ? ? ? ? 3.300 ? ? 
metalc23 metalc ? ? H CS  .   CS  ? ? ? 1_555  I HOH . O  ? ? A CS  405 A HOH 1041 1_555  ? ? ? ? ? ? ? 3.242 ? ? 
metalc24 metalc ? ? H CS  .   CS  ? ? ? 1_555  I HOH . O  ? ? A CS  405 A HOH 1061 12_566 ? ? ? ? ? ? ? 3.767 ? ? 
metalc25 metalc ? ? H CS  .   CS  ? ? ? 1_555  I HOH . O  ? ? A CS  405 A HOH 1095 1_555  ? ? ? ? ? ? ? 3.559 ? ? 
metalc26 metalc ? ? H CS  .   CS  ? ? ? 1_555  I HOH . O  ? ? A CS  405 A HOH 1189 1_555  ? ? ? ? ? ? ? 2.350 ? ? 
metalc27 metalc ? ? H CS  .   CS  ? ? ? 1_555  I HOH . O  ? ? A CS  405 A HOH 1276 12_566 ? ? ? ? ? ? ? 2.460 ? ? 
# 
_struct_conn_type.id          metalc 
_struct_conn_type.criteria    ? 
_struct_conn_type.reference   ? 
# 
loop_
_pdbx_struct_conn_angle.id 
_pdbx_struct_conn_angle.ptnr1_label_atom_id 
_pdbx_struct_conn_angle.ptnr1_label_alt_id 
_pdbx_struct_conn_angle.ptnr1_label_asym_id 
_pdbx_struct_conn_angle.ptnr1_label_comp_id 
_pdbx_struct_conn_angle.ptnr1_label_seq_id 
_pdbx_struct_conn_angle.ptnr1_auth_atom_id 
_pdbx_struct_conn_angle.ptnr1_auth_asym_id 
_pdbx_struct_conn_angle.ptnr1_auth_comp_id 
_pdbx_struct_conn_angle.ptnr1_auth_seq_id 
_pdbx_struct_conn_angle.ptnr1_PDB_ins_code 
_pdbx_struct_conn_angle.ptnr1_symmetry 
_pdbx_struct_conn_angle.ptnr2_label_atom_id 
_pdbx_struct_conn_angle.ptnr2_label_alt_id 
_pdbx_struct_conn_angle.ptnr2_label_asym_id 
_pdbx_struct_conn_angle.ptnr2_label_comp_id 
_pdbx_struct_conn_angle.ptnr2_label_seq_id 
_pdbx_struct_conn_angle.ptnr2_auth_atom_id 
_pdbx_struct_conn_angle.ptnr2_auth_asym_id 
_pdbx_struct_conn_angle.ptnr2_auth_comp_id 
_pdbx_struct_conn_angle.ptnr2_auth_seq_id 
_pdbx_struct_conn_angle.ptnr2_PDB_ins_code 
_pdbx_struct_conn_angle.ptnr2_symmetry 
_pdbx_struct_conn_angle.ptnr3_label_atom_id 
_pdbx_struct_conn_angle.ptnr3_label_alt_id 
_pdbx_struct_conn_angle.ptnr3_label_asym_id 
_pdbx_struct_conn_angle.ptnr3_label_comp_id 
_pdbx_struct_conn_angle.ptnr3_label_seq_id 
_pdbx_struct_conn_angle.ptnr3_auth_atom_id 
_pdbx_struct_conn_angle.ptnr3_auth_asym_id 
_pdbx_struct_conn_angle.ptnr3_auth_comp_id 
_pdbx_struct_conn_angle.ptnr3_auth_seq_id 
_pdbx_struct_conn_angle.ptnr3_PDB_ins_code 
_pdbx_struct_conn_angle.ptnr3_symmetry 
_pdbx_struct_conn_angle.value 
_pdbx_struct_conn_angle.value_esd 
1  O   ? A PRO 38  ? A PRO 38   ? 1_555  CS ? F CS . ? A CS 402 ? 1_555 N   ? A SER 40  ? A SER 40   ? 1_555  67.3  ? 
2  O   ? A PRO 38  ? A PRO 38   ? 1_555  CS ? F CS . ? A CS 402 ? 1_555 O   ? I HOH .   ? A HOH 1089 ? 1_555  63.5  ? 
3  N   ? A SER 40  ? A SER 40   ? 1_555  CS ? F CS . ? A CS 402 ? 1_555 O   ? I HOH .   ? A HOH 1089 ? 1_555  100.3 ? 
4  O   ? A PRO 38  ? A PRO 38   ? 1_555  CS ? F CS . ? A CS 402 ? 1_555 O   ? I HOH .   ? A HOH 1110 ? 1_555  49.8  ? 
5  N   ? A SER 40  ? A SER 40   ? 1_555  CS ? F CS . ? A CS 402 ? 1_555 O   ? I HOH .   ? A HOH 1110 ? 1_555  106.5 ? 
6  O   ? I HOH .   ? A HOH 1089 ? 1_555  CS ? F CS . ? A CS 402 ? 1_555 O   ? I HOH .   ? A HOH 1110 ? 1_555  83.9  ? 
7  OE1 ? A GLU 67  ? A GLU 67   ? 12_566 CS ? H CS . ? A CS 405 ? 1_555 OD2 ? A ASP 128 ? A ASP 128  ? 1_555  125.7 ? 
8  OE1 ? A GLU 67  ? A GLU 67   ? 12_566 CS ? H CS . ? A CS 405 ? 1_555 O   ? I HOH .   ? A HOH 1024 ? 1_555  54.7  ? 
9  OD2 ? A ASP 128 ? A ASP 128  ? 1_555  CS ? H CS . ? A CS 405 ? 1_555 O   ? I HOH .   ? A HOH 1024 ? 1_555  86.3  ? 
10 OE1 ? A GLU 67  ? A GLU 67   ? 12_566 CS ? H CS . ? A CS 405 ? 1_555 O   ? I HOH .   ? A HOH 1040 ? 1_555  62.8  ? 
11 OD2 ? A ASP 128 ? A ASP 128  ? 1_555  CS ? H CS . ? A CS 405 ? 1_555 O   ? I HOH .   ? A HOH 1040 ? 1_555  118.3 ? 
12 O   ? I HOH .   ? A HOH 1024 ? 1_555  CS ? H CS . ? A CS 405 ? 1_555 O   ? I HOH .   ? A HOH 1040 ? 1_555  46.4  ? 
13 OE1 ? A GLU 67  ? A GLU 67   ? 12_566 CS ? H CS . ? A CS 405 ? 1_555 O   ? I HOH .   ? A HOH 1041 ? 1_555  127.4 ? 
14 OD2 ? A ASP 128 ? A ASP 128  ? 1_555  CS ? H CS . ? A CS 405 ? 1_555 O   ? I HOH .   ? A HOH 1041 ? 1_555  53.7  ? 
15 O   ? I HOH .   ? A HOH 1024 ? 1_555  CS ? H CS . ? A CS 405 ? 1_555 O   ? I HOH .   ? A HOH 1041 ? 1_555  74.2  ? 
16 O   ? I HOH .   ? A HOH 1040 ? 1_555  CS ? H CS . ? A CS 405 ? 1_555 O   ? I HOH .   ? A HOH 1041 ? 1_555  73.9  ? 
17 OE1 ? A GLU 67  ? A GLU 67   ? 12_566 CS ? H CS . ? A CS 405 ? 1_555 O   ? I HOH .   ? A HOH 1061 ? 12_566 67.0  ? 
18 OD2 ? A ASP 128 ? A ASP 128  ? 1_555  CS ? H CS . ? A CS 405 ? 1_555 O   ? I HOH .   ? A HOH 1061 ? 12_566 97.3  ? 
19 O   ? I HOH .   ? A HOH 1024 ? 1_555  CS ? H CS . ? A CS 405 ? 1_555 O   ? I HOH .   ? A HOH 1061 ? 12_566 107.8 ? 
20 O   ? I HOH .   ? A HOH 1040 ? 1_555  CS ? H CS . ? A CS 405 ? 1_555 O   ? I HOH .   ? A HOH 1061 ? 12_566 129.1 ? 
21 O   ? I HOH .   ? A HOH 1041 ? 1_555  CS ? H CS . ? A CS 405 ? 1_555 O   ? I HOH .   ? A HOH 1061 ? 12_566 151.1 ? 
22 OE1 ? A GLU 67  ? A GLU 67   ? 12_566 CS ? H CS . ? A CS 405 ? 1_555 O   ? I HOH .   ? A HOH 1095 ? 1_555  113.4 ? 
23 OD2 ? A ASP 128 ? A ASP 128  ? 1_555  CS ? H CS . ? A CS 405 ? 1_555 O   ? I HOH .   ? A HOH 1095 ? 1_555  114.0 ? 
24 O   ? I HOH .   ? A HOH 1024 ? 1_555  CS ? H CS . ? A CS 405 ? 1_555 O   ? I HOH .   ? A HOH 1095 ? 1_555  108.1 ? 
25 O   ? I HOH .   ? A HOH 1040 ? 1_555  CS ? H CS . ? A CS 405 ? 1_555 O   ? I HOH .   ? A HOH 1095 ? 1_555  64.9  ? 
26 O   ? I HOH .   ? A HOH 1041 ? 1_555  CS ? H CS . ? A CS 405 ? 1_555 O   ? I HOH .   ? A HOH 1095 ? 1_555  68.8  ? 
27 O   ? I HOH .   ? A HOH 1061 ? 12_566 CS ? H CS . ? A CS 405 ? 1_555 O   ? I HOH .   ? A HOH 1095 ? 1_555  133.2 ? 
28 OE1 ? A GLU 67  ? A GLU 67   ? 12_566 CS ? H CS . ? A CS 405 ? 1_555 O   ? I HOH .   ? A HOH 1189 ? 1_555  146.1 ? 
29 OD2 ? A ASP 128 ? A ASP 128  ? 1_555  CS ? H CS . ? A CS 405 ? 1_555 O   ? I HOH .   ? A HOH 1189 ? 1_555  58.0  ? 
30 O   ? I HOH .   ? A HOH 1024 ? 1_555  CS ? H CS . ? A CS 405 ? 1_555 O   ? I HOH .   ? A HOH 1189 ? 1_555  144.3 ? 
31 O   ? I HOH .   ? A HOH 1040 ? 1_555  CS ? H CS . ? A CS 405 ? 1_555 O   ? I HOH .   ? A HOH 1189 ? 1_555  150.0 ? 
32 O   ? I HOH .   ? A HOH 1041 ? 1_555  CS ? H CS . ? A CS 405 ? 1_555 O   ? I HOH .   ? A HOH 1189 ? 1_555  83.7  ? 
33 O   ? I HOH .   ? A HOH 1061 ? 12_566 CS ? H CS . ? A CS 405 ? 1_555 O   ? I HOH .   ? A HOH 1189 ? 1_555  79.1  ? 
34 O   ? I HOH .   ? A HOH 1095 ? 1_555  CS ? H CS . ? A CS 405 ? 1_555 O   ? I HOH .   ? A HOH 1189 ? 1_555  88.7  ? 
35 OE1 ? A GLU 67  ? A GLU 67   ? 12_566 CS ? H CS . ? A CS 405 ? 1_555 O   ? I HOH .   ? A HOH 1276 ? 12_566 53.8  ? 
36 OD2 ? A ASP 128 ? A ASP 128  ? 1_555  CS ? H CS . ? A CS 405 ? 1_555 O   ? I HOH .   ? A HOH 1276 ? 12_566 155.1 ? 
37 O   ? I HOH .   ? A HOH 1024 ? 1_555  CS ? H CS . ? A CS 405 ? 1_555 O   ? I HOH .   ? A HOH 1276 ? 12_566 105.7 ? 
38 O   ? I HOH .   ? A HOH 1040 ? 1_555  CS ? H CS . ? A CS 405 ? 1_555 O   ? I HOH .   ? A HOH 1276 ? 12_566 84.5  ? 
39 O   ? I HOH .   ? A HOH 1041 ? 1_555  CS ? H CS . ? A CS 405 ? 1_555 O   ? I HOH .   ? A HOH 1276 ? 12_566 150.0 ? 
40 O   ? I HOH .   ? A HOH 1061 ? 12_566 CS ? H CS . ? A CS 405 ? 1_555 O   ? I HOH .   ? A HOH 1276 ? 12_566 58.5  ? 
41 O   ? I HOH .   ? A HOH 1095 ? 1_555  CS ? H CS . ? A CS 405 ? 1_555 O   ? I HOH .   ? A HOH 1276 ? 12_566 83.4  ? 
42 O   ? I HOH .   ? A HOH 1189 ? 1_555  CS ? H CS . ? A CS 405 ? 1_555 O   ? I HOH .   ? A HOH 1276 ? 12_566 107.4 ? 
43 O   ? A LEU 113 ? A LEU 113  ? 1_555  CS ? E CS . ? A CS 401 ? 1_555 O   ? A LEU 113 ? A LEU 113  ? 10_665 132.3 ? 
44 O   ? A LEU 113 ? A LEU 113  ? 1_555  CS ? E CS . ? A CS 401 ? 1_555 O   ? A ASP 114 ? A ASP 114  ? 1_555  67.3  ? 
45 O   ? A LEU 113 ? A LEU 113  ? 10_665 CS ? E CS . ? A CS 401 ? 1_555 O   ? A ASP 114 ? A ASP 114  ? 1_555  73.1  ? 
46 O   ? A LEU 113 ? A LEU 113  ? 1_555  CS ? E CS . ? A CS 401 ? 1_555 O   ? A ASP 114 ? A ASP 114  ? 10_665 73.1  ? 
47 O   ? A LEU 113 ? A LEU 113  ? 10_665 CS ? E CS . ? A CS 401 ? 1_555 O   ? A ASP 114 ? A ASP 114  ? 10_665 67.3  ? 
48 O   ? A ASP 114 ? A ASP 114  ? 1_555  CS ? E CS . ? A CS 401 ? 1_555 O   ? A ASP 114 ? A ASP 114  ? 10_665 66.5  ? 
49 O   ? A LEU 113 ? A LEU 113  ? 1_555  CS ? E CS . ? A CS 401 ? 1_555 O   ? A LEU 116 ? A LEU 116  ? 1_555  76.9  ? 
50 O   ? A LEU 113 ? A LEU 113  ? 10_665 CS ? E CS . ? A CS 401 ? 1_555 O   ? A LEU 116 ? A LEU 116  ? 1_555  133.1 ? 
51 O   ? A ASP 114 ? A ASP 114  ? 1_555  CS ? E CS . ? A CS 401 ? 1_555 O   ? A LEU 116 ? A LEU 116  ? 1_555  95.0  ? 
52 O   ? A ASP 114 ? A ASP 114  ? 10_665 CS ? E CS . ? A CS 401 ? 1_555 O   ? A LEU 116 ? A LEU 116  ? 1_555  149.0 ? 
53 O   ? A LEU 113 ? A LEU 113  ? 1_555  CS ? E CS . ? A CS 401 ? 1_555 O   ? A LEU 116 ? A LEU 116  ? 10_665 133.1 ? 
54 O   ? A LEU 113 ? A LEU 113  ? 10_665 CS ? E CS . ? A CS 401 ? 1_555 O   ? A LEU 116 ? A LEU 116  ? 10_665 76.9  ? 
55 O   ? A ASP 114 ? A ASP 114  ? 1_555  CS ? E CS . ? A CS 401 ? 1_555 O   ? A LEU 116 ? A LEU 116  ? 10_665 149.1 ? 
56 O   ? A ASP 114 ? A ASP 114  ? 10_665 CS ? E CS . ? A CS 401 ? 1_555 O   ? A LEU 116 ? A LEU 116  ? 10_665 95.0  ? 
57 O   ? A LEU 116 ? A LEU 116  ? 1_555  CS ? E CS . ? A CS 401 ? 1_555 O   ? A LEU 116 ? A LEU 116  ? 10_665 111.2 ? 
58 O   ? A LEU 113 ? A LEU 113  ? 1_555  CS ? E CS . ? A CS 401 ? 1_555 O   ? I HOH .   ? A HOH 1026 ? 1_555  83.4  ? 
59 O   ? A LEU 113 ? A LEU 113  ? 10_665 CS ? E CS . ? A CS 401 ? 1_555 O   ? I HOH .   ? A HOH 1026 ? 1_555  143.1 ? 
60 O   ? A ASP 114 ? A ASP 114  ? 1_555  CS ? E CS . ? A CS 401 ? 1_555 O   ? I HOH .   ? A HOH 1026 ? 1_555  141.2 ? 
61 O   ? A ASP 114 ? A ASP 114  ? 10_665 CS ? E CS . ? A CS 401 ? 1_555 O   ? I HOH .   ? A HOH 1026 ? 1_555  129.7 ? 
62 O   ? A LEU 116 ? A LEU 116  ? 1_555  CS ? E CS . ? A CS 401 ? 1_555 O   ? I HOH .   ? A HOH 1026 ? 1_555  52.3  ? 
63 O   ? A LEU 116 ? A LEU 116  ? 10_665 CS ? E CS . ? A CS 401 ? 1_555 O   ? I HOH .   ? A HOH 1026 ? 1_555  69.7  ? 
64 O   ? A LEU 113 ? A LEU 113  ? 1_555  CS ? E CS . ? A CS 401 ? 1_555 O   ? I HOH .   ? A HOH 1026 ? 10_665 143.1 ? 
65 O   ? A LEU 113 ? A LEU 113  ? 10_665 CS ? E CS . ? A CS 401 ? 1_555 O   ? I HOH .   ? A HOH 1026 ? 10_665 83.4  ? 
66 O   ? A ASP 114 ? A ASP 114  ? 1_555  CS ? E CS . ? A CS 401 ? 1_555 O   ? I HOH .   ? A HOH 1026 ? 10_665 129.7 ? 
67 O   ? A ASP 114 ? A ASP 114  ? 10_665 CS ? E CS . ? A CS 401 ? 1_555 O   ? I HOH .   ? A HOH 1026 ? 10_665 141.3 ? 
68 O   ? A LEU 116 ? A LEU 116  ? 1_555  CS ? E CS . ? A CS 401 ? 1_555 O   ? I HOH .   ? A HOH 1026 ? 10_665 69.7  ? 
69 O   ? A LEU 116 ? A LEU 116  ? 10_665 CS ? E CS . ? A CS 401 ? 1_555 O   ? I HOH .   ? A HOH 1026 ? 10_665 52.4  ? 
70 O   ? I HOH .   ? A HOH 1026 ? 1_555  CS ? E CS . ? A CS 401 ? 1_555 O   ? I HOH .   ? A HOH 1026 ? 10_665 64.1  ? 
71 O   ? A GLN 120 ? A GLN 120  ? 1_555  CS ? G CS . ? A CS 404 ? 1_555 O   ? A LYS 121 ? A LYS 121  ? 1_555  62.7  ? 
72 O   ? A GLN 120 ? A GLN 120  ? 1_555  CS ? G CS . ? A CS 404 ? 1_555 O   ? A GLU 135 ? A GLU 135  ? 1_555  135.9 ? 
73 O   ? A LYS 121 ? A LYS 121  ? 1_555  CS ? G CS . ? A CS 404 ? 1_555 O   ? A GLU 135 ? A GLU 135  ? 1_555  116.0 ? 
74 O   ? A GLN 120 ? A GLN 120  ? 1_555  CS ? G CS . ? A CS 404 ? 1_555 O   ? I HOH .   ? A HOH 1033 ? 1_555  40.8  ? 
75 O   ? A LYS 121 ? A LYS 121  ? 1_555  CS ? G CS . ? A CS 404 ? 1_555 O   ? I HOH .   ? A HOH 1033 ? 1_555  102.7 ? 
76 O   ? A GLU 135 ? A GLU 135  ? 1_555  CS ? G CS . ? A CS 404 ? 1_555 O   ? I HOH .   ? A HOH 1033 ? 1_555  111.6 ? 
77 O   ? A GLN 120 ? A GLN 120  ? 1_555  CS ? G CS . ? A CS 404 ? 1_555 O   ? I HOH .   ? A HOH 1078 ? 1_555  70.0  ? 
78 O   ? A LYS 121 ? A LYS 121  ? 1_555  CS ? G CS . ? A CS 404 ? 1_555 O   ? I HOH .   ? A HOH 1078 ? 1_555  99.5  ? 
79 O   ? A GLU 135 ? A GLU 135  ? 1_555  CS ? G CS . ? A CS 404 ? 1_555 O   ? I HOH .   ? A HOH 1078 ? 1_555  66.9  ? 
80 O   ? I HOH .   ? A HOH 1033 ? 1_555  CS ? G CS . ? A CS 404 ? 1_555 O   ? I HOH .   ? A HOH 1078 ? 1_555  52.2  ? 
81 O   ? A GLN 120 ? A GLN 120  ? 1_555  CS ? G CS . ? A CS 404 ? 1_555 O   ? I HOH .   ? A HOH 1173 ? 1_555  47.7  ? 
82 O   ? A LYS 121 ? A LYS 121  ? 1_555  CS ? G CS . ? A CS 404 ? 1_555 O   ? I HOH .   ? A HOH 1173 ? 1_555  68.0  ? 
83 O   ? A GLU 135 ? A GLU 135  ? 1_555  CS ? G CS . ? A CS 404 ? 1_555 O   ? I HOH .   ? A HOH 1173 ? 1_555  175.2 ? 
84 O   ? I HOH .   ? A HOH 1033 ? 1_555  CS ? G CS . ? A CS 404 ? 1_555 O   ? I HOH .   ? A HOH 1173 ? 1_555  69.0  ? 
85 O   ? I HOH .   ? A HOH 1078 ? 1_555  CS ? G CS . ? A CS 404 ? 1_555 O   ? I HOH .   ? A HOH 1173 ? 1_555  115.7 ? 
# 
loop_
_struct_mon_prot_cis.pdbx_id 
_struct_mon_prot_cis.label_comp_id 
_struct_mon_prot_cis.label_seq_id 
_struct_mon_prot_cis.label_asym_id 
_struct_mon_prot_cis.label_alt_id 
_struct_mon_prot_cis.pdbx_PDB_ins_code 
_struct_mon_prot_cis.auth_comp_id 
_struct_mon_prot_cis.auth_seq_id 
_struct_mon_prot_cis.auth_asym_id 
_struct_mon_prot_cis.pdbx_label_comp_id_2 
_struct_mon_prot_cis.pdbx_label_seq_id_2 
_struct_mon_prot_cis.pdbx_label_asym_id_2 
_struct_mon_prot_cis.pdbx_PDB_ins_code_2 
_struct_mon_prot_cis.pdbx_auth_comp_id_2 
_struct_mon_prot_cis.pdbx_auth_seq_id_2 
_struct_mon_prot_cis.pdbx_auth_asym_id_2 
_struct_mon_prot_cis.pdbx_PDB_model_num 
_struct_mon_prot_cis.pdbx_omega_angle 
1 ARG 94  A . ? ARG 94  A PRO 95  A ? PRO 95  A 1 -4.59 
2 ARG 107 A . ? ARG 107 A PRO 108 A ? PRO 108 A 1 3.99  
# 
loop_
_struct_sheet.id 
_struct_sheet.type 
_struct_sheet.number_strands 
_struct_sheet.details 
A ? 4 ? 
B ? 2 ? 
# 
loop_
_struct_sheet_order.sheet_id 
_struct_sheet_order.range_id_1 
_struct_sheet_order.range_id_2 
_struct_sheet_order.offset 
_struct_sheet_order.sense 
A 1 2 ? parallel      
A 2 3 ? anti-parallel 
A 3 4 ? anti-parallel 
B 1 2 ? anti-parallel 
# 
loop_
_struct_sheet_range.sheet_id 
_struct_sheet_range.id 
_struct_sheet_range.beg_label_comp_id 
_struct_sheet_range.beg_label_asym_id 
_struct_sheet_range.beg_label_seq_id 
_struct_sheet_range.pdbx_beg_PDB_ins_code 
_struct_sheet_range.end_label_comp_id 
_struct_sheet_range.end_label_asym_id 
_struct_sheet_range.end_label_seq_id 
_struct_sheet_range.pdbx_end_PDB_ins_code 
_struct_sheet_range.beg_auth_comp_id 
_struct_sheet_range.beg_auth_asym_id 
_struct_sheet_range.beg_auth_seq_id 
_struct_sheet_range.end_auth_comp_id 
_struct_sheet_range.end_auth_asym_id 
_struct_sheet_range.end_auth_seq_id 
A 1 THR A 30  ? ILE A 32  ? THR A 30  ILE A 32  
A 2 THR A 5   ? TYR A 7   ? THR A 5   TYR A 7   
A 3 ILE A 96  ? THR A 99  ? ILE A 96  THR A 99  
A 4 GLY A 102 ? LEU A 105 ? GLY A 102 LEU A 105 
B 1 PHE A 124 ? THR A 125 ? PHE A 124 THR A 125 
B 2 LYS A 131 ? VAL A 133 ? LYS A 131 VAL A 133 
# 
loop_
_pdbx_struct_sheet_hbond.sheet_id 
_pdbx_struct_sheet_hbond.range_id_1 
_pdbx_struct_sheet_hbond.range_id_2 
_pdbx_struct_sheet_hbond.range_1_label_atom_id 
_pdbx_struct_sheet_hbond.range_1_label_comp_id 
_pdbx_struct_sheet_hbond.range_1_label_asym_id 
_pdbx_struct_sheet_hbond.range_1_label_seq_id 
_pdbx_struct_sheet_hbond.range_1_PDB_ins_code 
_pdbx_struct_sheet_hbond.range_1_auth_atom_id 
_pdbx_struct_sheet_hbond.range_1_auth_comp_id 
_pdbx_struct_sheet_hbond.range_1_auth_asym_id 
_pdbx_struct_sheet_hbond.range_1_auth_seq_id 
_pdbx_struct_sheet_hbond.range_2_label_atom_id 
_pdbx_struct_sheet_hbond.range_2_label_comp_id 
_pdbx_struct_sheet_hbond.range_2_label_asym_id 
_pdbx_struct_sheet_hbond.range_2_label_seq_id 
_pdbx_struct_sheet_hbond.range_2_PDB_ins_code 
_pdbx_struct_sheet_hbond.range_2_auth_atom_id 
_pdbx_struct_sheet_hbond.range_2_auth_comp_id 
_pdbx_struct_sheet_hbond.range_2_auth_asym_id 
_pdbx_struct_sheet_hbond.range_2_auth_seq_id 
A 1 2 O ILE A 32  ? O ILE A 32  N ILE A 6   ? N ILE A 6   
A 2 3 N THR A 5   ? N THR A 5   O VAL A 98  ? O VAL A 98  
A 3 4 N VAL A 97  ? N VAL A 97  O ARG A 104 ? O ARG A 104 
B 1 2 N PHE A 124 ? N PHE A 124 O VAL A 132 ? O VAL A 132 
# 
loop_
_struct_site.id 
_struct_site.pdbx_evidence_code 
_struct_site.pdbx_auth_asym_id 
_struct_site.pdbx_auth_comp_id 
_struct_site.pdbx_auth_seq_id 
_struct_site.pdbx_auth_ins_code 
_struct_site.pdbx_num_residues 
_struct_site.details 
AC1 Software A SO4 201 ? 10 'BINDING SITE FOR RESIDUE SO4 A 201' 
AC2 Software A SO4 202 ? 8  'BINDING SITE FOR RESIDUE SO4 A 202' 
AC3 Software A SO4 203 ? 10 'BINDING SITE FOR RESIDUE SO4 A 203' 
AC4 Software A CS  401 ? 6  'BINDING SITE FOR RESIDUE CS A 401'  
AC5 Software A CS  402 ? 3  'BINDING SITE FOR RESIDUE CS A 402'  
AC6 Software A CS  404 ? 2  'BINDING SITE FOR RESIDUE CS A 404'  
AC7 Software A CS  405 ? 4  'BINDING SITE FOR RESIDUE CS A 405'  
# 
loop_
_struct_site_gen.id 
_struct_site_gen.site_id 
_struct_site_gen.pdbx_num_res 
_struct_site_gen.label_comp_id 
_struct_site_gen.label_asym_id 
_struct_site_gen.label_seq_id 
_struct_site_gen.pdbx_auth_ins_code 
_struct_site_gen.auth_comp_id 
_struct_site_gen.auth_asym_id 
_struct_site_gen.auth_seq_id 
_struct_site_gen.label_atom_id 
_struct_site_gen.label_alt_id 
_struct_site_gen.symmetry 
_struct_site_gen.details 
1  AC1 10 GLY A 13  ? GLY A 13   . ? 1_555  ? 
2  AC1 10 THR A 14  ? THR A 14   . ? 1_555  ? 
3  AC1 10 ASN A 62  ? ASN A 62   . ? 12_566 ? 
4  AC1 10 GLU A 67  ? GLU A 67   . ? 12_566 ? 
5  AC1 10 HOH I .   ? HOH A 1040 . ? 1_555  ? 
6  AC1 10 HOH I .   ? HOH A 1109 . ? 1_555  ? 
7  AC1 10 HOH I .   ? HOH A 1122 . ? 1_555  ? 
8  AC1 10 HOH I .   ? HOH A 1160 . ? 12_566 ? 
9  AC1 10 HOH I .   ? HOH A 1255 . ? 12_566 ? 
10 AC1 10 HOH I .   ? HOH A 1276 . ? 12_566 ? 
11 AC2 8  ASN A 93  ? ASN A 93   . ? 1_555  ? 
12 AC2 8  ARG A 107 ? ARG A 107  . ? 1_555  ? 
13 AC2 8  HOH I .   ? HOH A 1107 . ? 1_555  ? 
14 AC2 8  HOH I .   ? HOH A 1119 . ? 1_555  ? 
15 AC2 8  HOH I .   ? HOH A 1168 . ? 1_555  ? 
16 AC2 8  HOH I .   ? HOH A 1180 . ? 1_555  ? 
17 AC2 8  HOH I .   ? HOH A 1203 . ? 1_555  ? 
18 AC2 8  HOH I .   ? HOH A 1308 . ? 1_555  ? 
19 AC3 10 THR A 14  ? THR A 14   . ? 1_555  ? 
20 AC3 10 ASN A 17  ? ASN A 17   . ? 1_555  ? 
21 AC3 10 PRO A 108 ? PRO A 108  . ? 1_555  ? 
22 AC3 10 SER A 109 ? SER A 109  . ? 1_555  ? 
23 AC3 10 LYS A 126 ? LYS A 126  . ? 1_555  ? 
24 AC3 10 HOH I .   ? HOH A 1040 . ? 1_555  ? 
25 AC3 10 HOH I .   ? HOH A 1041 . ? 1_555  ? 
26 AC3 10 HOH I .   ? HOH A 1095 . ? 1_555  ? 
27 AC3 10 HOH I .   ? HOH A 1108 . ? 1_555  ? 
28 AC3 10 HOH I .   ? HOH A 1131 . ? 1_555  ? 
29 AC4 6  LEU A 113 ? LEU A 113  . ? 10_665 ? 
30 AC4 6  LEU A 113 ? LEU A 113  . ? 1_555  ? 
31 AC4 6  ASP A 114 ? ASP A 114  . ? 10_665 ? 
32 AC4 6  ASP A 114 ? ASP A 114  . ? 1_555  ? 
33 AC4 6  LEU A 116 ? LEU A 116  . ? 1_555  ? 
34 AC4 6  LEU A 116 ? LEU A 116  . ? 10_665 ? 
35 AC5 3  PRO A 38  ? PRO A 38   . ? 1_555  ? 
36 AC5 3  SER A 40  ? SER A 40   . ? 1_555  ? 
37 AC5 3  GLU A 43  ? GLU A 43   . ? 1_555  ? 
38 AC6 2  GLU A 135 ? GLU A 135  . ? 1_555  ? 
39 AC6 2  HOH I .   ? HOH A 1078 . ? 1_555  ? 
40 AC7 4  GLU A 67  ? GLU A 67   . ? 12_566 ? 
41 AC7 4  ASP A 128 ? ASP A 128  . ? 1_555  ? 
42 AC7 4  HOH I .   ? HOH A 1189 . ? 1_555  ? 
43 AC7 4  HOH I .   ? HOH A 1276 . ? 12_566 ? 
# 
_pdbx_validate_rmsd_bond.id                        1 
_pdbx_validate_rmsd_bond.PDB_model_num             1 
_pdbx_validate_rmsd_bond.auth_atom_id_1            C 
_pdbx_validate_rmsd_bond.auth_asym_id_1            A 
_pdbx_validate_rmsd_bond.auth_comp_id_1            LEU 
_pdbx_validate_rmsd_bond.auth_seq_id_1             140 
_pdbx_validate_rmsd_bond.PDB_ins_code_1            ? 
_pdbx_validate_rmsd_bond.label_alt_id_1            ? 
_pdbx_validate_rmsd_bond.auth_atom_id_2            OXT 
_pdbx_validate_rmsd_bond.auth_asym_id_2            A 
_pdbx_validate_rmsd_bond.auth_comp_id_2            LEU 
_pdbx_validate_rmsd_bond.auth_seq_id_2             140 
_pdbx_validate_rmsd_bond.PDB_ins_code_2            ? 
_pdbx_validate_rmsd_bond.label_alt_id_2            ? 
_pdbx_validate_rmsd_bond.bond_value                0.651 
_pdbx_validate_rmsd_bond.bond_target_value         1.229 
_pdbx_validate_rmsd_bond.bond_deviation            -0.578 
_pdbx_validate_rmsd_bond.bond_standard_deviation   0.019 
_pdbx_validate_rmsd_bond.linker_flag               N 
# 
loop_
_pdbx_validate_rmsd_angle.id 
_pdbx_validate_rmsd_angle.PDB_model_num 
_pdbx_validate_rmsd_angle.auth_atom_id_1 
_pdbx_validate_rmsd_angle.auth_asym_id_1 
_pdbx_validate_rmsd_angle.auth_comp_id_1 
_pdbx_validate_rmsd_angle.auth_seq_id_1 
_pdbx_validate_rmsd_angle.PDB_ins_code_1 
_pdbx_validate_rmsd_angle.label_alt_id_1 
_pdbx_validate_rmsd_angle.auth_atom_id_2 
_pdbx_validate_rmsd_angle.auth_asym_id_2 
_pdbx_validate_rmsd_angle.auth_comp_id_2 
_pdbx_validate_rmsd_angle.auth_seq_id_2 
_pdbx_validate_rmsd_angle.PDB_ins_code_2 
_pdbx_validate_rmsd_angle.label_alt_id_2 
_pdbx_validate_rmsd_angle.auth_atom_id_3 
_pdbx_validate_rmsd_angle.auth_asym_id_3 
_pdbx_validate_rmsd_angle.auth_comp_id_3 
_pdbx_validate_rmsd_angle.auth_seq_id_3 
_pdbx_validate_rmsd_angle.PDB_ins_code_3 
_pdbx_validate_rmsd_angle.label_alt_id_3 
_pdbx_validate_rmsd_angle.angle_value 
_pdbx_validate_rmsd_angle.angle_target_value 
_pdbx_validate_rmsd_angle.angle_deviation 
_pdbx_validate_rmsd_angle.angle_standard_deviation 
_pdbx_validate_rmsd_angle.linker_flag 
1 1 NE A ARG 23  ? ? CZ A ARG 23  ? ? NH2 A ARG 23  ? ? 117.03 120.30 -3.27 0.50 N 
2 1 NE A ARG 104 ? B CZ A ARG 104 ? B NH2 A ARG 104 ? B 117.16 120.30 -3.14 0.50 N 
# 
_pdbx_struct_special_symmetry.id              1 
_pdbx_struct_special_symmetry.PDB_model_num   1 
_pdbx_struct_special_symmetry.auth_asym_id    A 
_pdbx_struct_special_symmetry.auth_comp_id    CS 
_pdbx_struct_special_symmetry.auth_seq_id     401 
_pdbx_struct_special_symmetry.PDB_ins_code    ? 
_pdbx_struct_special_symmetry.label_asym_id   E 
_pdbx_struct_special_symmetry.label_comp_id   CS 
_pdbx_struct_special_symmetry.label_seq_id    . 
# 
loop_
_pdbx_unobs_or_zero_occ_residues.id 
_pdbx_unobs_or_zero_occ_residues.PDB_model_num 
_pdbx_unobs_or_zero_occ_residues.polymer_flag 
_pdbx_unobs_or_zero_occ_residues.occupancy_flag 
_pdbx_unobs_or_zero_occ_residues.auth_asym_id 
_pdbx_unobs_or_zero_occ_residues.auth_comp_id 
_pdbx_unobs_or_zero_occ_residues.auth_seq_id 
_pdbx_unobs_or_zero_occ_residues.PDB_ins_code 
_pdbx_unobs_or_zero_occ_residues.label_asym_id 
_pdbx_unobs_or_zero_occ_residues.label_comp_id 
_pdbx_unobs_or_zero_occ_residues.label_seq_id 
1 1 Y 1 A MET 1 ? A MET 1 
2 1 Y 1 A SER 2 ? A SER 2 
# 
loop_
_chem_comp_atom.comp_id 
_chem_comp_atom.atom_id 
_chem_comp_atom.type_symbol 
_chem_comp_atom.pdbx_aromatic_flag 
_chem_comp_atom.pdbx_stereo_config 
_chem_comp_atom.pdbx_ordinal 
ALA N    N  N N 1   
ALA CA   C  N S 2   
ALA C    C  N N 3   
ALA O    O  N N 4   
ALA CB   C  N N 5   
ALA OXT  O  N N 6   
ALA H    H  N N 7   
ALA H2   H  N N 8   
ALA HA   H  N N 9   
ALA HB1  H  N N 10  
ALA HB2  H  N N 11  
ALA HB3  H  N N 12  
ALA HXT  H  N N 13  
ARG N    N  N N 14  
ARG CA   C  N S 15  
ARG C    C  N N 16  
ARG O    O  N N 17  
ARG CB   C  N N 18  
ARG CG   C  N N 19  
ARG CD   C  N N 20  
ARG NE   N  N N 21  
ARG CZ   C  N N 22  
ARG NH1  N  N N 23  
ARG NH2  N  N N 24  
ARG OXT  O  N N 25  
ARG H    H  N N 26  
ARG H2   H  N N 27  
ARG HA   H  N N 28  
ARG HB2  H  N N 29  
ARG HB3  H  N N 30  
ARG HG2  H  N N 31  
ARG HG3  H  N N 32  
ARG HD2  H  N N 33  
ARG HD3  H  N N 34  
ARG HE   H  N N 35  
ARG HH11 H  N N 36  
ARG HH12 H  N N 37  
ARG HH21 H  N N 38  
ARG HH22 H  N N 39  
ARG HXT  H  N N 40  
ASN N    N  N N 41  
ASN CA   C  N S 42  
ASN C    C  N N 43  
ASN O    O  N N 44  
ASN CB   C  N N 45  
ASN CG   C  N N 46  
ASN OD1  O  N N 47  
ASN ND2  N  N N 48  
ASN OXT  O  N N 49  
ASN H    H  N N 50  
ASN H2   H  N N 51  
ASN HA   H  N N 52  
ASN HB2  H  N N 53  
ASN HB3  H  N N 54  
ASN HD21 H  N N 55  
ASN HD22 H  N N 56  
ASN HXT  H  N N 57  
ASP N    N  N N 58  
ASP CA   C  N S 59  
ASP C    C  N N 60  
ASP O    O  N N 61  
ASP CB   C  N N 62  
ASP CG   C  N N 63  
ASP OD1  O  N N 64  
ASP OD2  O  N N 65  
ASP OXT  O  N N 66  
ASP H    H  N N 67  
ASP H2   H  N N 68  
ASP HA   H  N N 69  
ASP HB2  H  N N 70  
ASP HB3  H  N N 71  
ASP HD2  H  N N 72  
ASP HXT  H  N N 73  
CS  CS   CS N N 74  
CYS N    N  N N 75  
CYS CA   C  N R 76  
CYS C    C  N N 77  
CYS O    O  N N 78  
CYS CB   C  N N 79  
CYS SG   S  N N 80  
CYS OXT  O  N N 81  
CYS H    H  N N 82  
CYS H2   H  N N 83  
CYS HA   H  N N 84  
CYS HB2  H  N N 85  
CYS HB3  H  N N 86  
CYS HG   H  N N 87  
CYS HXT  H  N N 88  
GLN N    N  N N 89  
GLN CA   C  N S 90  
GLN C    C  N N 91  
GLN O    O  N N 92  
GLN CB   C  N N 93  
GLN CG   C  N N 94  
GLN CD   C  N N 95  
GLN OE1  O  N N 96  
GLN NE2  N  N N 97  
GLN OXT  O  N N 98  
GLN H    H  N N 99  
GLN H2   H  N N 100 
GLN HA   H  N N 101 
GLN HB2  H  N N 102 
GLN HB3  H  N N 103 
GLN HG2  H  N N 104 
GLN HG3  H  N N 105 
GLN HE21 H  N N 106 
GLN HE22 H  N N 107 
GLN HXT  H  N N 108 
GLU N    N  N N 109 
GLU CA   C  N S 110 
GLU C    C  N N 111 
GLU O    O  N N 112 
GLU CB   C  N N 113 
GLU CG   C  N N 114 
GLU CD   C  N N 115 
GLU OE1  O  N N 116 
GLU OE2  O  N N 117 
GLU OXT  O  N N 118 
GLU H    H  N N 119 
GLU H2   H  N N 120 
GLU HA   H  N N 121 
GLU HB2  H  N N 122 
GLU HB3  H  N N 123 
GLU HG2  H  N N 124 
GLU HG3  H  N N 125 
GLU HE2  H  N N 126 
GLU HXT  H  N N 127 
GLY N    N  N N 128 
GLY CA   C  N N 129 
GLY C    C  N N 130 
GLY O    O  N N 131 
GLY OXT  O  N N 132 
GLY H    H  N N 133 
GLY H2   H  N N 134 
GLY HA2  H  N N 135 
GLY HA3  H  N N 136 
GLY HXT  H  N N 137 
HIS N    N  N N 138 
HIS CA   C  N S 139 
HIS C    C  N N 140 
HIS O    O  N N 141 
HIS CB   C  N N 142 
HIS CG   C  Y N 143 
HIS ND1  N  Y N 144 
HIS CD2  C  Y N 145 
HIS CE1  C  Y N 146 
HIS NE2  N  Y N 147 
HIS OXT  O  N N 148 
HIS H    H  N N 149 
HIS H2   H  N N 150 
HIS HA   H  N N 151 
HIS HB2  H  N N 152 
HIS HB3  H  N N 153 
HIS HD1  H  N N 154 
HIS HD2  H  N N 155 
HIS HE1  H  N N 156 
HIS HE2  H  N N 157 
HIS HXT  H  N N 158 
HOH O    O  N N 159 
HOH H1   H  N N 160 
HOH H2   H  N N 161 
ILE N    N  N N 162 
ILE CA   C  N S 163 
ILE C    C  N N 164 
ILE O    O  N N 165 
ILE CB   C  N S 166 
ILE CG1  C  N N 167 
ILE CG2  C  N N 168 
ILE CD1  C  N N 169 
ILE OXT  O  N N 170 
ILE H    H  N N 171 
ILE H2   H  N N 172 
ILE HA   H  N N 173 
ILE HB   H  N N 174 
ILE HG12 H  N N 175 
ILE HG13 H  N N 176 
ILE HG21 H  N N 177 
ILE HG22 H  N N 178 
ILE HG23 H  N N 179 
ILE HD11 H  N N 180 
ILE HD12 H  N N 181 
ILE HD13 H  N N 182 
ILE HXT  H  N N 183 
LEU N    N  N N 184 
LEU CA   C  N S 185 
LEU C    C  N N 186 
LEU O    O  N N 187 
LEU CB   C  N N 188 
LEU CG   C  N N 189 
LEU CD1  C  N N 190 
LEU CD2  C  N N 191 
LEU OXT  O  N N 192 
LEU H    H  N N 193 
LEU H2   H  N N 194 
LEU HA   H  N N 195 
LEU HB2  H  N N 196 
LEU HB3  H  N N 197 
LEU HG   H  N N 198 
LEU HD11 H  N N 199 
LEU HD12 H  N N 200 
LEU HD13 H  N N 201 
LEU HD21 H  N N 202 
LEU HD22 H  N N 203 
LEU HD23 H  N N 204 
LEU HXT  H  N N 205 
LYS N    N  N N 206 
LYS CA   C  N S 207 
LYS C    C  N N 208 
LYS O    O  N N 209 
LYS CB   C  N N 210 
LYS CG   C  N N 211 
LYS CD   C  N N 212 
LYS CE   C  N N 213 
LYS NZ   N  N N 214 
LYS OXT  O  N N 215 
LYS H    H  N N 216 
LYS H2   H  N N 217 
LYS HA   H  N N 218 
LYS HB2  H  N N 219 
LYS HB3  H  N N 220 
LYS HG2  H  N N 221 
LYS HG3  H  N N 222 
LYS HD2  H  N N 223 
LYS HD3  H  N N 224 
LYS HE2  H  N N 225 
LYS HE3  H  N N 226 
LYS HZ1  H  N N 227 
LYS HZ2  H  N N 228 
LYS HZ3  H  N N 229 
LYS HXT  H  N N 230 
MET N    N  N N 231 
MET CA   C  N S 232 
MET C    C  N N 233 
MET O    O  N N 234 
MET CB   C  N N 235 
MET CG   C  N N 236 
MET SD   S  N N 237 
MET CE   C  N N 238 
MET OXT  O  N N 239 
MET H    H  N N 240 
MET H2   H  N N 241 
MET HA   H  N N 242 
MET HB2  H  N N 243 
MET HB3  H  N N 244 
MET HG2  H  N N 245 
MET HG3  H  N N 246 
MET HE1  H  N N 247 
MET HE2  H  N N 248 
MET HE3  H  N N 249 
MET HXT  H  N N 250 
PHE N    N  N N 251 
PHE CA   C  N S 252 
PHE C    C  N N 253 
PHE O    O  N N 254 
PHE CB   C  N N 255 
PHE CG   C  Y N 256 
PHE CD1  C  Y N 257 
PHE CD2  C  Y N 258 
PHE CE1  C  Y N 259 
PHE CE2  C  Y N 260 
PHE CZ   C  Y N 261 
PHE OXT  O  N N 262 
PHE H    H  N N 263 
PHE H2   H  N N 264 
PHE HA   H  N N 265 
PHE HB2  H  N N 266 
PHE HB3  H  N N 267 
PHE HD1  H  N N 268 
PHE HD2  H  N N 269 
PHE HE1  H  N N 270 
PHE HE2  H  N N 271 
PHE HZ   H  N N 272 
PHE HXT  H  N N 273 
PRO N    N  N N 274 
PRO CA   C  N S 275 
PRO C    C  N N 276 
PRO O    O  N N 277 
PRO CB   C  N N 278 
PRO CG   C  N N 279 
PRO CD   C  N N 280 
PRO OXT  O  N N 281 
PRO H    H  N N 282 
PRO HA   H  N N 283 
PRO HB2  H  N N 284 
PRO HB3  H  N N 285 
PRO HG2  H  N N 286 
PRO HG3  H  N N 287 
PRO HD2  H  N N 288 
PRO HD3  H  N N 289 
PRO HXT  H  N N 290 
SER N    N  N N 291 
SER CA   C  N S 292 
SER C    C  N N 293 
SER O    O  N N 294 
SER CB   C  N N 295 
SER OG   O  N N 296 
SER OXT  O  N N 297 
SER H    H  N N 298 
SER H2   H  N N 299 
SER HA   H  N N 300 
SER HB2  H  N N 301 
SER HB3  H  N N 302 
SER HG   H  N N 303 
SER HXT  H  N N 304 
SO4 S    S  N N 305 
SO4 O1   O  N N 306 
SO4 O2   O  N N 307 
SO4 O3   O  N N 308 
SO4 O4   O  N N 309 
THR N    N  N N 310 
THR CA   C  N S 311 
THR C    C  N N 312 
THR O    O  N N 313 
THR CB   C  N R 314 
THR OG1  O  N N 315 
THR CG2  C  N N 316 
THR OXT  O  N N 317 
THR H    H  N N 318 
THR H2   H  N N 319 
THR HA   H  N N 320 
THR HB   H  N N 321 
THR HG1  H  N N 322 
THR HG21 H  N N 323 
THR HG22 H  N N 324 
THR HG23 H  N N 325 
THR HXT  H  N N 326 
TYR N    N  N N 327 
TYR CA   C  N S 328 
TYR C    C  N N 329 
TYR O    O  N N 330 
TYR CB   C  N N 331 
TYR CG   C  Y N 332 
TYR CD1  C  Y N 333 
TYR CD2  C  Y N 334 
TYR CE1  C  Y N 335 
TYR CE2  C  Y N 336 
TYR CZ   C  Y N 337 
TYR OH   O  N N 338 
TYR OXT  O  N N 339 
TYR H    H  N N 340 
TYR H2   H  N N 341 
TYR HA   H  N N 342 
TYR HB2  H  N N 343 
TYR HB3  H  N N 344 
TYR HD1  H  N N 345 
TYR HD2  H  N N 346 
TYR HE1  H  N N 347 
TYR HE2  H  N N 348 
TYR HH   H  N N 349 
TYR HXT  H  N N 350 
VAL N    N  N N 351 
VAL CA   C  N S 352 
VAL C    C  N N 353 
VAL O    O  N N 354 
VAL CB   C  N N 355 
VAL CG1  C  N N 356 
VAL CG2  C  N N 357 
VAL OXT  O  N N 358 
VAL H    H  N N 359 
VAL H2   H  N N 360 
VAL HA   H  N N 361 
VAL HB   H  N N 362 
VAL HG11 H  N N 363 
VAL HG12 H  N N 364 
VAL HG13 H  N N 365 
VAL HG21 H  N N 366 
VAL HG22 H  N N 367 
VAL HG23 H  N N 368 
VAL HXT  H  N N 369 
# 
loop_
_chem_comp_bond.comp_id 
_chem_comp_bond.atom_id_1 
_chem_comp_bond.atom_id_2 
_chem_comp_bond.value_order 
_chem_comp_bond.pdbx_aromatic_flag 
_chem_comp_bond.pdbx_stereo_config 
_chem_comp_bond.pdbx_ordinal 
ALA N   CA   sing N N 1   
ALA N   H    sing N N 2   
ALA N   H2   sing N N 3   
ALA CA  C    sing N N 4   
ALA CA  CB   sing N N 5   
ALA CA  HA   sing N N 6   
ALA C   O    doub N N 7   
ALA C   OXT  sing N N 8   
ALA CB  HB1  sing N N 9   
ALA CB  HB2  sing N N 10  
ALA CB  HB3  sing N N 11  
ALA OXT HXT  sing N N 12  
ARG N   CA   sing N N 13  
ARG N   H    sing N N 14  
ARG N   H2   sing N N 15  
ARG CA  C    sing N N 16  
ARG CA  CB   sing N N 17  
ARG CA  HA   sing N N 18  
ARG C   O    doub N N 19  
ARG C   OXT  sing N N 20  
ARG CB  CG   sing N N 21  
ARG CB  HB2  sing N N 22  
ARG CB  HB3  sing N N 23  
ARG CG  CD   sing N N 24  
ARG CG  HG2  sing N N 25  
ARG CG  HG3  sing N N 26  
ARG CD  NE   sing N N 27  
ARG CD  HD2  sing N N 28  
ARG CD  HD3  sing N N 29  
ARG NE  CZ   sing N N 30  
ARG NE  HE   sing N N 31  
ARG CZ  NH1  sing N N 32  
ARG CZ  NH2  doub N N 33  
ARG NH1 HH11 sing N N 34  
ARG NH1 HH12 sing N N 35  
ARG NH2 HH21 sing N N 36  
ARG NH2 HH22 sing N N 37  
ARG OXT HXT  sing N N 38  
ASN N   CA   sing N N 39  
ASN N   H    sing N N 40  
ASN N   H2   sing N N 41  
ASN CA  C    sing N N 42  
ASN CA  CB   sing N N 43  
ASN CA  HA   sing N N 44  
ASN C   O    doub N N 45  
ASN C   OXT  sing N N 46  
ASN CB  CG   sing N N 47  
ASN CB  HB2  sing N N 48  
ASN CB  HB3  sing N N 49  
ASN CG  OD1  doub N N 50  
ASN CG  ND2  sing N N 51  
ASN ND2 HD21 sing N N 52  
ASN ND2 HD22 sing N N 53  
ASN OXT HXT  sing N N 54  
ASP N   CA   sing N N 55  
ASP N   H    sing N N 56  
ASP N   H2   sing N N 57  
ASP CA  C    sing N N 58  
ASP CA  CB   sing N N 59  
ASP CA  HA   sing N N 60  
ASP C   O    doub N N 61  
ASP C   OXT  sing N N 62  
ASP CB  CG   sing N N 63  
ASP CB  HB2  sing N N 64  
ASP CB  HB3  sing N N 65  
ASP CG  OD1  doub N N 66  
ASP CG  OD2  sing N N 67  
ASP OD2 HD2  sing N N 68  
ASP OXT HXT  sing N N 69  
CYS N   CA   sing N N 70  
CYS N   H    sing N N 71  
CYS N   H2   sing N N 72  
CYS CA  C    sing N N 73  
CYS CA  CB   sing N N 74  
CYS CA  HA   sing N N 75  
CYS C   O    doub N N 76  
CYS C   OXT  sing N N 77  
CYS CB  SG   sing N N 78  
CYS CB  HB2  sing N N 79  
CYS CB  HB3  sing N N 80  
CYS SG  HG   sing N N 81  
CYS OXT HXT  sing N N 82  
GLN N   CA   sing N N 83  
GLN N   H    sing N N 84  
GLN N   H2   sing N N 85  
GLN CA  C    sing N N 86  
GLN CA  CB   sing N N 87  
GLN CA  HA   sing N N 88  
GLN C   O    doub N N 89  
GLN C   OXT  sing N N 90  
GLN CB  CG   sing N N 91  
GLN CB  HB2  sing N N 92  
GLN CB  HB3  sing N N 93  
GLN CG  CD   sing N N 94  
GLN CG  HG2  sing N N 95  
GLN CG  HG3  sing N N 96  
GLN CD  OE1  doub N N 97  
GLN CD  NE2  sing N N 98  
GLN NE2 HE21 sing N N 99  
GLN NE2 HE22 sing N N 100 
GLN OXT HXT  sing N N 101 
GLU N   CA   sing N N 102 
GLU N   H    sing N N 103 
GLU N   H2   sing N N 104 
GLU CA  C    sing N N 105 
GLU CA  CB   sing N N 106 
GLU CA  HA   sing N N 107 
GLU C   O    doub N N 108 
GLU C   OXT  sing N N 109 
GLU CB  CG   sing N N 110 
GLU CB  HB2  sing N N 111 
GLU CB  HB3  sing N N 112 
GLU CG  CD   sing N N 113 
GLU CG  HG2  sing N N 114 
GLU CG  HG3  sing N N 115 
GLU CD  OE1  doub N N 116 
GLU CD  OE2  sing N N 117 
GLU OE2 HE2  sing N N 118 
GLU OXT HXT  sing N N 119 
GLY N   CA   sing N N 120 
GLY N   H    sing N N 121 
GLY N   H2   sing N N 122 
GLY CA  C    sing N N 123 
GLY CA  HA2  sing N N 124 
GLY CA  HA3  sing N N 125 
GLY C   O    doub N N 126 
GLY C   OXT  sing N N 127 
GLY OXT HXT  sing N N 128 
HIS N   CA   sing N N 129 
HIS N   H    sing N N 130 
HIS N   H2   sing N N 131 
HIS CA  C    sing N N 132 
HIS CA  CB   sing N N 133 
HIS CA  HA   sing N N 134 
HIS C   O    doub N N 135 
HIS C   OXT  sing N N 136 
HIS CB  CG   sing N N 137 
HIS CB  HB2  sing N N 138 
HIS CB  HB3  sing N N 139 
HIS CG  ND1  sing Y N 140 
HIS CG  CD2  doub Y N 141 
HIS ND1 CE1  doub Y N 142 
HIS ND1 HD1  sing N N 143 
HIS CD2 NE2  sing Y N 144 
HIS CD2 HD2  sing N N 145 
HIS CE1 NE2  sing Y N 146 
HIS CE1 HE1  sing N N 147 
HIS NE2 HE2  sing N N 148 
HIS OXT HXT  sing N N 149 
HOH O   H1   sing N N 150 
HOH O   H2   sing N N 151 
ILE N   CA   sing N N 152 
ILE N   H    sing N N 153 
ILE N   H2   sing N N 154 
ILE CA  C    sing N N 155 
ILE CA  CB   sing N N 156 
ILE CA  HA   sing N N 157 
ILE C   O    doub N N 158 
ILE C   OXT  sing N N 159 
ILE CB  CG1  sing N N 160 
ILE CB  CG2  sing N N 161 
ILE CB  HB   sing N N 162 
ILE CG1 CD1  sing N N 163 
ILE CG1 HG12 sing N N 164 
ILE CG1 HG13 sing N N 165 
ILE CG2 HG21 sing N N 166 
ILE CG2 HG22 sing N N 167 
ILE CG2 HG23 sing N N 168 
ILE CD1 HD11 sing N N 169 
ILE CD1 HD12 sing N N 170 
ILE CD1 HD13 sing N N 171 
ILE OXT HXT  sing N N 172 
LEU N   CA   sing N N 173 
LEU N   H    sing N N 174 
LEU N   H2   sing N N 175 
LEU CA  C    sing N N 176 
LEU CA  CB   sing N N 177 
LEU CA  HA   sing N N 178 
LEU C   O    doub N N 179 
LEU C   OXT  sing N N 180 
LEU CB  CG   sing N N 181 
LEU CB  HB2  sing N N 182 
LEU CB  HB3  sing N N 183 
LEU CG  CD1  sing N N 184 
LEU CG  CD2  sing N N 185 
LEU CG  HG   sing N N 186 
LEU CD1 HD11 sing N N 187 
LEU CD1 HD12 sing N N 188 
LEU CD1 HD13 sing N N 189 
LEU CD2 HD21 sing N N 190 
LEU CD2 HD22 sing N N 191 
LEU CD2 HD23 sing N N 192 
LEU OXT HXT  sing N N 193 
LYS N   CA   sing N N 194 
LYS N   H    sing N N 195 
LYS N   H2   sing N N 196 
LYS CA  C    sing N N 197 
LYS CA  CB   sing N N 198 
LYS CA  HA   sing N N 199 
LYS C   O    doub N N 200 
LYS C   OXT  sing N N 201 
LYS CB  CG   sing N N 202 
LYS CB  HB2  sing N N 203 
LYS CB  HB3  sing N N 204 
LYS CG  CD   sing N N 205 
LYS CG  HG2  sing N N 206 
LYS CG  HG3  sing N N 207 
LYS CD  CE   sing N N 208 
LYS CD  HD2  sing N N 209 
LYS CD  HD3  sing N N 210 
LYS CE  NZ   sing N N 211 
LYS CE  HE2  sing N N 212 
LYS CE  HE3  sing N N 213 
LYS NZ  HZ1  sing N N 214 
LYS NZ  HZ2  sing N N 215 
LYS NZ  HZ3  sing N N 216 
LYS OXT HXT  sing N N 217 
MET N   CA   sing N N 218 
MET N   H    sing N N 219 
MET N   H2   sing N N 220 
MET CA  C    sing N N 221 
MET CA  CB   sing N N 222 
MET CA  HA   sing N N 223 
MET C   O    doub N N 224 
MET C   OXT  sing N N 225 
MET CB  CG   sing N N 226 
MET CB  HB2  sing N N 227 
MET CB  HB3  sing N N 228 
MET CG  SD   sing N N 229 
MET CG  HG2  sing N N 230 
MET CG  HG3  sing N N 231 
MET SD  CE   sing N N 232 
MET CE  HE1  sing N N 233 
MET CE  HE2  sing N N 234 
MET CE  HE3  sing N N 235 
MET OXT HXT  sing N N 236 
PHE N   CA   sing N N 237 
PHE N   H    sing N N 238 
PHE N   H2   sing N N 239 
PHE CA  C    sing N N 240 
PHE CA  CB   sing N N 241 
PHE CA  HA   sing N N 242 
PHE C   O    doub N N 243 
PHE C   OXT  sing N N 244 
PHE CB  CG   sing N N 245 
PHE CB  HB2  sing N N 246 
PHE CB  HB3  sing N N 247 
PHE CG  CD1  doub Y N 248 
PHE CG  CD2  sing Y N 249 
PHE CD1 CE1  sing Y N 250 
PHE CD1 HD1  sing N N 251 
PHE CD2 CE2  doub Y N 252 
PHE CD2 HD2  sing N N 253 
PHE CE1 CZ   doub Y N 254 
PHE CE1 HE1  sing N N 255 
PHE CE2 CZ   sing Y N 256 
PHE CE2 HE2  sing N N 257 
PHE CZ  HZ   sing N N 258 
PHE OXT HXT  sing N N 259 
PRO N   CA   sing N N 260 
PRO N   CD   sing N N 261 
PRO N   H    sing N N 262 
PRO CA  C    sing N N 263 
PRO CA  CB   sing N N 264 
PRO CA  HA   sing N N 265 
PRO C   O    doub N N 266 
PRO C   OXT  sing N N 267 
PRO CB  CG   sing N N 268 
PRO CB  HB2  sing N N 269 
PRO CB  HB3  sing N N 270 
PRO CG  CD   sing N N 271 
PRO CG  HG2  sing N N 272 
PRO CG  HG3  sing N N 273 
PRO CD  HD2  sing N N 274 
PRO CD  HD3  sing N N 275 
PRO OXT HXT  sing N N 276 
SER N   CA   sing N N 277 
SER N   H    sing N N 278 
SER N   H2   sing N N 279 
SER CA  C    sing N N 280 
SER CA  CB   sing N N 281 
SER CA  HA   sing N N 282 
SER C   O    doub N N 283 
SER C   OXT  sing N N 284 
SER CB  OG   sing N N 285 
SER CB  HB2  sing N N 286 
SER CB  HB3  sing N N 287 
SER OG  HG   sing N N 288 
SER OXT HXT  sing N N 289 
SO4 S   O1   doub N N 290 
SO4 S   O2   doub N N 291 
SO4 S   O3   sing N N 292 
SO4 S   O4   sing N N 293 
THR N   CA   sing N N 294 
THR N   H    sing N N 295 
THR N   H2   sing N N 296 
THR CA  C    sing N N 297 
THR CA  CB   sing N N 298 
THR CA  HA   sing N N 299 
THR C   O    doub N N 300 
THR C   OXT  sing N N 301 
THR CB  OG1  sing N N 302 
THR CB  CG2  sing N N 303 
THR CB  HB   sing N N 304 
THR OG1 HG1  sing N N 305 
THR CG2 HG21 sing N N 306 
THR CG2 HG22 sing N N 307 
THR CG2 HG23 sing N N 308 
THR OXT HXT  sing N N 309 
TYR N   CA   sing N N 310 
TYR N   H    sing N N 311 
TYR N   H2   sing N N 312 
TYR CA  C    sing N N 313 
TYR CA  CB   sing N N 314 
TYR CA  HA   sing N N 315 
TYR C   O    doub N N 316 
TYR C   OXT  sing N N 317 
TYR CB  CG   sing N N 318 
TYR CB  HB2  sing N N 319 
TYR CB  HB3  sing N N 320 
TYR CG  CD1  doub Y N 321 
TYR CG  CD2  sing Y N 322 
TYR CD1 CE1  sing Y N 323 
TYR CD1 HD1  sing N N 324 
TYR CD2 CE2  doub Y N 325 
TYR CD2 HD2  sing N N 326 
TYR CE1 CZ   doub Y N 327 
TYR CE1 HE1  sing N N 328 
TYR CE2 CZ   sing Y N 329 
TYR CE2 HE2  sing N N 330 
TYR CZ  OH   sing N N 331 
TYR OH  HH   sing N N 332 
TYR OXT HXT  sing N N 333 
VAL N   CA   sing N N 334 
VAL N   H    sing N N 335 
VAL N   H2   sing N N 336 
VAL CA  C    sing N N 337 
VAL CA  CB   sing N N 338 
VAL CA  HA   sing N N 339 
VAL C   O    doub N N 340 
VAL C   OXT  sing N N 341 
VAL CB  CG1  sing N N 342 
VAL CB  CG2  sing N N 343 
VAL CB  HB   sing N N 344 
VAL CG1 HG11 sing N N 345 
VAL CG1 HG12 sing N N 346 
VAL CG1 HG13 sing N N 347 
VAL CG2 HG21 sing N N 348 
VAL CG2 HG22 sing N N 349 
VAL CG2 HG23 sing N N 350 
VAL OXT HXT  sing N N 351 
# 
_pdbx_initial_refinement_model.accession_code   ? 
_pdbx_initial_refinement_model.id               1 
_pdbx_initial_refinement_model.entity_id_list   ? 
_pdbx_initial_refinement_model.type             'experimental model' 
_pdbx_initial_refinement_model.source_name      Other 
_pdbx_initial_refinement_model.details          'NATIVE STRUCTURE' 
# 
_atom_sites.entry_id                    1SK2 
_atom_sites.fract_transf_matrix[1][1]   -0.00133056 
_atom_sites.fract_transf_matrix[1][2]   0.00157198 
_atom_sites.fract_transf_matrix[1][3]   0.01319884 
_atom_sites.fract_transf_matrix[2][1]   -0.00737099 
_atom_sites.fract_transf_matrix[2][2]   -0.00863028 
_atom_sites.fract_transf_matrix[2][3]   0.00704435 
_atom_sites.fract_transf_matrix[3][1]   0.00694474 
_atom_sites.fract_transf_matrix[3][2]   -0.00488506 
_atom_sites.fract_transf_matrix[3][3]   0.00128190 
_atom_sites.fract_transf_vector[1]      0.578831 
_atom_sites.fract_transf_vector[2]      0.703061 
_atom_sites.fract_transf_vector[3]      0.470266 
# 
loop_
_atom_type.symbol 
C  
CS 
N  
O  
S  
# 
loop_
_atom_site.group_PDB 
_atom_site.id 
_atom_site.type_symbol 
_atom_site.label_atom_id 
_atom_site.label_alt_id 
_atom_site.label_comp_id 
_atom_site.label_asym_id 
_atom_site.label_entity_id 
_atom_site.label_seq_id 
_atom_site.pdbx_PDB_ins_code 
_atom_site.Cartn_x 
_atom_site.Cartn_y 
_atom_site.Cartn_z 
_atom_site.occupancy 
_atom_site.B_iso_or_equiv 
_atom_site.pdbx_formal_charge 
_atom_site.auth_seq_id 
_atom_site.auth_comp_id 
_atom_site.auth_asym_id 
_atom_site.auth_atom_id 
_atom_site.pdbx_PDB_model_num 
ATOM   1    N  N   . ASN A 1 3   ? -0.936  15.734  5.076   1.00 35.25  ? 3    ASN A N   1 
ATOM   2    C  CA  . ASN A 1 3   ? -1.766  14.810  5.850   1.00 35.06  ? 3    ASN A CA  1 
ATOM   3    C  C   . ASN A 1 3   ? -1.651  13.404  5.241   1.00 21.55  ? 3    ASN A C   1 
ATOM   4    O  O   . ASN A 1 3   ? -2.410  13.139  4.318   1.00 21.22  ? 3    ASN A O   1 
ATOM   5    C  CB  . ASN A 1 3   ? -3.194  15.319  5.821   1.00 59.00  ? 3    ASN A CB  1 
ATOM   6    C  CG  . ASN A 1 3   ? -4.135  14.583  6.756   1.00 85.72  ? 3    ASN A CG  1 
ATOM   7    O  OD1 . ASN A 1 3   ? -5.342  14.839  6.799   1.00 97.36  ? 3    ASN A OD1 1 
ATOM   8    N  ND2 . ASN A 1 3   ? -3.579  13.653  7.521   1.00 110.57 ? 3    ASN A ND2 1 
ATOM   9    N  N   . ILE A 1 4   ? -0.728  12.574  5.741   1.00 16.59  ? 4    ILE A N   1 
ATOM   10   C  CA  . ILE A 1 4   ? -0.454  11.302  5.065   1.00 17.57  ? 4    ILE A CA  1 
ATOM   11   C  C   . ILE A 1 4   ? -0.635  10.113  5.994   1.00 21.00  ? 4    ILE A C   1 
ATOM   12   O  O   . ILE A 1 4   ? -0.204  10.166  7.141   1.00 18.98  ? 4    ILE A O   1 
ATOM   13   C  CB  . ILE A 1 4   ? 0.991   11.260  4.523   1.00 17.76  ? 4    ILE A CB  1 
ATOM   14   C  CG1 . ILE A 1 4   ? 1.296   12.532  3.729   1.00 16.94  ? 4    ILE A CG1 1 
ATOM   15   C  CG2 . ILE A 1 4   ? 1.268   9.982   3.734   1.00 17.42  ? 4    ILE A CG2 1 
ATOM   16   C  CD1 . ILE A 1 4   ? 2.652   12.519  3.073   1.00 19.41  ? 4    ILE A CD1 1 
ATOM   17   N  N   . THR A 1 5   ? -1.284  9.089   5.439   1.00 16.14  ? 5    THR A N   1 
ATOM   18   C  CA  . THR A 1 5   ? -1.451  7.842   6.188   1.00 16.58  ? 5    THR A CA  1 
ATOM   19   C  C   . THR A 1 5   ? -0.877  6.697   5.369   1.00 16.32  ? 5    THR A C   1 
ATOM   20   O  O   . THR A 1 5   ? -1.090  6.678   4.147   1.00 17.17  ? 5    THR A O   1 
ATOM   21   C  CB  . THR A 1 5   ? -2.936  7.579   6.500   1.00 25.98  ? 5    THR A CB  1 
ATOM   22   O  OG1 . THR A 1 5   ? -3.433  8.677   7.285   1.00 20.55  ? 5    THR A OG1 1 
ATOM   23   C  CG2 . THR A 1 5   ? -3.106  6.308   7.322   1.00 18.68  ? 5    THR A CG2 1 
ATOM   24   N  N   . ILE A 1 6   ? -0.166  5.788   6.039   1.00 16.13  ? 6    ILE A N   1 
ATOM   25   C  CA  . ILE A 1 6   ? 0.318   4.587   5.377   1.00 14.94  ? 6    ILE A CA  1 
ATOM   26   C  C   . ILE A 1 6   ? -0.185  3.380   6.183   1.00 15.95  ? 6    ILE A C   1 
ATOM   27   O  O   . ILE A 1 6   ? 0.040   3.348   7.398   1.00 16.73  ? 6    ILE A O   1 
ATOM   28   C  CB  . ILE A 1 6   ? 1.850   4.509   5.204   1.00 16.55  ? 6    ILE A CB  1 
ATOM   29   C  CG1 . ILE A 1 6   ? 2.292   3.204   4.520   1.00 14.36  ? 6    ILE A CG1 1 
ATOM   30   C  CG2 . ILE A 1 6   ? 2.603   4.717   6.519   1.00 16.35  ? 6    ILE A CG2 1 
ATOM   31   C  CD1 . ILE A 1 6   ? 3.790   3.153   4.254   1.00 16.19  ? 6    ILE A CD1 1 
ATOM   32   N  N   . TYR A 1 7   ? -0.814  2.451   5.503   1.00 13.47  ? 7    TYR A N   1 
ATOM   33   C  CA  . TYR A 1 7   ? -1.142  1.118   6.013   1.00 16.80  ? 7    TYR A CA  1 
ATOM   34   C  C   . TYR A 1 7   ? 0.085   0.243   5.752   1.00 17.92  ? 7    TYR A C   1 
ATOM   35   O  O   . TYR A 1 7   ? 0.300   -0.191  4.613   1.00 16.63  ? 7    TYR A O   1 
ATOM   36   C  CB  . TYR A 1 7   ? -2.367  0.535   5.308   1.00 16.47  ? 7    TYR A CB  1 
ATOM   37   C  CG  . TYR A 1 7   ? -3.600  1.354   5.632   1.00 18.68  ? 7    TYR A CG  1 
ATOM   38   C  CD1 . TYR A 1 7   ? -3.941  2.455   4.858   1.00 16.03  ? 7    TYR A CD1 1 
ATOM   39   C  CD2 . TYR A 1 7   ? -4.379  0.991   6.728   1.00 19.96  ? 7    TYR A CD2 1 
ATOM   40   C  CE1 . TYR A 1 7   ? -5.069  3.203   5.160   1.00 22.91  ? 7    TYR A CE1 1 
ATOM   41   C  CE2 . TYR A 1 7   ? -5.508  1.747   7.019   1.00 21.57  ? 7    TYR A CE2 1 
ATOM   42   C  CZ  . TYR A 1 7   ? -5.847  2.835   6.247   1.00 27.62  ? 7    TYR A CZ  1 
ATOM   43   O  OH  . TYR A 1 7   ? -6.979  3.576   6.571   1.00 27.22  ? 7    TYR A OH  1 
ATOM   44   N  N   . HIS A 1 8   ? 0.840   0.065   6.832   1.00 16.72  ? 8    HIS A N   1 
ATOM   45   C  CA  . HIS A 1 8   ? 2.208   -0.432  6.771   1.00 15.73  ? 8    HIS A CA  1 
ATOM   46   C  C   . HIS A 1 8   ? 2.373   -1.828  7.333   1.00 21.69  ? 8    HIS A C   1 
ATOM   47   O  O   . HIS A 1 8   ? 1.739   -2.187  8.338   1.00 19.05  ? 8    HIS A O   1 
ATOM   48   C  CB  . HIS A 1 8   ? 3.073   0.530   7.619   1.00 18.12  ? 8    HIS A CB  1 
ATOM   49   C  CG  . HIS A 1 8   ? 4.541   0.245   7.675   1.00 17.82  ? 8    HIS A CG  1 
ATOM   50   N  ND1 . HIS A 1 8   ? 5.338   -0.022  6.589   1.00 18.72  ? 8    HIS A ND1 1 
ATOM   51   C  CD2 . HIS A 1 8   ? 5.365   0.241   8.764   1.00 17.05  ? 8    HIS A CD2 1 
ATOM   52   C  CE1 . HIS A 1 8   ? 6.590   -0.193  6.983   1.00 18.38  ? 8    HIS A CE1 1 
ATOM   53   N  NE2 . HIS A 1 8   ? 6.617   -0.044  8.299   1.00 19.21  ? 8    HIS A NE2 1 
ATOM   54   N  N   . ASN A 1 9   ? 3.255   -2.603  6.700   1.00 19.58  ? 9    ASN A N   1 
ATOM   55   C  CA  . ASN A 1 9   ? 3.749   -3.856  7.243   1.00 18.88  ? 9    ASN A CA  1 
ATOM   56   C  C   . ASN A 1 9   ? 5.271   -3.780  7.375   1.00 19.00  ? 9    ASN A C   1 
ATOM   57   O  O   . ASN A 1 9   ? 5.954   -3.889  6.363   1.00 19.96  ? 9    ASN A O   1 
ATOM   58   C  CB  . ASN A 1 9   ? 3.389   -5.021  6.312   1.00 18.97  ? 9    ASN A CB  1 
ATOM   59   C  CG  . ASN A 1 9   ? 3.841   -6.342  6.923   1.00 22.84  ? 9    ASN A CG  1 
ATOM   60   O  OD1 . ASN A 1 9   ? 4.510   -6.403  7.941   1.00 22.04  ? 9    ASN A OD1 1 
ATOM   61   N  ND2 . ASN A 1 9   ? 3.414   -7.423  6.269   1.00 38.41  ? 9    ASN A ND2 1 
ATOM   62   N  N   . PRO A 1 10  ? 5.795   -3.571  8.565   1.00 18.01  ? 10   PRO A N   1 
ATOM   63   C  CA  . PRO A 1 10  ? 7.246   -3.406  8.733   1.00 16.13  ? 10   PRO A CA  1 
ATOM   64   C  C   . PRO A 1 10  ? 8.042   -4.620  8.290   1.00 20.55  ? 10   PRO A C   1 
ATOM   65   O  O   . PRO A 1 10  ? 9.265   -4.567  8.065   1.00 20.50  ? 10   PRO A O   1 
ATOM   66   C  CB  . PRO A 1 10  ? 7.423   -3.242  10.248  1.00 19.42  ? 10   PRO A CB  1 
ATOM   67   C  CG  . PRO A 1 10  ? 6.085   -3.380  10.875  1.00 26.75  ? 10   PRO A CG  1 
ATOM   68   C  CD  . PRO A 1 10  ? 5.036   -3.439  9.822   1.00 21.07  ? 10   PRO A CD  1 
ATOM   69   N  N   . ALA A 1 11  ? 7.380   -5.762  8.135   1.00 22.44  ? 11   ALA A N   1 
ATOM   70   C  CA  . ALA A 1 11  ? 8.120   -6.966  7.677   1.00 19.07  ? 11   ALA A CA  1 
ATOM   71   C  C   . ALA A 1 11  ? 8.177   -7.087  6.176   1.00 17.97  ? 11   ALA A C   1 
ATOM   72   O  O   . ALA A 1 11  ? 8.739   -8.043  5.648   1.00 27.87  ? 11   ALA A O   1 
ATOM   73   C  CB  . ALA A 1 11  ? 7.452   -8.218  8.274   1.00 20.78  ? 11   ALA A CB  1 
ATOM   74   N  N   . CYS A 1 12  ? 7.637   -6.130  5.413   1.00 16.36  ? 12   CYS A N   1 
ATOM   75   C  CA  . CYS A 1 12  ? 7.603   -6.146  3.960   1.00 15.54  ? 12   CYS A CA  1 
ATOM   76   C  C   . CYS A 1 12  ? 8.509   -5.050  3.366   1.00 18.91  ? 12   CYS A C   1 
ATOM   77   O  O   . CYS A 1 12  ? 8.347   -3.864  3.673   1.00 17.93  ? 12   CYS A O   1 
ATOM   78   C  CB  . CYS A 1 12  ? 6.169   -5.936  3.474   1.00 18.60  ? 12   CYS A CB  1 
ATOM   79   S  SG  . CYS A 1 12  ? 5.974   -5.682  1.710   1.00 27.40  ? 12   CYS A SG  1 
ATOM   80   N  N   . GLY A 1 13  ? 9.487   -5.443  2.556   1.00 16.01  ? 13   GLY A N   1 
ATOM   81   C  CA  . GLY A 1 13  ? 10.445  -4.537  1.949   1.00 14.53  ? 13   GLY A CA  1 
ATOM   82   C  C   . GLY A 1 13  ? 9.771   -3.455  1.140   1.00 16.55  ? 13   GLY A C   1 
ATOM   83   O  O   . GLY A 1 13  ? 10.187  -2.302  1.203   1.00 16.22  ? 13   GLY A O   1 
ATOM   84   N  N   . THR A 1 14  ? 8.730   -3.824  0.389   1.00 15.83  ? 14   THR A N   1 
ATOM   85   C  CA  . THR A 1 14  ? 8.008   -2.804  -0.364  1.00 15.18  ? 14   THR A CA  1 
ATOM   86   C  C   . THR A 1 14  ? 7.460   -1.742  0.572   1.00 19.27  ? 14   THR A C   1 
ATOM   87   O  O   . THR A 1 14  ? 7.539   -0.546  0.256   1.00 15.98  ? 14   THR A O   1 
ATOM   88   C  CB  . THR A 1 14  ? 6.875   -3.450  -1.183  1.00 15.06  ? 14   THR A CB  1 
ATOM   89   O  OG1 . THR A 1 14  ? 7.469   -4.470  -2.018  1.00 16.80  ? 14   THR A OG1 1 
ATOM   90   C  CG2 . THR A 1 14  ? 6.261   -2.438  -2.134  1.00 17.66  ? 14   THR A CG2 1 
ATOM   91   N  N   . SER A 1 15  ? 6.926   -2.178  1.710   1.00 14.62  ? 15   SER A N   1 
ATOM   92   C  CA  . SER A 1 15  ? 6.310   -1.254  2.676   1.00 13.96  ? 15   SER A CA  1 
ATOM   93   C  C   . SER A 1 15  ? 7.380   -0.383  3.307   1.00 13.42  ? 15   SER A C   1 
ATOM   94   O  O   . SER A 1 15  ? 7.274   0.849   3.450   1.00 14.57  ? 15   SER A O   1 
ATOM   95   C  CB  . SER A 1 15  ? 5.505   -2.054  3.710   1.00 14.20  ? 15   SER A CB  1 
ATOM   96   O  OG  . SER A 1 15  ? 4.546   -1.197  4.323   1.00 15.05  ? 15   SER A OG  1 
ATOM   97   N  N   . ARG A 1 16  ? 8.505   -1.010  3.693   1.00 13.51  ? 16   ARG A N   1 
ATOM   98   C  CA  . ARG A 1 16  ? 9.577   -0.183  4.242   1.00 13.17  ? 16   ARG A CA  1 
ATOM   99   C  C   . ARG A 1 16  ? 10.081  0.856   3.249   1.00 13.42  ? 16   ARG A C   1 
ATOM   100  O  O   . ARG A 1 16  ? 10.221  2.039   3.605   1.00 15.73  ? 16   ARG A O   1 
ATOM   101  C  CB  . ARG A 1 16  ? 10.751  -1.099  4.651   1.00 15.54  ? 16   ARG A CB  1 
ATOM   102  C  CG  . ARG A 1 16  ? 10.432  -1.948  5.857   1.00 17.43  ? 16   ARG A CG  1 
ATOM   103  C  CD  . ARG A 1 16  ? 11.648  -2.727  6.322   1.00 15.36  ? 16   ARG A CD  1 
ATOM   104  N  NE  . ARG A 1 16  ? 12.278  -3.585  5.328   1.00 14.64  ? 16   ARG A NE  1 
ATOM   105  C  CZ  . ARG A 1 16  ? 11.955  -4.857  5.146   1.00 16.00  ? 16   ARG A CZ  1 
ATOM   106  N  NH1 . ARG A 1 16  ? 10.999  -5.424  5.882   1.00 18.76  ? 16   ARG A NH1 1 
ATOM   107  N  NH2 . ARG A 1 16  ? 12.591  -5.587  4.228   1.00 16.68  ? 16   ARG A NH2 1 
ATOM   108  N  N   . ASN A 1 17  ? 10.367  0.445   2.010   1.00 13.39  ? 17   ASN A N   1 
ATOM   109  C  CA  . ASN A 1 17  ? 10.820  1.428   1.017   1.00 14.14  ? 17   ASN A CA  1 
ATOM   110  C  C   . ASN A 1 17  ? 9.803   2.571   0.818   1.00 15.45  ? 17   ASN A C   1 
ATOM   111  O  O   . ASN A 1 17  ? 10.187  3.734   0.672   1.00 13.60  ? 17   ASN A O   1 
ATOM   112  C  CB  . ASN A 1 17  ? 11.067  0.818   -0.363  1.00 14.80  ? 17   ASN A CB  1 
ATOM   113  C  CG  . ASN A 1 17  ? 12.368  0.030   -0.429  1.00 12.37  ? 17   ASN A CG  1 
ATOM   114  O  OD1 . ASN A 1 17  ? 13.376  0.395   0.180   1.00 15.15  ? 17   ASN A OD1 1 
ATOM   115  N  ND2 . ASN A 1 17  ? 12.365  -1.095  -1.158  1.00 15.84  ? 17   ASN A ND2 1 
ATOM   116  N  N   . THR A 1 18  ? 8.521   2.228   0.772   1.00 12.79  ? 18   THR A N   1 
ATOM   117  C  CA  . THR A 1 18  ? 7.507   3.280   0.611   1.00 13.92  ? 18   THR A CA  1 
ATOM   118  C  C   . THR A 1 18  ? 7.533   4.253   1.792   1.00 15.60  ? 18   THR A C   1 
ATOM   119  O  O   . THR A 1 18  ? 7.518   5.478   1.561   1.00 15.54  ? 18   THR A O   1 
ATOM   120  C  CB  . THR A 1 18  ? 6.098   2.640   0.527   1.00 11.50  ? 18   THR A CB  1 
ATOM   121  O  OG1 . THR A 1 18  ? 6.046   1.789   -0.632  1.00 13.50  ? 18   THR A OG1 1 
ATOM   122  C  CG2 . THR A 1 18  ? 5.032   3.706   0.401   1.00 11.80  ? 18   THR A CG2 1 
ATOM   123  N  N   . LEU A 1 19  ? 7.599   3.739   3.026   1.00 13.94  ? 19   LEU A N   1 
ATOM   124  C  CA  . LEU A 1 19  ? 7.694   4.634   4.195   1.00 15.74  ? 19   LEU A CA  1 
ATOM   125  C  C   . LEU A 1 19  ? 8.905   5.557   4.143   1.00 17.67  ? 19   LEU A C   1 
ATOM   126  O  O   . LEU A 1 19  ? 8.763   6.761   4.418   1.00 15.10  ? 19   LEU A O   1 
ATOM   127  C  CB  . LEU A 1 19  ? 7.707   3.798   5.472   1.00 13.50  ? 19   LEU A CB  1 
ATOM   128  C  CG  . LEU A 1 19  ? 7.751   4.535   6.795   1.00 13.80  ? 19   LEU A CG  1 
ATOM   129  C  CD1 . LEU A 1 19  ? 6.700   5.635   6.893   1.00 14.20  ? 19   LEU A CD1 1 
ATOM   130  C  CD2 . LEU A 1 19  ? 7.540   3.494   7.907   1.00 18.27  ? 19   LEU A CD2 1 
ATOM   131  N  N   . GLU A 1 20  ? 10.068  4.995   3.763   1.00 16.59  ? 20   GLU A N   1 
ATOM   132  C  CA  . GLU A 1 20  ? 11.249  5.870   3.675   1.00 15.34  ? 20   GLU A CA  1 
ATOM   133  C  C   . GLU A 1 20  ? 11.091  6.878   2.563   1.00 12.77  ? 20   GLU A C   1 
ATOM   134  O  O   . GLU A 1 20  ? 11.541  8.019   2.733   1.00 14.40  ? 20   GLU A O   1 
ATOM   135  C  CB  . GLU A 1 20  ? 12.517  5.012   3.504   1.00 16.25  ? 20   GLU A CB  1 
ATOM   136  C  CG  . GLU A 1 20  ? 12.717  4.031   4.650   1.00 13.77  ? 20   GLU A CG  1 
ATOM   137  C  CD  . GLU A 1 20  ? 12.976  4.633   6.016   1.00 19.80  ? 20   GLU A CD  1 
ATOM   138  O  OE1 . GLU A 1 20  ? 12.513  5.750   6.329   1.00 31.39  ? 20   GLU A OE1 1 
ATOM   139  O  OE2 . GLU A 1 20  ? 13.619  3.979   6.891   1.00 17.79  ? 20   GLU A OE2 1 
ATOM   140  N  N   . MET A 1 21  ? 10.461  6.593   1.406   1.00 13.37  ? 21   MET A N   1 
ATOM   141  C  CA  . MET A 1 21  ? 10.229  7.661   0.440   1.00 14.29  ? 21   MET A CA  1 
ATOM   142  C  C   . MET A 1 21  ? 9.244   8.701   0.971   1.00 12.26  ? 21   MET A C   1 
ATOM   143  O  O   . MET A 1 21  ? 9.445   9.879   0.675   1.00 14.02  ? 21   MET A O   1 
ATOM   144  C  CB  . MET A 1 21  ? 9.699   7.104   -0.906  1.00 13.96  ? 21   MET A CB  1 
ATOM   145  C  CG  . MET A 1 21  ? 10.845  6.720   -1.817  1.00 13.82  ? 21   MET A CG  1 
ATOM   146  S  SD  . MET A 1 21  ? 10.317  6.003   -3.380  1.00 16.91  ? 21   MET A SD  1 
ATOM   147  C  CE  . MET A 1 21  ? 9.799   4.378   -2.844  1.00 19.10  ? 21   MET A CE  1 
ATOM   148  N  N   . ILE A 1 22  ? 8.228   8.316   1.767   1.00 12.22  ? 22   ILE A N   1 
ATOM   149  C  CA  . ILE A 1 22  ? 7.327   9.359   2.297   1.00 12.37  ? 22   ILE A CA  1 
ATOM   150  C  C   . ILE A 1 22  ? 8.160   10.302  3.194   1.00 14.42  ? 22   ILE A C   1 
ATOM   151  O  O   . ILE A 1 22  ? 8.089   11.511  3.053   1.00 15.26  ? 22   ILE A O   1 
ATOM   152  C  CB  . ILE A 1 22  ? 6.189   8.745   3.114   1.00 12.10  ? 22   ILE A CB  1 
ATOM   153  C  CG1 . ILE A 1 22  ? 5.233   7.907   2.220   1.00 14.54  ? 22   ILE A CG1 1 
ATOM   154  C  CG2 . ILE A 1 22  ? 5.442   9.806   3.888   1.00 15.13  ? 22   ILE A CG2 1 
ATOM   155  C  CD1 . ILE A 1 22  ? 4.317   7.066   3.105   1.00 16.10  ? 22   ILE A CD1 1 
ATOM   156  N  N   . ARG A 1 23  ? 8.945   9.661   4.073   1.00 12.99  ? 23   ARG A N   1 
ATOM   157  C  CA  . ARG A 1 23  ? 9.792   10.449  4.972   1.00 14.30  ? 23   ARG A CA  1 
ATOM   158  C  C   . ARG A 1 23  ? 10.787  11.322  4.223   1.00 13.31  ? 23   ARG A C   1 
ATOM   159  O  O   . ARG A 1 23  ? 11.058  12.446  4.659   1.00 16.80  ? 23   ARG A O   1 
ATOM   160  C  CB  . ARG A 1 23  ? 10.545  9.533   5.950   1.00 17.34  ? 23   ARG A CB  1 
ATOM   161  C  CG  . ARG A 1 23  ? 9.618   8.867   6.966   1.00 16.27  ? 23   ARG A CG  1 
ATOM   162  C  CD  . ARG A 1 23  ? 10.400  7.865   7.839   1.00 18.44  ? 23   ARG A CD  1 
ATOM   163  N  NE  . ARG A 1 23  ? 9.544   7.500   8.969   1.00 19.75  ? 23   ARG A NE  1 
ATOM   164  C  CZ  . ARG A 1 23  ? 9.519   6.327   9.574   1.00 18.50  ? 23   ARG A CZ  1 
ATOM   165  N  NH1 . ARG A 1 23  ? 10.339  5.352   9.168   1.00 17.65  ? 23   ARG A NH1 1 
ATOM   166  N  NH2 . ARG A 1 23  ? 8.667   6.188   10.583  1.00 20.38  ? 23   ARG A NH2 1 
ATOM   167  N  N   . ASN A 1 24  ? 11.351  10.842  3.118   1.00 13.22  ? 24   ASN A N   1 
ATOM   168  C  CA  . ASN A 1 24  ? 12.301  11.675  2.348   1.00 16.62  ? 24   ASN A CA  1 
ATOM   169  C  C   . ASN A 1 24  ? 11.662  12.802  1.565   1.00 18.12  ? 24   ASN A C   1 
ATOM   170  O  O   . ASN A 1 24  ? 12.354  13.646  0.958   1.00 17.91  ? 24   ASN A O   1 
ATOM   171  C  CB  . ASN A 1 24  ? 13.087  10.783  1.357   1.00 16.41  ? 24   ASN A CB  1 
ATOM   172  C  CG  . ASN A 1 24  ? 14.315  11.425  0.745   1.00 15.86  ? 24   ASN A CG  1 
ATOM   173  O  OD1 . ASN A 1 24  ? 14.578  11.327  -0.462  1.00 19.27  ? 24   ASN A OD1 1 
ATOM   174  N  ND2 . ASN A 1 24  ? 15.137  12.064  1.572   1.00 16.35  ? 24   ASN A ND2 1 
ATOM   175  N  N   . SER A 1 25  ? 10.320  12.847  1.528   1.00 13.67  ? 25   SER A N   1 
ATOM   176  C  CA  . SER A 1 25  ? 9.635   14.021  0.998   1.00 14.51  ? 25   SER A CA  1 
ATOM   177  C  C   . SER A 1 25  ? 9.392   15.073  2.081   1.00 15.75  ? 25   SER A C   1 
ATOM   178  O  O   . SER A 1 25  ? 8.838   16.126  1.744   1.00 17.76  ? 25   SER A O   1 
ATOM   179  C  CB  . SER A 1 25  ? 8.273   13.676  0.383   1.00 15.90  ? 25   SER A CB  1 
ATOM   180  O  OG  . SER A 1 25  ? 7.350   13.343  1.392   1.00 15.55  ? 25   SER A OG  1 
ATOM   181  N  N   . GLY A 1 26  ? 9.809   14.755  3.302   1.00 16.14  ? 26   GLY A N   1 
ATOM   182  C  CA  . GLY A 1 26  ? 9.749   15.723  4.375   1.00 18.74  ? 26   GLY A CA  1 
ATOM   183  C  C   . GLY A 1 26  ? 8.556   15.631  5.292   1.00 22.02  ? 26   GLY A C   1 
ATOM   184  O  O   . GLY A 1 26  ? 8.345   16.520  6.140   1.00 22.25  ? 26   GLY A O   1 
ATOM   185  N  N   . THR A 1 27  ? 7.731   14.599  5.197   1.00 17.09  ? 27   THR A N   1 
ATOM   186  C  CA  . THR A 1 27  ? 6.715   14.453  6.236   1.00 19.68  ? 27   THR A CA  1 
ATOM   187  C  C   . THR A 1 27  ? 6.710   13.046  6.835   1.00 24.25  ? 27   THR A C   1 
ATOM   188  O  O   . THR A 1 27  ? 6.995   12.006  6.236   1.00 21.99  ? 27   THR A O   1 
ATOM   189  C  CB  . THR A 1 27  ? 5.268   14.887  5.878   1.00 34.60  ? 27   THR A CB  1 
ATOM   190  O  OG1 . THR A 1 27  ? 4.376   13.794  5.642   1.00 49.87  ? 27   THR A OG1 1 
ATOM   191  C  CG2 . THR A 1 27  ? 5.160   15.746  4.642   1.00 15.99  ? 27   THR A CG2 1 
ATOM   192  N  N   . GLU A 1 28  ? 6.391   13.069  8.142   1.00 20.58  ? 28   GLU A N   1 
ATOM   193  C  CA  . GLU A 1 28  ? 6.212   11.837  8.921   1.00 17.67  ? 28   GLU A CA  1 
ATOM   194  C  C   . GLU A 1 28  ? 4.740   11.431  8.854   1.00 21.03  ? 28   GLU A C   1 
ATOM   195  O  O   . GLU A 1 28  ? 3.872   12.201  9.297   1.00 23.76  ? 28   GLU A O   1 
ATOM   196  C  CB  . GLU A 1 28  ? 6.703   12.003  10.352  1.00 22.89  ? 28   GLU A CB  1 
ATOM   197  C  CG  . GLU A 1 28  ? 6.534   10.812  11.288  1.00 27.09  ? 28   GLU A CG  1 
ATOM   198  C  CD  . GLU A 1 28  ? 7.322   9.570   10.873  1.00 21.27  ? 28   GLU A CD  1 
ATOM   199  O  OE1 . GLU A 1 28  ? 7.047   8.465   11.390  1.00 24.05  ? 28   GLU A OE1 1 
ATOM   200  O  OE2 . GLU A 1 28  ? 8.205   9.723   10.027  1.00 21.35  ? 28   GLU A OE2 1 
ATOM   201  N  N   . PRO A 1 29  ? 4.402   10.290  8.272   1.00 16.62  ? 29   PRO A N   1 
ATOM   202  C  CA  . PRO A 1 29  ? 2.979   9.949   8.094   1.00 18.06  ? 29   PRO A CA  1 
ATOM   203  C  C   . PRO A 1 29  ? 2.372   9.385   9.373   1.00 16.30  ? 29   PRO A C   1 
ATOM   204  O  O   . PRO A 1 29  ? 3.165   8.960   10.212  1.00 19.29  ? 29   PRO A O   1 
ATOM   205  C  CB  . PRO A 1 29  ? 3.042   8.850   7.014   1.00 16.42  ? 29   PRO A CB  1 
ATOM   206  C  CG  . PRO A 1 29  ? 4.367   8.160   7.290   1.00 16.14  ? 29   PRO A CG  1 
ATOM   207  C  CD  . PRO A 1 29  ? 5.302   9.265   7.721   1.00 19.02  ? 29   PRO A CD  1 
ATOM   208  N  N   . THR A 1 30  ? 1.061   9.336   9.462   1.00 16.24  ? 30   THR A N   1 
ATOM   209  C  CA  . THR A 1 30  ? 0.409   8.406   10.386  1.00 19.34  ? 30   THR A CA  1 
ATOM   210  C  C   . THR A 1 30  ? 0.630   6.971   9.880   1.00 17.75  ? 30   THR A C   1 
ATOM   211  O  O   . THR A 1 30  ? 0.463   6.685   8.692   1.00 18.02  ? 30   THR A O   1 
ATOM   212  C  CB  . THR A 1 30  ? -1.098  8.671   10.529  1.00 26.05  ? 30   THR A CB  1 
ATOM   213  O  OG1 . THR A 1 30  ? -1.226  10.030  10.959  1.00 26.38  ? 30   THR A OG1 1 
ATOM   214  C  CG2 . THR A 1 30  ? -1.702  7.745   11.562  1.00 21.84  ? 30   THR A CG2 1 
ATOM   215  N  N   . ILE A 1 31  ? 1.043   6.110   10.796  1.00 19.69  ? 31   ILE A N   1 
ATOM   216  C  CA  . ILE A 1 31  ? 1.373   4.720   10.478  1.00 15.71  ? 31   ILE A CA  1 
ATOM   217  C  C   . ILE A 1 31  ? 0.325   3.823   11.133  1.00 24.53  ? 31   ILE A C   1 
ATOM   218  O  O   . ILE A 1 31  ? 0.221   3.793   12.364  1.00 19.94  ? 31   ILE A O   1 
ATOM   219  C  CB  . ILE A 1 31  ? 2.791   4.320   10.935  1.00 20.41  ? 31   ILE A CB  1 
ATOM   220  C  CG1 . ILE A 1 31  ? 3.932   5.171   10.351  1.00 19.44  ? 31   ILE A CG1 1 
ATOM   221  C  CG2 . ILE A 1 31  ? 3.050   2.841   10.632  1.00 21.93  ? 31   ILE A CG2 1 
ATOM   222  C  CD1 . ILE A 1 31  ? 5.305   4.822   10.876  1.00 22.49  ? 31   ILE A CD1 1 
ATOM   223  N  N   . ILE A 1 32  ? -0.416  3.154   10.255  1.00 19.03  ? 32   ILE A N   1 
ATOM   224  C  CA  . ILE A 1 32  ? -1.429  2.192   10.717  1.00 16.92  ? 32   ILE A CA  1 
ATOM   225  C  C   . ILE A 1 32  ? -0.949  0.780   10.453  1.00 18.34  ? 32   ILE A C   1 
ATOM   226  O  O   . ILE A 1 32  ? -0.695  0.356   9.308   1.00 18.88  ? 32   ILE A O   1 
ATOM   227  C  CB  . ILE A 1 32  ? -2.775  2.478   10.043  1.00 17.30  ? 32   ILE A CB  1 
ATOM   228  C  CG1 . ILE A 1 32  ? -3.352  3.873   10.301  1.00 20.78  ? 32   ILE A CG1 1 
ATOM   229  C  CG2 . ILE A 1 32  ? -3.758  1.367   10.425  1.00 17.74  ? 32   ILE A CG2 1 
ATOM   230  C  CD1 . ILE A 1 32  ? -4.683  4.083   9.609   1.00 28.81  ? 32   ILE A CD1 1 
ATOM   231  N  N   . LEU A 1 33  ? -0.796  -0.001  11.514  1.00 19.22  ? 33   LEU A N   1 
ATOM   232  C  CA  . LEU A 1 33  ? -0.384  -1.400  11.309  1.00 21.05  ? 33   LEU A CA  1 
ATOM   233  C  C   . LEU A 1 33  ? -1.627  -2.218  10.975  1.00 26.72  ? 33   LEU A C   1 
ATOM   234  O  O   . LEU A 1 33  ? -2.284  -2.735  11.878  1.00 25.60  ? 33   LEU A O   1 
ATOM   235  C  CB  . LEU A 1 33  ? 0.351   -1.831  12.575  1.00 25.86  ? 33   LEU A CB  1 
ATOM   236  C  CG  . LEU A 1 33  ? 1.602   -1.007  12.910  1.00 24.38  ? 33   LEU A CG  1 
ATOM   237  C  CD1 . LEU A 1 33  ? 2.208   -1.404  14.254  1.00 31.32  ? 33   LEU A CD1 1 
ATOM   238  C  CD2 . LEU A 1 33  ? 2.649   -1.172  11.810  1.00 28.74  ? 33   LEU A CD2 1 
ATOM   239  N  N   . TYR A 1 34  ? -2.010  -2.310  9.701   1.00 34.06  ? 34   TYR A N   1 
ATOM   240  C  CA  . TYR A 1 34  ? -3.319  -2.817  9.279   1.00 35.47  ? 34   TYR A CA  1 
ATOM   241  C  C   . TYR A 1 34  ? -3.565  -4.243  9.755   1.00 33.89  ? 34   TYR A C   1 
ATOM   242  O  O   . TYR A 1 34  ? -4.707  -4.680  9.997   1.00 30.61  ? 34   TYR A O   1 
ATOM   243  C  CB  . TYR A 1 34  ? -3.505  -2.728  7.749   1.00 23.74  ? 34   TYR A CB  1 
ATOM   244  C  CG  . TYR A 1 34  ? -2.636  -3.703  6.985   1.00 27.94  ? 34   TYR A CG  1 
ATOM   245  C  CD1 . TYR A 1 34  ? -3.109  -4.948  6.557   1.00 28.92  ? 34   TYR A CD1 1 
ATOM   246  C  CD2 . TYR A 1 34  ? -1.331  -3.365  6.690   1.00 22.82  ? 34   TYR A CD2 1 
ATOM   247  C  CE1 . TYR A 1 34  ? -2.258  -5.794  5.854   1.00 26.47  ? 34   TYR A CE1 1 
ATOM   248  C  CE2 . TYR A 1 34  ? -0.473  -4.204  6.002   1.00 25.82  ? 34   TYR A CE2 1 
ATOM   249  C  CZ  . TYR A 1 34  ? -0.948  -5.431  5.581   1.00 34.23  ? 34   TYR A CZ  1 
ATOM   250  O  OH  . TYR A 1 34  ? -0.081  -6.269  4.896   1.00 31.38  ? 34   TYR A OH  1 
ATOM   251  N  N   . LEU A 1 35  ? -2.481  -5.006  9.896   1.00 25.41  ? 35   LEU A N   1 
ATOM   252  C  CA  . LEU A 1 35  ? -2.696  -6.377  10.403  1.00 29.98  ? 35   LEU A CA  1 
ATOM   253  C  C   . LEU A 1 35  ? -3.340  -6.343  11.779  1.00 37.68  ? 35   LEU A C   1 
ATOM   254  O  O   . LEU A 1 35  ? -4.120  -7.221  12.168  1.00 44.28  ? 35   LEU A O   1 
ATOM   255  C  CB  . LEU A 1 35  ? -1.360  -7.130  10.410  1.00 20.86  ? 35   LEU A CB  1 
ATOM   256  C  CG  . LEU A 1 35  ? -0.685  -7.197  9.032   1.00 33.46  ? 35   LEU A CG  1 
ATOM   257  C  CD1 . LEU A 1 35  ? 0.741   -7.715  9.154   1.00 35.71  ? 35   LEU A CD1 1 
ATOM   258  C  CD2 . LEU A 1 35  ? -1.498  -8.086  8.103   1.00 37.32  ? 35   LEU A CD2 1 
ATOM   259  N  N   . GLU A 1 36  ? -3.026  -5.297  12.555  1.00 29.91  ? 36   GLU A N   1 
ATOM   260  C  CA  . GLU A 1 36  ? -3.570  -5.286  13.916  1.00 41.02  ? 36   GLU A CA  1 
ATOM   261  C  C   . GLU A 1 36  ? -4.728  -4.305  14.033  1.00 36.12  ? 36   GLU A C   1 
ATOM   262  O  O   . GLU A 1 36  ? -5.621  -4.555  14.844  1.00 33.67  ? 36   GLU A O   1 
ATOM   263  C  CB  . GLU A 1 36  ? -2.530  -4.962  14.979  1.00 54.72  ? 36   GLU A CB  1 
ATOM   264  C  CG  . GLU A 1 36  ? -1.479  -3.915  14.689  1.00 71.53  ? 36   GLU A CG  1 
ATOM   265  C  CD  . GLU A 1 36  ? -0.527  -3.725  15.862  1.00 83.38  ? 36   GLU A CD  1 
ATOM   266  O  OE1 . GLU A 1 36  ? 0.372   -4.580  16.040  1.00 72.73  ? 36   GLU A OE1 1 
ATOM   267  O  OE2 . GLU A 1 36  ? -0.674  -2.728  16.608  1.00 86.92  ? 36   GLU A OE2 1 
ATOM   268  N  N   . ASN A 1 37  ? -4.699  -3.235  13.252  1.00 27.13  ? 37   ASN A N   1 
ATOM   269  C  CA  . ASN A 1 37  ? -5.831  -2.311  13.165  1.00 41.34  ? 37   ASN A CA  1 
ATOM   270  C  C   . ASN A 1 37  ? -6.322  -2.104  11.736  1.00 45.85  ? 37   ASN A C   1 
ATOM   271  O  O   . ASN A 1 37  ? -6.036  -1.019  11.206  1.00 32.12  ? 37   ASN A O   1 
ATOM   272  C  CB  . ASN A 1 37  ? -5.444  -0.954  13.774  1.00 44.57  ? 37   ASN A CB  1 
ATOM   273  C  CG  . ASN A 1 37  ? -4.739  -1.086  15.113  1.00 61.00  ? 37   ASN A CG  1 
ATOM   274  O  OD1 . ASN A 1 37  ? -5.388  -1.218  16.158  1.00 80.01  ? 37   ASN A OD1 1 
ATOM   275  N  ND2 . ASN A 1 37  ? -3.406  -1.049  15.130  1.00 53.03  ? 37   ASN A ND2 1 
ATOM   276  N  N   . PRO A 1 38  ? -7.031  -3.037  11.093  1.00 27.51  ? 38   PRO A N   1 
ATOM   277  C  CA  . PRO A 1 38  ? -7.483  -2.812  9.716   1.00 35.12  ? 38   PRO A CA  1 
ATOM   278  C  C   . PRO A 1 38  ? -8.575  -1.745  9.623   1.00 37.10  ? 38   PRO A C   1 
ATOM   279  O  O   . PRO A 1 38  ? -9.285  -1.434  10.580  1.00 33.03  ? 38   PRO A O   1 
ATOM   280  C  CB  . PRO A 1 38  ? -8.081  -4.157  9.296   1.00 40.35  ? 38   PRO A CB  1 
ATOM   281  C  CG  . PRO A 1 38  ? -8.501  -4.778  10.593  1.00 45.98  ? 38   PRO A CG  1 
ATOM   282  C  CD  . PRO A 1 38  ? -7.471  -4.342  11.610  1.00 37.55  ? 38   PRO A CD  1 
ATOM   283  N  N   . PRO A 1 39  ? -8.700  -1.184  8.425   1.00 39.70  ? 39   PRO A N   1 
ATOM   284  C  CA  . PRO A 1 39  ? -9.759  -0.199  8.183   1.00 31.74  ? 39   PRO A CA  1 
ATOM   285  C  C   . PRO A 1 39  ? -11.119 -0.836  8.455   1.00 28.35  ? 39   PRO A C   1 
ATOM   286  O  O   . PRO A 1 39  ? -11.218 -2.053  8.323   1.00 29.39  ? 39   PRO A O   1 
ATOM   287  C  CB  . PRO A 1 39  ? -9.598  0.125   6.697   1.00 36.43  ? 39   PRO A CB  1 
ATOM   288  C  CG  . PRO A 1 39  ? -8.720  -0.927  6.119   1.00 35.12  ? 39   PRO A CG  1 
ATOM   289  C  CD  . PRO A 1 39  ? -7.855  -1.426  7.238   1.00 45.26  ? 39   PRO A CD  1 
ATOM   290  N  N   . SER A 1 40  ? -12.164 -0.054  8.661   1.00 22.40  ? 40   SER A N   1 
ATOM   291  C  CA  . SER A 1 40  ? -13.539 -0.544  8.697   1.00 26.39  ? 40   SER A CA  1 
ATOM   292  C  C   . SER A 1 40  ? -14.094 -0.890  7.310   1.00 26.80  ? 40   SER A C   1 
ATOM   293  O  O   . SER A 1 40  ? -13.437 -0.625  6.291   1.00 26.37  ? 40   SER A O   1 
ATOM   294  C  CB  . SER A 1 40  ? -14.342 0.592   9.334   1.00 23.94  ? 40   SER A CB  1 
ATOM   295  O  OG  . SER A 1 40  ? -14.355 1.692   8.453   1.00 31.62  ? 40   SER A OG  1 
ATOM   296  N  N   . ARG A 1 41  ? -15.293 -1.463  7.171   1.00 26.86  ? 41   ARG A N   1 
ATOM   297  C  CA  . ARG A 1 41  ? -15.855 -1.779  5.861   1.00 24.20  ? 41   ARG A CA  1 
ATOM   298  C  C   . ARG A 1 41  ? -16.037 -0.529  5.002   1.00 29.09  ? 41   ARG A C   1 
ATOM   299  O  O   . ARG A 1 41  ? -15.608 -0.458  3.856   1.00 22.70  ? 41   ARG A O   1 
ATOM   300  C  CB  . ARG A 1 41  ? -17.204 -2.524  5.971   1.00 23.62  ? 41   ARG A CB  1 
ATOM   301  C  CG  . ARG A 1 41  ? -17.680 -3.047  4.619   1.00 25.50  ? 41   ARG A CG  1 
ATOM   302  C  CD  . ARG A 1 41  ? -18.902 -3.964  4.682   1.00 26.60  ? 41   ARG A CD  1 
ATOM   303  N  NE  . ARG A 1 41  ? -18.842 -5.046  3.688   1.00 21.42  ? 41   ARG A NE  1 
ATOM   304  C  CZ  . ARG A 1 41  ? -19.017 -4.851  2.390   1.00 18.76  ? 41   ARG A CZ  1 
ATOM   305  N  NH1 . ARG A 1 41  ? -19.280 -3.612  1.963   1.00 21.98  ? 41   ARG A NH1 1 
ATOM   306  N  NH2 . ARG A 1 41  ? -18.948 -5.846  1.514   1.00 21.15  ? 41   ARG A NH2 1 
ATOM   307  N  N   . ASP A 1 42  ? -16.681 0.529   5.519   1.00 28.25  ? 42   ASP A N   1 
ATOM   308  C  CA  . ASP A 1 42  ? -16.859 1.732   4.715   1.00 29.27  ? 42   ASP A CA  1 
ATOM   309  C  C   . ASP A 1 42  ? -15.513 2.345   4.327   1.00 20.92  ? 42   ASP A C   1 
ATOM   310  O  O   . ASP A 1 42  ? -15.380 2.808   3.188   1.00 25.84  ? 42   ASP A O   1 
ATOM   311  C  CB  . ASP A 1 42  ? -17.652 2.815   5.446   1.00 36.36  ? 42   ASP A CB  1 
ATOM   312  C  CG  . ASP A 1 42  ? -19.126 2.532   5.603   1.00 42.10  ? 42   ASP A CG  1 
ATOM   313  O  OD1 . ASP A 1 42  ? -19.760 2.017   4.665   1.00 37.80  ? 42   ASP A OD1 1 
ATOM   314  O  OD2 . ASP A 1 42  ? -19.647 2.837   6.702   1.00 53.67  ? 42   ASP A OD2 1 
ATOM   315  N  N   . GLU A 1 43  ? -14.568 2.341   5.258   1.00 26.58  ? 43   GLU A N   1 
ATOM   316  C  CA  . GLU A 1 43  ? -13.237 2.867   4.950   1.00 28.24  ? 43   GLU A CA  1 
ATOM   317  C  C   . GLU A 1 43  ? -12.572 2.037   3.854   1.00 29.30  ? 43   GLU A C   1 
ATOM   318  O  O   . GLU A 1 43  ? -11.935 2.553   2.941   1.00 21.26  ? 43   GLU A O   1 
ATOM   319  C  CB  A GLU A 1 43  ? -12.366 2.812   6.211   0.38 34.06  ? 43   GLU A CB  1 
ATOM   320  C  CB  B GLU A 1 43  ? -12.306 2.965   6.151   0.62 34.51  ? 43   GLU A CB  1 
ATOM   321  C  CG  A GLU A 1 43  ? -12.740 3.705   7.365   0.38 37.97  ? 43   GLU A CG  1 
ATOM   322  C  CG  B GLU A 1 43  ? -10.909 3.462   5.843   0.62 36.10  ? 43   GLU A CG  1 
ATOM   323  C  CD  A GLU A 1 43  ? -12.166 3.407   8.732   0.38 34.35  ? 43   GLU A CD  1 
ATOM   324  C  CD  B GLU A 1 43  ? -10.729 4.734   5.060   0.62 32.95  ? 43   GLU A CD  1 
ATOM   325  O  OE1 A GLU A 1 43  ? -11.169 2.679   8.933   0.38 17.49  ? 43   GLU A OE1 1 
ATOM   326  O  OE1 B GLU A 1 43  ? -11.648 5.274   4.424   0.62 23.70  ? 43   GLU A OE1 1 
ATOM   327  O  OE2 A GLU A 1 43  ? -12.688 4.019   9.698   0.38 31.49  ? 43   GLU A OE2 1 
ATOM   328  O  OE2 B GLU A 1 43  ? -9.586  5.257   5.041   0.62 43.51  ? 43   GLU A OE2 1 
ATOM   329  N  N   . LEU A 1 44  ? -12.707 0.710   3.953   1.00 22.70  ? 44   LEU A N   1 
ATOM   330  C  CA  . LEU A 1 44  ? -12.050 -0.167  2.998   1.00 19.89  ? 44   LEU A CA  1 
ATOM   331  C  C   . LEU A 1 44  ? -12.650 0.055   1.620   1.00 17.03  ? 44   LEU A C   1 
ATOM   332  O  O   . LEU A 1 44  ? -11.910 0.193   0.653   1.00 19.17  ? 44   LEU A O   1 
ATOM   333  C  CB  . LEU A 1 44  ? -12.171 -1.637  3.424   1.00 22.70  ? 44   LEU A CB  1 
ATOM   334  C  CG  . LEU A 1 44  ? -11.452 -2.669  2.558   1.00 22.11  ? 44   LEU A CG  1 
ATOM   335  C  CD1 . LEU A 1 44  ? -10.019 -2.249  2.225   1.00 20.69  ? 44   LEU A CD1 1 
ATOM   336  C  CD2 . LEU A 1 44  ? -11.495 -4.034  3.256   1.00 22.60  ? 44   LEU A CD2 1 
ATOM   337  N  N   . VAL A 1 45  ? -13.992 0.114   1.554   1.00 19.65  ? 45   VAL A N   1 
ATOM   338  C  CA  . VAL A 1 45  ? -14.616 0.393   0.258   1.00 16.95  ? 45   VAL A CA  1 
ATOM   339  C  C   . VAL A 1 45  ? -14.107 1.687   -0.371  1.00 17.28  ? 45   VAL A C   1 
ATOM   340  O  O   . VAL A 1 45  ? -13.833 1.731   -1.561  1.00 19.72  ? 45   VAL A O   1 
ATOM   341  C  CB  . VAL A 1 45  ? -16.150 0.457   0.424   1.00 19.27  ? 45   VAL A CB  1 
ATOM   342  C  CG1 . VAL A 1 45  ? -16.808 0.992   -0.832  1.00 23.91  ? 45   VAL A CG1 1 
ATOM   343  C  CG2 . VAL A 1 45  ? -16.674 -0.922  0.787   1.00 19.50  ? 45   VAL A CG2 1 
ATOM   344  N  N   . LYS A 1 46  ? -13.974 2.727   0.441   1.00 19.67  ? 46   LYS A N   1 
ATOM   345  C  CA  . LYS A 1 46  ? -13.500 4.018   -0.056  1.00 25.17  ? 46   LYS A CA  1 
ATOM   346  C  C   . LYS A 1 46  ? -12.080 3.953   -0.576  1.00 19.60  ? 46   LYS A C   1 
ATOM   347  O  O   . LYS A 1 46  ? -11.735 4.483   -1.630  1.00 20.10  ? 46   LYS A O   1 
ATOM   348  C  CB  . LYS A 1 46  ? -13.570 5.050   1.076   1.00 27.07  ? 46   LYS A CB  1 
ATOM   349  C  CG  . LYS A 1 46  ? -13.260 6.466   0.586   1.00 32.61  ? 46   LYS A CG  1 
ATOM   350  C  CD  . LYS A 1 46  ? -13.226 7.453   1.744   1.00 43.98  ? 46   LYS A CD  1 
ATOM   351  C  CE  . LYS A 1 46  ? -12.385 8.677   1.412   1.00 50.87  ? 46   LYS A CE  1 
ATOM   352  N  NZ  . LYS A 1 46  ? -13.147 9.952   1.433   1.00 66.93  ? 46   LYS A NZ  1 
ATOM   353  N  N   . LEU A 1 47  ? -11.252 3.260   0.233   1.00 20.03  ? 47   LEU A N   1 
ATOM   354  C  CA  . LEU A 1 47  ? -9.857  3.124   -0.139  1.00 21.36  ? 47   LEU A CA  1 
ATOM   355  C  C   . LEU A 1 47  ? -9.753  2.496   -1.528  1.00 18.65  ? 47   LEU A C   1 
ATOM   356  O  O   . LEU A 1 47  ? -9.022  2.928   -2.395  1.00 17.34  ? 47   LEU A O   1 
ATOM   357  C  CB  . LEU A 1 47  ? -9.029  2.296   0.849   1.00 20.15  ? 47   LEU A CB  1 
ATOM   358  C  CG  . LEU A 1 47  ? -8.692  2.919   2.192   1.00 19.35  ? 47   LEU A CG  1 
ATOM   359  C  CD1 . LEU A 1 47  ? -8.183  1.874   3.170   1.00 22.38  ? 47   LEU A CD1 1 
ATOM   360  C  CD2 . LEU A 1 47  ? -7.675  4.056   2.005   1.00 16.94  ? 47   LEU A CD2 1 
ATOM   361  N  N   . ILE A 1 48  ? -10.535 1.410   -1.705  1.00 18.28  ? 48   ILE A N   1 
ATOM   362  C  CA  . ILE A 1 48  ? -10.454 0.710   -2.979  1.00 15.75  ? 48   ILE A CA  1 
ATOM   363  C  C   . ILE A 1 48  ? -10.937 1.606   -4.111  1.00 17.29  ? 48   ILE A C   1 
ATOM   364  O  O   . ILE A 1 48  ? -10.346 1.610   -5.189  1.00 19.85  ? 48   ILE A O   1 
ATOM   365  C  CB  . ILE A 1 48  ? -11.284 -0.597  -2.877  1.00 19.55  ? 48   ILE A CB  1 
ATOM   366  C  CG1 . ILE A 1 48  ? -10.677 -1.546  -1.848  1.00 17.22  ? 48   ILE A CG1 1 
ATOM   367  C  CG2 . ILE A 1 48  ? -11.464 -1.189  -4.264  1.00 20.99  ? 48   ILE A CG2 1 
ATOM   368  C  CD1 . ILE A 1 48  ? -11.568 -2.689  -1.400  1.00 20.25  ? 48   ILE A CD1 1 
ATOM   369  N  N   . ALA A 1 49  ? -12.010 2.316   -3.827  1.00 18.90  ? 49   ALA A N   1 
ATOM   370  C  CA  . ALA A 1 49  ? -12.570 3.206   -4.855  1.00 23.18  ? 49   ALA A CA  1 
ATOM   371  C  C   . ALA A 1 49  ? -11.501 4.234   -5.247  1.00 20.91  ? 49   ALA A C   1 
ATOM   372  O  O   . ALA A 1 49  ? -11.232 4.444   -6.426  1.00 24.93  ? 49   ALA A O   1 
ATOM   373  C  CB  . ALA A 1 49  ? -13.852 3.834   -4.360  1.00 19.74  ? 49   ALA A CB  1 
ATOM   374  N  N   . ASP A 1 50  ? -10.899 4.846   -4.227  1.00 22.22  ? 50   ASP A N   1 
ATOM   375  C  CA  . ASP A 1 50  ? -9.878  5.874   -4.482  1.00 21.95  ? 50   ASP A CA  1 
ATOM   376  C  C   . ASP A 1 50  ? -8.624  5.295   -5.118  1.00 21.17  ? 50   ASP A C   1 
ATOM   377  O  O   . ASP A 1 50  ? -7.946  6.011   -5.855  1.00 21.05  ? 50   ASP A O   1 
ATOM   378  C  CB  . ASP A 1 50  ? -9.526  6.596   -3.175  1.00 18.98  ? 50   ASP A CB  1 
ATOM   379  C  CG  . ASP A 1 50  ? -10.640 7.432   -2.605  1.00 21.94  ? 50   ASP A CG  1 
ATOM   380  O  OD1 . ASP A 1 50  ? -10.590 7.838   -1.439  1.00 24.46  ? 50   ASP A OD1 1 
ATOM   381  O  OD2 . ASP A 1 50  ? -11.619 7.696   -3.328  1.00 23.40  ? 50   ASP A OD2 1 
ATOM   382  N  N   . MET A 1 51  ? -8.305  4.018   -4.878  1.00 19.00  ? 51   MET A N   1 
ATOM   383  C  CA  . MET A 1 51  ? -7.113  3.437   -5.495  1.00 22.02  ? 51   MET A CA  1 
ATOM   384  C  C   . MET A 1 51  ? -7.251  3.125   -6.966  1.00 23.73  ? 51   MET A C   1 
ATOM   385  O  O   . MET A 1 51  ? -6.280  2.877   -7.686  1.00 31.51  ? 51   MET A O   1 
ATOM   386  C  CB  . MET A 1 51  ? -6.752  2.116   -4.777  1.00 20.61  ? 51   MET A CB  1 
ATOM   387  C  CG  . MET A 1 51  ? -6.075  2.449   -3.446  1.00 21.68  ? 51   MET A CG  1 
ATOM   388  S  SD  . MET A 1 51  ? -5.368  0.978   -2.697  1.00 25.96  ? 51   MET A SD  1 
ATOM   389  C  CE  . MET A 1 51  ? -6.847  0.201   -2.059  1.00 21.61  ? 51   MET A CE  1 
ATOM   390  N  N   . GLY A 1 52  ? -8.493  3.082   -7.460  1.00 22.40  ? 52   GLY A N   1 
ATOM   391  C  CA  . GLY A 1 52  ? -8.625  2.804   -8.882  1.00 29.08  ? 52   GLY A CA  1 
ATOM   392  C  C   . GLY A 1 52  ? -8.309  1.396   -9.308  1.00 29.66  ? 52   GLY A C   1 
ATOM   393  O  O   . GLY A 1 52  ? -8.066  1.139   -10.491 1.00 31.63  ? 52   GLY A O   1 
ATOM   394  N  N   . ILE A 1 53  ? -8.304  0.425   -8.387  1.00 21.16  ? 53   ILE A N   1 
ATOM   395  C  CA  . ILE A 1 53  ? -8.009  -0.953  -8.726  1.00 19.67  ? 53   ILE A CA  1 
ATOM   396  C  C   . ILE A 1 53  ? -9.191  -1.851  -8.343  1.00 22.41  ? 53   ILE A C   1 
ATOM   397  O  O   . ILE A 1 53  ? -10.067 -1.442  -7.564  1.00 21.14  ? 53   ILE A O   1 
ATOM   398  C  CB  . ILE A 1 53  ? -6.761  -1.463  -7.979  1.00 26.95  ? 53   ILE A CB  1 
ATOM   399  C  CG1 . ILE A 1 53  ? -6.937  -1.478  -6.454  1.00 26.43  ? 53   ILE A CG1 1 
ATOM   400  C  CG2 . ILE A 1 53  ? -5.526  -0.678  -8.373  1.00 23.77  ? 53   ILE A CG2 1 
ATOM   401  C  CD1 . ILE A 1 53  ? -5.752  -2.093  -5.736  1.00 27.51  ? 53   ILE A CD1 1 
ATOM   402  N  N   . SER A 1 54  ? -9.213  -3.071  -8.886  1.00 18.07  ? 54   SER A N   1 
ATOM   403  C  CA  . SER A 1 54  ? -10.287 -4.008  -8.536  1.00 17.05  ? 54   SER A CA  1 
ATOM   404  C  C   . SER A 1 54  ? -10.094 -4.532  -7.120  1.00 19.90  ? 54   SER A C   1 
ATOM   405  O  O   . SER A 1 54  ? -8.982  -4.512  -6.567  1.00 20.09  ? 54   SER A O   1 
ATOM   406  C  CB  . SER A 1 54  ? -10.297 -5.161  -9.536  1.00 22.77  ? 54   SER A CB  1 
ATOM   407  O  OG  . SER A 1 54  ? -9.231  -6.075  -9.250  1.00 20.49  ? 54   SER A OG  1 
ATOM   408  N  N   . VAL A 1 55  ? -11.192 -4.978  -6.518  1.00 20.00  ? 55   VAL A N   1 
ATOM   409  C  CA  . VAL A 1 55  ? -11.076 -5.551  -5.189  1.00 16.64  ? 55   VAL A CA  1 
ATOM   410  C  C   . VAL A 1 55  ? -10.089 -6.699  -5.236  1.00 19.30  ? 55   VAL A C   1 
ATOM   411  O  O   . VAL A 1 55  ? -9.192  -6.820  -4.387  1.00 18.68  ? 55   VAL A O   1 
ATOM   412  C  CB  . VAL A 1 55  ? -12.442 -6.053  -4.679  1.00 21.20  ? 55   VAL A CB  1 
ATOM   413  C  CG1 . VAL A 1 55  ? -12.249 -6.884  -3.416  1.00 20.31  ? 55   VAL A CG1 1 
ATOM   414  C  CG2 . VAL A 1 55  ? -13.394 -4.897  -4.412  1.00 21.99  ? 55   VAL A CG2 1 
ATOM   415  N  N   . ARG A 1 56  ? -10.216 -7.544  -6.262  1.00 19.26  ? 56   ARG A N   1 
ATOM   416  C  CA  . ARG A 1 56  ? -9.353  -8.706  -6.374  1.00 19.94  ? 56   ARG A CA  1 
ATOM   417  C  C   . ARG A 1 56  ? -7.880  -8.313  -6.463  1.00 19.62  ? 56   ARG A C   1 
ATOM   418  O  O   . ARG A 1 56  ? -7.035  -9.013  -5.933  1.00 22.84  ? 56   ARG A O   1 
ATOM   419  C  CB  . ARG A 1 56  ? -9.734  -9.593  -7.575  1.00 23.34  ? 56   ARG A CB  1 
ATOM   420  C  CG  . ARG A 1 56  ? -8.822  -10.835 -7.631  1.00 25.26  ? 56   ARG A CG  1 
ATOM   421  C  CD  . ARG A 1 56  ? -9.348  -11.858 -8.600  1.00 24.07  ? 56   ARG A CD  1 
ATOM   422  N  NE  . ARG A 1 56  ? -10.435 -12.710 -8.068  1.00 18.89  ? 56   ARG A NE  1 
ATOM   423  C  CZ  . ARG A 1 56  ? -10.185 -13.752 -7.273  1.00 20.62  ? 56   ARG A CZ  1 
ATOM   424  N  NH1 . ARG A 1 56  ? -11.187 -14.516 -6.819  1.00 17.93  ? 56   ARG A NH1 1 
ATOM   425  N  NH2 . ARG A 1 56  ? -8.957  -14.065 -6.896  1.00 17.02  ? 56   ARG A NH2 1 
ATOM   426  N  N   . ALA A 1 57  ? -7.590  -7.181  -7.102  1.00 18.66  ? 57   ALA A N   1 
ATOM   427  C  CA  . ALA A 1 57  ? -6.208  -6.718  -7.194  1.00 25.63  ? 57   ALA A CA  1 
ATOM   428  C  C   . ALA A 1 57  ? -5.571  -6.322  -5.871  1.00 19.11  ? 57   ALA A C   1 
ATOM   429  O  O   . ALA A 1 57  ? -4.332  -6.291  -5.777  1.00 21.14  ? 57   ALA A O   1 
ATOM   430  C  CB  . ALA A 1 57  ? -6.148  -5.548  -8.164  1.00 26.30  ? 57   ALA A CB  1 
ATOM   431  N  N   . LEU A 1 58  ? -6.350  -6.048  -4.835  1.00 19.52  ? 58   LEU A N   1 
ATOM   432  C  CA  . LEU A 1 58  ? -5.808  -5.757  -3.513  1.00 16.83  ? 58   LEU A CA  1 
ATOM   433  C  C   . LEU A 1 58  ? -5.518  -6.999  -2.679  1.00 13.42  ? 58   LEU A C   1 
ATOM   434  O  O   . LEU A 1 58  ? -4.905  -6.890  -1.619  1.00 17.76  ? 58   LEU A O   1 
ATOM   435  C  CB  . LEU A 1 58  ? -6.815  -4.852  -2.806  1.00 16.65  ? 58   LEU A CB  1 
ATOM   436  C  CG  . LEU A 1 58  ? -6.421  -4.251  -1.447  1.00 17.78  ? 58   LEU A CG  1 
ATOM   437  C  CD1 . LEU A 1 58  ? -5.112  -3.489  -1.559  1.00 19.09  ? 58   LEU A CD1 1 
ATOM   438  C  CD2 . LEU A 1 58  ? -7.533  -3.354  -0.941  1.00 15.52  ? 58   LEU A CD2 1 
ATOM   439  N  N   . LEU A 1 59  ? -5.999  -8.146  -3.134  1.00 16.63  ? 59   LEU A N   1 
ATOM   440  C  CA  . LEU A 1 59  ? -5.839  -9.370  -2.378  1.00 19.41  ? 59   LEU A CA  1 
ATOM   441  C  C   . LEU A 1 59  ? -4.397  -9.901  -2.375  1.00 16.99  ? 59   LEU A C   1 
ATOM   442  O  O   . LEU A 1 59  ? -3.855  -10.181 -3.462  1.00 22.40  ? 59   LEU A O   1 
ATOM   443  C  CB  . LEU A 1 59  ? -6.682  -10.497 -2.964  1.00 22.96  ? 59   LEU A CB  1 
ATOM   444  C  CG  . LEU A 1 59  ? -8.161  -10.562 -2.651  1.00 21.21  ? 59   LEU A CG  1 
ATOM   445  C  CD1 . LEU A 1 59  ? -8.738  -11.763 -3.411  1.00 18.65  ? 59   LEU A CD1 1 
ATOM   446  C  CD2 . LEU A 1 59  ? -8.385  -10.651 -1.157  1.00 18.45  ? 59   LEU A CD2 1 
ATOM   447  N  N   . ALA A 1 60  ? -3.836  -10.089 -1.197  1.00 14.53  ? 60   ALA A N   1 
ATOM   448  C  CA  . ALA A 1 60  ? -2.514  -10.699 -1.111  1.00 17.35  ? 60   ALA A CA  1 
ATOM   449  C  C   . ALA A 1 60  ? -2.628  -12.215 -1.318  1.00 21.62  ? 60   ALA A C   1 
ATOM   450  O  O   . ALA A 1 60  ? -3.435  -12.844 -0.648  1.00 19.09  ? 60   ALA A O   1 
ATOM   451  C  CB  . ALA A 1 60  ? -1.819  -10.381 0.205   1.00 20.72  ? 60   ALA A CB  1 
ATOM   452  N  N   . LYS A 1 61  ? -1.842  -12.756 -2.243  1.00 23.67  ? 61   LYS A N   1 
ATOM   453  C  CA  . LYS A 1 61  ? -1.831  -14.192 -2.508  1.00 20.56  ? 61   LYS A CA  1 
ATOM   454  C  C   . LYS A 1 61  ? -0.749  -14.805 -1.611  1.00 23.99  ? 61   LYS A C   1 
ATOM   455  O  O   . LYS A 1 61  ? -0.023  -14.030 -0.971  1.00 30.49  ? 61   LYS A O   1 
ATOM   456  C  CB  . LYS A 1 61  ? -1.605  -14.508 -3.979  1.00 16.75  ? 61   LYS A CB  1 
ATOM   457  C  CG  . LYS A 1 61  ? -2.273  -13.588 -5.005  1.00 21.45  ? 61   LYS A CG  1 
ATOM   458  C  CD  . LYS A 1 61  ? -1.830  -14.002 -6.407  1.00 32.69  ? 61   LYS A CD  1 
ATOM   459  C  CE  . LYS A 1 61  ? -2.549  -13.214 -7.488  1.00 41.34  ? 61   LYS A CE  1 
ATOM   460  N  NZ  . LYS A 1 61  ? -1.665  -13.014 -8.680  1.00 74.72  ? 61   LYS A NZ  1 
ATOM   461  N  N   . ASN A 1 62  ? -0.520  -16.100 -1.455  1.00 42.55  ? 62   ASN A N   1 
ATOM   462  C  CA  . ASN A 1 62  ? 0.617   -16.511 -0.600  1.00 29.99  ? 62   ASN A CA  1 
ATOM   463  C  C   . ASN A 1 62  ? 0.499   -16.071 0.859   1.00 26.56  ? 62   ASN A C   1 
ATOM   464  O  O   . ASN A 1 62  ? 1.479   -15.811 1.576   1.00 22.62  ? 62   ASN A O   1 
ATOM   465  C  CB  . ASN A 1 62  ? 1.974   -16.013 -1.139  1.00 33.29  ? 62   ASN A CB  1 
ATOM   466  C  CG  . ASN A 1 62  ? 2.119   -16.291 -2.627  1.00 45.97  ? 62   ASN A CG  1 
ATOM   467  O  OD1 . ASN A 1 62  ? 1.932   -17.416 -3.088  1.00 48.12  ? 62   ASN A OD1 1 
ATOM   468  N  ND2 . ASN A 1 62  ? 2.455   -15.258 -3.397  1.00 67.76  ? 62   ASN A ND2 1 
ATOM   469  N  N   . VAL A 1 63  ? -0.745  -16.005 1.334   1.00 22.11  ? 63   VAL A N   1 
ATOM   470  C  CA  . VAL A 1 63  ? -1.031  -15.889 2.750   1.00 18.89  ? 63   VAL A CA  1 
ATOM   471  C  C   . VAL A 1 63  ? -2.099  -16.965 3.069   1.00 16.22  ? 63   VAL A C   1 
ATOM   472  O  O   . VAL A 1 63  ? -2.824  -17.347 2.147   1.00 15.70  ? 63   VAL A O   1 
ATOM   473  C  CB  . VAL A 1 63  ? -1.524  -14.537 3.268   1.00 22.76  ? 63   VAL A CB  1 
ATOM   474  C  CG1 . VAL A 1 63  ? -0.447  -13.461 3.145   1.00 21.53  ? 63   VAL A CG1 1 
ATOM   475  C  CG2 . VAL A 1 63  ? -2.832  -14.130 2.570   1.00 19.04  ? 63   VAL A CG2 1 
ATOM   476  N  N   . GLU A 1 64  ? -2.086  -17.389 4.326   1.00 17.05  ? 64   GLU A N   1 
ATOM   477  C  CA  . GLU A 1 64  ? -2.893  -18.550 4.723   1.00 16.43  ? 64   GLU A CA  1 
ATOM   478  C  C   . GLU A 1 64  ? -4.353  -18.455 4.341   1.00 15.84  ? 64   GLU A C   1 
ATOM   479  O  O   . GLU A 1 64  ? -4.872  -19.398 3.719   1.00 18.32  ? 64   GLU A O   1 
ATOM   480  C  CB  . GLU A 1 64  ? -2.722  -18.828 6.233   1.00 18.29  ? 64   GLU A CB  1 
ATOM   481  C  CG  . GLU A 1 64  ? -3.298  -20.188 6.633   1.00 18.30  ? 64   GLU A CG  1 
ATOM   482  C  CD  . GLU A 1 64  ? -2.929  -20.511 8.081   1.00 26.73  ? 64   GLU A CD  1 
ATOM   483  O  OE1 . GLU A 1 64  ? -3.316  -21.590 8.565   1.00 26.35  ? 64   GLU A OE1 1 
ATOM   484  O  OE2 . GLU A 1 64  ? -2.237  -19.714 8.741   1.00 31.19  ? 64   GLU A OE2 1 
ATOM   485  N  N   . PRO A 1 65  ? -5.078  -17.395 4.686   1.00 17.58  ? 65   PRO A N   1 
ATOM   486  C  CA  . PRO A 1 65  ? -6.491  -17.334 4.291   1.00 16.45  ? 65   PRO A CA  1 
ATOM   487  C  C   . PRO A 1 65  ? -6.710  -17.360 2.785   1.00 15.83  ? 65   PRO A C   1 
ATOM   488  O  O   . PRO A 1 65  ? -7.672  -17.931 2.275   1.00 15.28  ? 65   PRO A O   1 
ATOM   489  C  CB  . PRO A 1 65  ? -6.973  -15.999 4.868   1.00 18.16  ? 65   PRO A CB  1 
ATOM   490  C  CG  . PRO A 1 65  ? -5.831  -15.343 5.532   1.00 24.96  ? 65   PRO A CG  1 
ATOM   491  C  CD  . PRO A 1 65  ? -4.655  -16.262 5.523   1.00 19.48  ? 65   PRO A CD  1 
ATOM   492  N  N   . TYR A 1 66  ? -5.849  -16.743 1.979   1.00 16.45  ? 66   TYR A N   1 
ATOM   493  C  CA  . TYR A 1 66  ? -6.065  -16.809 0.528   1.00 14.25  ? 66   TYR A CA  1 
ATOM   494  C  C   . TYR A 1 66  ? -6.019  -18.236 0.030   1.00 16.93  ? 66   TYR A C   1 
ATOM   495  O  O   . TYR A 1 66  ? -6.830  -18.671 -0.776  1.00 16.98  ? 66   TYR A O   1 
ATOM   496  C  CB  . TYR A 1 66  ? -4.990  -15.965 -0.171  1.00 15.19  ? 66   TYR A CB  1 
ATOM   497  C  CG  . TYR A 1 66  ? -5.129  -15.839 -1.664  1.00 12.13  ? 66   TYR A CG  1 
ATOM   498  C  CD1 . TYR A 1 66  ? -4.626  -16.772 -2.558  1.00 17.88  ? 66   TYR A CD1 1 
ATOM   499  C  CD2 . TYR A 1 66  ? -5.808  -14.742 -2.214  1.00 16.62  ? 66   TYR A CD2 1 
ATOM   500  C  CE1 . TYR A 1 66  ? -4.777  -16.629 -3.927  1.00 22.21  ? 66   TYR A CE1 1 
ATOM   501  C  CE2 . TYR A 1 66  ? -5.961  -14.574 -3.573  1.00 21.18  ? 66   TYR A CE2 1 
ATOM   502  C  CZ  . TYR A 1 66  ? -5.444  -15.527 -4.438  1.00 22.38  ? 66   TYR A CZ  1 
ATOM   503  O  OH  . TYR A 1 66  ? -5.575  -15.399 -5.807  1.00 20.40  ? 66   TYR A OH  1 
ATOM   504  N  N   . GLU A 1 67  ? -5.006  -18.984 0.502   1.00 18.20  ? 67   GLU A N   1 
ATOM   505  C  CA  . GLU A 1 67  ? -4.800  -20.380 0.165   1.00 16.69  ? 67   GLU A CA  1 
ATOM   506  C  C   . GLU A 1 67  ? -5.967  -21.238 0.663   1.00 14.74  ? 67   GLU A C   1 
ATOM   507  O  O   . GLU A 1 67  ? -6.553  -21.968 -0.130  1.00 17.75  ? 67   GLU A O   1 
ATOM   508  C  CB  . GLU A 1 67  ? -3.432  -20.806 0.748   1.00 17.86  ? 67   GLU A CB  1 
ATOM   509  C  CG  . GLU A 1 67  ? -2.283  -20.143 0.009   1.00 20.39  ? 67   GLU A CG  1 
ATOM   510  C  CD  . GLU A 1 67  ? -0.989  -19.923 0.743   1.00 30.85  ? 67   GLU A CD  1 
ATOM   511  O  OE1 . GLU A 1 67  ? 0.063   -19.687 0.091   1.00 25.45  ? 67   GLU A OE1 1 
ATOM   512  O  OE2 . GLU A 1 67  ? -0.950  -19.969 1.994   1.00 22.00  ? 67   GLU A OE2 1 
ATOM   513  N  N   . GLN A 1 68  ? -6.296  -21.156 1.954   1.00 15.22  ? 68   GLN A N   1 
ATOM   514  C  CA  . GLN A 1 68  ? -7.239  -22.104 2.551   1.00 15.70  ? 68   GLN A CA  1 
ATOM   515  C  C   . GLN A 1 68  ? -8.686  -21.818 2.218   1.00 18.21  ? 68   GLN A C   1 
ATOM   516  O  O   . GLN A 1 68  ? -9.500  -22.764 2.232   1.00 17.11  ? 68   GLN A O   1 
ATOM   517  C  CB  . GLN A 1 68  ? -7.062  -22.132 4.079   1.00 14.65  ? 68   GLN A CB  1 
ATOM   518  C  CG  . GLN A 1 68  ? -5.693  -22.680 4.482   1.00 14.81  ? 68   GLN A CG  1 
ATOM   519  C  CD  . GLN A 1 68  ? -5.573  -22.752 5.996   1.00 20.14  ? 68   GLN A CD  1 
ATOM   520  O  OE1 . GLN A 1 68  ? -6.323  -22.125 6.754   1.00 18.76  ? 68   GLN A OE1 1 
ATOM   521  N  NE2 . GLN A 1 68  ? -4.593  -23.542 6.450   1.00 20.69  ? 68   GLN A NE2 1 
ATOM   522  N  N   . LEU A 1 69  ? -8.958  -20.547 1.932   1.00 13.85  ? 69   LEU A N   1 
ATOM   523  C  CA  . LEU A 1 69  ? -10.310 -20.165 1.501   1.00 14.19  ? 69   LEU A CA  1 
ATOM   524  C  C   . LEU A 1 69  ? -10.480 -20.355 -0.002  1.00 15.16  ? 69   LEU A C   1 
ATOM   525  O  O   . LEU A 1 69  ? -11.587 -20.138 -0.538  1.00 16.85  ? 69   LEU A O   1 
ATOM   526  C  CB  . LEU A 1 69  ? -10.623 -18.709 1.925   1.00 16.07  ? 69   LEU A CB  1 
ATOM   527  C  CG  . LEU A 1 69  ? -10.733 -18.430 3.430   1.00 15.77  ? 69   LEU A CG  1 
ATOM   528  C  CD1 . LEU A 1 69  ? -10.732 -16.936 3.718   1.00 20.12  ? 69   LEU A CD1 1 
ATOM   529  C  CD2 . LEU A 1 69  ? -11.979 -19.083 4.036   1.00 18.53  ? 69   LEU A CD2 1 
ATOM   530  N  N   . GLY A 1 70  ? -9.447  -20.769 -0.749  1.00 16.20  ? 70   GLY A N   1 
ATOM   531  C  CA  . GLY A 1 70  ? -9.596  -21.080 -2.173  1.00 17.24  ? 70   GLY A CA  1 
ATOM   532  C  C   . GLY A 1 70  ? -9.807  -19.829 -3.033  1.00 14.58  ? 70   GLY A C   1 
ATOM   533  O  O   . GLY A 1 70  ? -10.455 -19.910 -4.080  1.00 17.28  ? 70   GLY A O   1 
ATOM   534  N  N   . LEU A 1 71  ? -9.286  -18.681 -2.562  1.00 14.36  ? 71   LEU A N   1 
ATOM   535  C  CA  . LEU A 1 71  ? -9.599  -17.391 -3.196  1.00 17.27  ? 71   LEU A CA  1 
ATOM   536  C  C   . LEU A 1 71  ? -9.043  -17.281 -4.605  1.00 16.28  ? 71   LEU A C   1 
ATOM   537  O  O   . LEU A 1 71  ? -9.453  -16.417 -5.392  1.00 18.25  ? 71   LEU A O   1 
ATOM   538  C  CB  . LEU A 1 71  ? -9.112  -16.228 -2.332  1.00 16.36  ? 71   LEU A CB  1 
ATOM   539  C  CG  . LEU A 1 71  ? -9.815  -16.132 -0.962  1.00 14.28  ? 71   LEU A CG  1 
ATOM   540  C  CD1 . LEU A 1 71  ? -9.439  -14.803 -0.316  1.00 15.51  ? 71   LEU A CD1 1 
ATOM   541  C  CD2 . LEU A 1 71  ? -11.307 -16.309 -1.123  1.00 14.49  ? 71   LEU A CD2 1 
ATOM   542  N  N   . ALA A 1 72  ? -8.109  -18.182 -4.933  1.00 16.06  ? 72   ALA A N   1 
ATOM   543  C  CA  . ALA A 1 72  ? -7.572  -18.196 -6.283  1.00 20.95  ? 72   ALA A CA  1 
ATOM   544  C  C   . ALA A 1 72  ? -8.657  -18.501 -7.315  1.00 23.04  ? 72   ALA A C   1 
ATOM   545  O  O   . ALA A 1 72  ? -8.458  -18.127 -8.477  1.00 19.18  ? 72   ALA A O   1 
ATOM   546  C  CB  . ALA A 1 72  ? -6.438  -19.210 -6.445  1.00 20.93  ? 72   ALA A CB  1 
ATOM   547  N  N   . GLU A 1 73  ? -9.722  -19.197 -6.929  1.00 17.17  ? 73   GLU A N   1 
ATOM   548  C  CA  . GLU A 1 73  ? -10.783 -19.578 -7.850  1.00 17.23  ? 73   GLU A CA  1 
ATOM   549  C  C   . GLU A 1 73  ? -11.767 -18.428 -8.067  1.00 17.39  ? 73   GLU A C   1 
ATOM   550  O  O   . GLU A 1 73  ? -12.027 -17.677 -7.116  1.00 17.59  ? 73   GLU A O   1 
ATOM   551  C  CB  . GLU A 1 73  ? -11.571 -20.768 -7.298  1.00 18.27  ? 73   GLU A CB  1 
ATOM   552  C  CG  . GLU A 1 73  ? -10.727 -22.026 -7.152  1.00 27.00  ? 73   GLU A CG  1 
ATOM   553  C  CD  . GLU A 1 73  ? -11.564 -23.263 -6.856  1.00 37.15  ? 73   GLU A CD  1 
ATOM   554  O  OE1 . GLU A 1 73  ? -11.014 -24.271 -6.355  1.00 64.31  ? 73   GLU A OE1 1 
ATOM   555  O  OE2 . GLU A 1 73  ? -12.779 -23.240 -7.123  1.00 43.81  ? 73   GLU A OE2 1 
ATOM   556  N  N   . ASP A 1 74  ? -12.291 -18.292 -9.284  1.00 17.61  ? 74   ASP A N   1 
ATOM   557  C  CA  . ASP A 1 74  ? -13.217 -17.197 -9.567  1.00 20.80  ? 74   ASP A CA  1 
ATOM   558  C  C   . ASP A 1 74  ? -14.658 -17.501 -9.146  1.00 21.57  ? 74   ASP A C   1 
ATOM   559  O  O   . ASP A 1 74  ? -15.508 -17.698 -10.015 1.00 24.86  ? 74   ASP A O   1 
ATOM   560  C  CB  . ASP A 1 74  ? -13.214 -16.883 -11.065 1.00 25.49  ? 74   ASP A CB  1 
ATOM   561  C  CG  . ASP A 1 74  ? -13.916 -15.587 -11.399 1.00 30.69  ? 74   ASP A CG  1 
ATOM   562  O  OD1 . ASP A 1 74  ? -14.046 -15.296 -12.605 1.00 30.37  ? 74   ASP A OD1 1 
ATOM   563  O  OD2 . ASP A 1 74  ? -14.307 -14.856 -10.473 1.00 25.17  ? 74   ASP A OD2 1 
ATOM   564  N  N   . LYS A 1 75  ? -14.909 -17.565 -7.845  1.00 17.60  ? 75   LYS A N   1 
ATOM   565  C  CA  . LYS A 1 75  ? -16.170 -17.981 -7.276  1.00 15.97  ? 75   LYS A CA  1 
ATOM   566  C  C   . LYS A 1 75  ? -16.622 -17.007 -6.180  1.00 18.30  ? 75   LYS A C   1 
ATOM   567  O  O   . LYS A 1 75  ? -17.446 -17.404 -5.361  1.00 20.27  ? 75   LYS A O   1 
ATOM   568  C  CB  . LYS A 1 75  ? -16.098 -19.363 -6.655  1.00 19.14  ? 75   LYS A CB  1 
ATOM   569  C  CG  . LYS A 1 75  ? -15.770 -20.517 -7.590  1.00 36.08  ? 75   LYS A CG  1 
ATOM   570  C  CD  . LYS A 1 75  ? -15.391 -21.708 -6.692  1.00 41.05  ? 75   LYS A CD  1 
ATOM   571  C  CE  . LYS A 1 75  ? -15.181 -21.239 -5.268  1.00 58.30  ? 75   LYS A CE  1 
ATOM   572  N  NZ  . LYS A 1 75  ? -15.208 -22.291 -4.221  1.00 45.37  ? 75   LYS A NZ  1 
ATOM   573  N  N   . PHE A 1 76  ? -16.079 -15.794 -6.174  1.00 15.57  ? 76   PHE A N   1 
ATOM   574  C  CA  . PHE A 1 76  ? -16.338 -14.820 -5.138  1.00 17.13  ? 76   PHE A CA  1 
ATOM   575  C  C   . PHE A 1 76  ? -16.762 -13.463 -5.667  1.00 23.41  ? 76   PHE A C   1 
ATOM   576  O  O   . PHE A 1 76  ? -16.059 -12.936 -6.535  1.00 17.54  ? 76   PHE A O   1 
ATOM   577  C  CB  . PHE A 1 76  ? -15.036 -14.608 -4.320  1.00 15.14  ? 76   PHE A CB  1 
ATOM   578  C  CG  . PHE A 1 76  ? -14.634 -15.964 -3.734  1.00 13.86  ? 76   PHE A CG  1 
ATOM   579  C  CD1 . PHE A 1 76  ? -13.626 -16.672 -4.389  1.00 15.47  ? 76   PHE A CD1 1 
ATOM   580  C  CD2 . PHE A 1 76  ? -15.247 -16.472 -2.600  1.00 14.74  ? 76   PHE A CD2 1 
ATOM   581  C  CE1 . PHE A 1 76  ? -13.220 -17.892 -3.934  1.00 18.17  ? 76   PHE A CE1 1 
ATOM   582  C  CE2 . PHE A 1 76  ? -14.825 -17.731 -2.152  1.00 19.01  ? 76   PHE A CE2 1 
ATOM   583  C  CZ  . PHE A 1 76  ? -13.843 -18.432 -2.828  1.00 17.43  ? 76   PHE A CZ  1 
ATOM   584  N  N   . THR A 1 77  ? -17.868 -12.885 -5.187  1.00 14.34  ? 77   THR A N   1 
ATOM   585  C  CA  . THR A 1 77  ? -18.163 -11.521 -5.551  1.00 12.45  ? 77   THR A CA  1 
ATOM   586  C  C   . THR A 1 77  ? -17.180 -10.557 -4.884  1.00 15.32  ? 77   THR A C   1 
ATOM   587  O  O   . THR A 1 77  ? -16.476 -10.940 -3.935  1.00 16.81  ? 77   THR A O   1 
ATOM   588  C  CB  . THR A 1 77  ? -19.577 -11.047 -5.131  1.00 15.93  ? 77   THR A CB  1 
ATOM   589  O  OG1 . THR A 1 77  ? -19.612 -11.064 -3.695  1.00 15.20  ? 77   THR A OG1 1 
ATOM   590  C  CG2 . THR A 1 77  ? -20.634 -11.996 -5.640  1.00 17.21  ? 77   THR A CG2 1 
ATOM   591  N  N   . ASP A 1 78  ? -17.159 -9.343  -5.429  1.00 19.96  ? 78   ASP A N   1 
ATOM   592  C  CA  . ASP A 1 78  ? -16.306 -8.307  -4.830  1.00 20.48  ? 78   ASP A CA  1 
ATOM   593  C  C   . ASP A 1 78  ? -16.637 -8.128  -3.362  1.00 17.81  ? 78   ASP A C   1 
ATOM   594  O  O   . ASP A 1 78  ? -15.763 -7.971  -2.493  1.00 15.98  ? 78   ASP A O   1 
ATOM   595  C  CB  . ASP A 1 78  ? -16.473 -7.006  -5.616  1.00 18.52  ? 78   ASP A CB  1 
ATOM   596  C  CG  . ASP A 1 78  ? -15.698 -7.014  -6.917  1.00 20.34  ? 78   ASP A CG  1 
ATOM   597  O  OD1 . ASP A 1 78  ? -15.770 -5.991  -7.638  1.00 26.43  ? 78   ASP A OD1 1 
ATOM   598  O  OD2 . ASP A 1 78  ? -14.998 -7.968  -7.259  1.00 18.98  ? 78   ASP A OD2 1 
ATOM   599  N  N   . ASP A 1 79  ? -17.953 -8.124  -3.046  1.00 15.29  ? 79   ASP A N   1 
ATOM   600  C  CA  . ASP A 1 79  ? -18.262 -7.905  -1.625  1.00 14.42  ? 79   ASP A CA  1 
ATOM   601  C  C   . ASP A 1 79  ? -17.875 -9.096  -0.757  1.00 17.56  ? 79   ASP A C   1 
ATOM   602  O  O   . ASP A 1 79  ? -17.494 -8.959  0.400   1.00 15.40  ? 79   ASP A O   1 
ATOM   603  C  CB  . ASP A 1 79  ? -19.749 -7.552  -1.464  1.00 15.66  ? 79   ASP A CB  1 
ATOM   604  C  CG  . ASP A 1 79  ? -19.959 -6.084  -1.874  1.00 18.89  ? 79   ASP A CG  1 
ATOM   605  O  OD1 . ASP A 1 79  ? -20.574 -5.877  -2.929  1.00 18.40  ? 79   ASP A OD1 1 
ATOM   606  O  OD2 . ASP A 1 79  ? -19.513 -5.213  -1.088  1.00 20.86  ? 79   ASP A OD2 1 
ATOM   607  N  N   . GLN A 1 80  ? -17.978 -10.331 -1.262  1.00 13.48  ? 80   GLN A N   1 
ATOM   608  C  CA  . GLN A 1 80  ? -17.439 -11.455 -0.515  1.00 12.52  ? 80   GLN A CA  1 
ATOM   609  C  C   . GLN A 1 80  ? -15.933 -11.272 -0.274  1.00 14.87  ? 80   GLN A C   1 
ATOM   610  O  O   . GLN A 1 80  ? -15.537 -11.562 0.854   1.00 14.74  ? 80   GLN A O   1 
ATOM   611  C  CB  . GLN A 1 80  ? -17.708 -12.770 -1.273  1.00 13.33  ? 80   GLN A CB  1 
ATOM   612  C  CG  . GLN A 1 80  ? -19.200 -13.136 -1.207  1.00 15.54  ? 80   GLN A CG  1 
ATOM   613  C  CD  . GLN A 1 80  ? -19.532 -14.361 -2.030  1.00 13.56  ? 80   GLN A CD  1 
ATOM   614  O  OE1 . GLN A 1 80  ? -18.991 -14.554 -3.122  1.00 15.47  ? 80   GLN A OE1 1 
ATOM   615  N  NE2 . GLN A 1 80  ? -20.457 -15.200 -1.550  1.00 13.85  ? 80   GLN A NE2 1 
ATOM   616  N  N   . LEU A 1 81  ? -15.202 -10.788 -1.276  1.00 13.68  ? 81   LEU A N   1 
ATOM   617  C  CA  . LEU A 1 81  ? -13.753 -10.578 -1.091  1.00 13.86  ? 81   LEU A CA  1 
ATOM   618  C  C   . LEU A 1 81  ? -13.492 -9.465  -0.074  1.00 17.83  ? 81   LEU A C   1 
ATOM   619  O  O   . LEU A 1 81  ? -12.617 -9.626  0.791   1.00 16.08  ? 81   LEU A O   1 
ATOM   620  C  CB  . LEU A 1 81  ? -13.087 -10.279 -2.429  1.00 13.59  ? 81   LEU A CB  1 
ATOM   621  C  CG  . LEU A 1 81  ? -13.140 -11.449 -3.423  1.00 15.69  ? 81   LEU A CG  1 
ATOM   622  C  CD1 . LEU A 1 81  ? -12.459 -11.089 -4.737  1.00 16.42  ? 81   LEU A CD1 1 
ATOM   623  C  CD2 . LEU A 1 81  ? -12.480 -12.664 -2.777  1.00 21.24  ? 81   LEU A CD2 1 
ATOM   624  N  N   . ILE A 1 82  ? -14.222 -8.362  -0.141  1.00 15.70  ? 82   ILE A N   1 
ATOM   625  C  CA  . ILE A 1 82  ? -14.094 -7.289  0.863   1.00 12.53  ? 82   ILE A CA  1 
ATOM   626  C  C   . ILE A 1 82  ? -14.332 -7.836  2.269   1.00 14.21  ? 82   ILE A C   1 
ATOM   627  O  O   . ILE A 1 82  ? -13.605 -7.628  3.242   1.00 16.94  ? 82   ILE A O   1 
ATOM   628  C  CB  . ILE A 1 82  ? -15.059 -6.136  0.533   1.00 18.11  ? 82   ILE A CB  1 
ATOM   629  C  CG1 . ILE A 1 82  ? -14.572 -5.311  -0.672  1.00 17.98  ? 82   ILE A CG1 1 
ATOM   630  C  CG2 . ILE A 1 82  ? -15.288 -5.252  1.739   1.00 21.24  ? 82   ILE A CG2 1 
ATOM   631  C  CD1 . ILE A 1 82  ? -15.684 -4.499  -1.306  1.00 29.24  ? 82   ILE A CD1 1 
ATOM   632  N  N   . ASP A 1 83  ? -15.395 -8.629  2.449   1.00 15.91  ? 83   ASP A N   1 
ATOM   633  C  CA  . ASP A 1 83  ? -15.652 -9.137  3.821   1.00 15.56  ? 83   ASP A CA  1 
ATOM   634  C  C   . ASP A 1 83  ? -14.567 -10.104 4.246   1.00 14.96  ? 83   ASP A C   1 
ATOM   635  O  O   . ASP A 1 83  ? -14.233 -10.077 5.434   1.00 17.04  ? 83   ASP A O   1 
ATOM   636  C  CB  . ASP A 1 83  ? -17.060 -9.761  3.877   1.00 15.79  ? 83   ASP A CB  1 
ATOM   637  C  CG  . ASP A 1 83  ? -18.084 -8.640  3.724   1.00 20.76  ? 83   ASP A CG  1 
ATOM   638  O  OD1 . ASP A 1 83  ? -19.042 -8.736  2.936   1.00 20.82  ? 83   ASP A OD1 1 
ATOM   639  O  OD2 . ASP A 1 83  ? -17.886 -7.623  4.434   1.00 32.26  ? 83   ASP A OD2 1 
ATOM   640  N  N   . PHE A 1 84  ? -13.980 -10.906 3.356   1.00 13.51  ? 84   PHE A N   1 
ATOM   641  C  CA  . PHE A 1 84  ? -12.831 -11.733 3.743   1.00 13.08  ? 84   PHE A CA  1 
ATOM   642  C  C   . PHE A 1 84  ? -11.665 -10.837 4.189   1.00 15.13  ? 84   PHE A C   1 
ATOM   643  O  O   . PHE A 1 84  ? -10.997 -11.130 5.180   1.00 17.91  ? 84   PHE A O   1 
ATOM   644  C  CB  . PHE A 1 84  ? -12.330 -12.677 2.658   1.00 15.35  ? 84   PHE A CB  1 
ATOM   645  C  CG  . PHE A 1 84  ? -13.204 -13.910 2.495   1.00 14.55  ? 84   PHE A CG  1 
ATOM   646  C  CD1 . PHE A 1 84  ? -13.543 -14.678 3.602   1.00 15.57  ? 84   PHE A CD1 1 
ATOM   647  C  CD2 . PHE A 1 84  ? -13.647 -14.253 1.231   1.00 14.80  ? 84   PHE A CD2 1 
ATOM   648  C  CE1 . PHE A 1 84  ? -14.338 -15.785 3.384   1.00 18.71  ? 84   PHE A CE1 1 
ATOM   649  C  CE2 . PHE A 1 84  ? -14.443 -15.343 1.028   1.00 15.91  ? 84   PHE A CE2 1 
ATOM   650  C  CZ  . PHE A 1 84  ? -14.796 -16.100 2.130   1.00 17.05  ? 84   PHE A CZ  1 
ATOM   651  N  N   . MET A 1 85  ? -11.444 -9.739  3.464   1.00 14.57  ? 85   MET A N   1 
ATOM   652  C  CA  . MET A 1 85  ? -10.381 -8.823  3.882   1.00 18.79  ? 85   MET A CA  1 
ATOM   653  C  C   . MET A 1 85  ? -10.624 -8.258  5.268   1.00 20.79  ? 85   MET A C   1 
ATOM   654  O  O   . MET A 1 85  ? -9.657  -8.208  6.033   1.00 20.54  ? 85   MET A O   1 
ATOM   655  C  CB  . MET A 1 85  ? -10.197 -7.648  2.902   1.00 17.68  ? 85   MET A CB  1 
ATOM   656  C  CG  . MET A 1 85  ? -9.546  -8.088  1.608   1.00 16.71  ? 85   MET A CG  1 
ATOM   657  S  SD  . MET A 1 85  ? -9.586  -6.669  0.450   1.00 27.98  ? 85   MET A SD  1 
ATOM   658  C  CE  . MET A 1 85  ? -8.917  -7.399  -1.032  1.00 45.86  ? 85   MET A CE  1 
ATOM   659  N  N   . LEU A 1 86  ? -11.844 -7.842  5.578   1.00 18.20  ? 86   LEU A N   1 
ATOM   660  C  CA  . LEU A 1 86  ? -12.113 -7.348  6.931   1.00 19.19  ? 86   LEU A CA  1 
ATOM   661  C  C   . LEU A 1 86  ? -11.909 -8.443  7.971   1.00 21.03  ? 86   LEU A C   1 
ATOM   662  O  O   . LEU A 1 86  ? -11.432 -8.219  9.079   1.00 24.41  ? 86   LEU A O   1 
ATOM   663  C  CB  . LEU A 1 86  ? -13.542 -6.829  6.965   1.00 19.63  ? 86   LEU A CB  1 
ATOM   664  C  CG  . LEU A 1 86  ? -13.859 -5.625  6.055   1.00 26.89  ? 86   LEU A CG  1 
ATOM   665  C  CD1 . LEU A 1 86  ? -15.358 -5.394  5.974   1.00 28.93  ? 86   LEU A CD1 1 
ATOM   666  C  CD2 . LEU A 1 86  ? -13.165 -4.380  6.587   1.00 25.60  ? 86   LEU A CD2 1 
ATOM   667  N  N   . GLN A 1 87  ? -12.316 -9.665  7.649   1.00 17.38  ? 87   GLN A N   1 
ATOM   668  C  CA  . GLN A 1 87  ? -12.190 -10.733 8.641   1.00 22.89  ? 87   GLN A CA  1 
ATOM   669  C  C   . GLN A 1 87  ? -10.784 -11.300 8.752   1.00 20.83  ? 87   GLN A C   1 
ATOM   670  O  O   . GLN A 1 87  ? -10.493 -11.932 9.763   1.00 20.59  ? 87   GLN A O   1 
ATOM   671  C  CB  . GLN A 1 87  ? -13.163 -11.871 8.294   1.00 22.83  ? 87   GLN A CB  1 
ATOM   672  C  CG  . GLN A 1 87  ? -14.594 -11.520 8.607   1.00 24.02  ? 87   GLN A CG  1 
ATOM   673  C  CD  . GLN A 1 87  ? -15.645 -12.050 7.666   1.00 30.90  ? 87   GLN A CD  1 
ATOM   674  O  OE1 . GLN A 1 87  ? -16.697 -11.406 7.530   1.00 66.12  ? 87   GLN A OE1 1 
ATOM   675  N  NE2 . GLN A 1 87  ? -15.461 -13.171 6.997   1.00 32.92  ? 87   GLN A NE2 1 
ATOM   676  N  N   . HIS A 1 88  ? -9.899  -11.116 7.772   1.00 15.64  ? 88   HIS A N   1 
ATOM   677  C  CA  . HIS A 1 88  ? -8.567  -11.658 7.656   1.00 15.52  ? 88   HIS A CA  1 
ATOM   678  C  C   . HIS A 1 88  ? -7.658  -10.573 7.044   1.00 15.94  ? 88   HIS A C   1 
ATOM   679  O  O   . HIS A 1 88  ? -7.340  -10.659 5.856   1.00 18.40  ? 88   HIS A O   1 
ATOM   680  C  CB  . HIS A 1 88  ? -8.542  -12.934 6.819   1.00 18.93  ? 88   HIS A CB  1 
ATOM   681  C  CG  . HIS A 1 88  ? -9.592  -13.939 7.210   1.00 22.56  ? 88   HIS A CG  1 
ATOM   682  N  ND1 . HIS A 1 88  ? -9.435  -14.810 8.255   1.00 23.85  ? 88   HIS A ND1 1 
ATOM   683  C  CD2 . HIS A 1 88  ? -10.838 -14.156 6.739   1.00 21.88  ? 88   HIS A CD2 1 
ATOM   684  C  CE1 . HIS A 1 88  ? -10.529 -15.557 8.390   1.00 25.10  ? 88   HIS A CE1 1 
ATOM   685  N  NE2 . HIS A 1 88  ? -11.405 -15.176 7.479   1.00 24.29  ? 88   HIS A NE2 1 
ATOM   686  N  N   . PRO A 1 89  ? -7.290  -9.585  7.827   1.00 17.15  ? 89   PRO A N   1 
ATOM   687  C  CA  . PRO A 1 89  ? -6.594  -8.377  7.314   1.00 21.88  ? 89   PRO A CA  1 
ATOM   688  C  C   . PRO A 1 89  ? -5.283  -8.669  6.629   1.00 23.89  ? 89   PRO A C   1 
ATOM   689  O  O   . PRO A 1 89  ? -4.836  -7.866  5.794   1.00 22.63  ? 89   PRO A O   1 
ATOM   690  C  CB  . PRO A 1 89  ? -6.320  -7.509  8.559   1.00 22.58  ? 89   PRO A CB  1 
ATOM   691  C  CG  . PRO A 1 89  ? -7.311  -8.016  9.571   1.00 28.33  ? 89   PRO A CG  1 
ATOM   692  C  CD  . PRO A 1 89  ? -7.548  -9.470  9.274   1.00 19.38  ? 89   PRO A CD  1 
ATOM   693  N  N   . ILE A 1 90  ? -4.653  -9.822  6.897   1.00 19.65  ? 90   ILE A N   1 
ATOM   694  C  CA  . ILE A 1 90  ? -3.438  -10.124 6.137   1.00 19.91  ? 90   ILE A CA  1 
ATOM   695  C  C   . ILE A 1 90  ? -3.723  -10.300 4.649   1.00 19.57  ? 90   ILE A C   1 
ATOM   696  O  O   . ILE A 1 90  ? -2.783  -10.288 3.841   1.00 19.77  ? 90   ILE A O   1 
ATOM   697  C  CB  . ILE A 1 90  ? -2.734  -11.375 6.697   1.00 24.17  ? 90   ILE A CB  1 
ATOM   698  C  CG1 . ILE A 1 90  ? -1.310  -11.525 6.153   1.00 26.84  ? 90   ILE A CG1 1 
ATOM   699  C  CG2 . ILE A 1 90  ? -3.581  -12.624 6.455   1.00 21.83  ? 90   ILE A CG2 1 
ATOM   700  C  CD1 . ILE A 1 90  ? -0.535  -12.673 6.777   1.00 48.57  ? 90   ILE A CD1 1 
ATOM   701  N  N   . LEU A 1 91  ? -5.001  -10.446 4.254   1.00 14.24  ? 91   LEU A N   1 
ATOM   702  C  CA  . LEU A 1 91  ? -5.362  -10.497 2.869   1.00 15.93  ? 91   LEU A CA  1 
ATOM   703  C  C   . LEU A 1 91  ? -5.239  -9.129  2.181   1.00 15.29  ? 91   LEU A C   1 
ATOM   704  O  O   . LEU A 1 91  ? -5.225  -9.114  0.959   1.00 16.97  ? 91   LEU A O   1 
ATOM   705  C  CB  . LEU A 1 91  ? -6.856  -10.903 2.716   1.00 20.21  ? 91   LEU A CB  1 
ATOM   706  C  CG  . LEU A 1 91  ? -7.161  -12.387 2.906   1.00 20.10  ? 91   LEU A CG  1 
ATOM   707  C  CD1 . LEU A 1 91  ? -8.683  -12.606 2.895   1.00 18.71  ? 91   LEU A CD1 1 
ATOM   708  C  CD2 . LEU A 1 91  ? -6.492  -13.202 1.813   1.00 18.59  ? 91   LEU A CD2 1 
ATOM   709  N  N   . ILE A 1 92  ? -5.179  -8.032  2.921   1.00 15.66  ? 92   ILE A N   1 
ATOM   710  C  CA  . ILE A 1 92  ? -5.067  -6.713  2.277   1.00 14.48  ? 92   ILE A CA  1 
ATOM   711  C  C   . ILE A 1 92  ? -3.619  -6.483  1.853   1.00 16.53  ? 92   ILE A C   1 
ATOM   712  O  O   . ILE A 1 92  ? -2.741  -6.430  2.705   1.00 19.91  ? 92   ILE A O   1 
ATOM   713  C  CB  . ILE A 1 92  ? -5.550  -5.631  3.243   1.00 18.68  ? 92   ILE A CB  1 
ATOM   714  C  CG1 . ILE A 1 92  ? -7.006  -5.843  3.682   1.00 17.60  ? 92   ILE A CG1 1 
ATOM   715  C  CG2 . ILE A 1 92  ? -5.331  -4.261  2.617   1.00 17.07  ? 92   ILE A CG2 1 
ATOM   716  C  CD1 . ILE A 1 92  ? -7.492  -4.899  4.770   1.00 21.71  ? 92   ILE A CD1 1 
ATOM   717  N  N   . ASN A 1 93  ? -3.358  -6.363  0.562   1.00 17.07  ? 93   ASN A N   1 
ATOM   718  C  CA  . ASN A 1 93  ? -1.962  -6.128  0.175   1.00 15.24  ? 93   ASN A CA  1 
ATOM   719  C  C   . ASN A 1 93  ? -1.551  -4.746  0.672   1.00 16.30  ? 93   ASN A C   1 
ATOM   720  O  O   . ASN A 1 93  ? -2.310  -3.848  1.033   1.00 17.14  ? 93   ASN A O   1 
ATOM   721  C  CB  . ASN A 1 93  ? -1.763  -6.245  -1.335  1.00 17.63  ? 93   ASN A CB  1 
ATOM   722  C  CG  . ASN A 1 93  ? -0.428  -6.862  -1.712  1.00 22.10  ? 93   ASN A CG  1 
ATOM   723  O  OD1 . ASN A 1 93  ? 0.533   -6.862  -0.941  1.00 23.82  ? 93   ASN A OD1 1 
ATOM   724  N  ND2 . ASN A 1 93  ? -0.311  -7.410  -2.927  1.00 23.82  ? 93   ASN A ND2 1 
ATOM   725  N  N   . ARG A 1 94  ? -0.240  -4.572  0.663   1.00 19.67  ? 94   ARG A N   1 
ATOM   726  C  CA  . ARG A 1 94  ? 0.393   -3.444  1.345   1.00 20.19  ? 94   ARG A CA  1 
ATOM   727  C  C   . ARG A 1 94  ? 1.585   -2.928  0.557   1.00 18.97  ? 94   ARG A C   1 
ATOM   728  O  O   . ARG A 1 94  ? 2.175   -3.681  -0.230  1.00 21.87  ? 94   ARG A O   1 
ATOM   729  C  CB  . ARG A 1 94  ? 0.821   -3.952  2.726   1.00 19.98  ? 94   ARG A CB  1 
ATOM   730  C  CG  . ARG A 1 94  ? 1.997   -4.936  2.716   1.00 22.46  ? 94   ARG A CG  1 
ATOM   731  C  CD  . ARG A 1 94  ? 1.657   -6.312  2.180   1.00 25.45  ? 94   ARG A CD  1 
ATOM   732  N  NE  . ARG A 1 94  ? 2.717   -7.284  2.212   1.00 27.49  ? 94   ARG A NE  1 
ATOM   733  C  CZ  . ARG A 1 94  ? 3.117   -8.172  1.329   1.00 42.75  ? 94   ARG A CZ  1 
ATOM   734  N  NH1 . ARG A 1 94  ? 2.538   -8.320  0.142   1.00 30.87  ? 94   ARG A NH1 1 
ATOM   735  N  NH2 . ARG A 1 94  ? 4.157   -8.950  1.664   1.00 51.40  ? 94   ARG A NH2 1 
ATOM   736  N  N   . PRO A 1 95  ? 2.008   -1.678  0.722   1.00 14.41  ? 95   PRO A N   1 
ATOM   737  C  CA  . PRO A 1 95  ? 1.380   -0.669  1.544   1.00 14.65  ? 95   PRO A CA  1 
ATOM   738  C  C   . PRO A 1 95  ? 0.346   0.128   0.770   1.00 18.29  ? 95   PRO A C   1 
ATOM   739  O  O   . PRO A 1 95  ? 0.449   0.340   -0.443  1.00 16.34  ? 95   PRO A O   1 
ATOM   740  C  CB  . PRO A 1 95  ? 2.528   0.308   1.850   1.00 18.39  ? 95   PRO A CB  1 
ATOM   741  C  CG  . PRO A 1 95  ? 3.388   0.240   0.624   1.00 16.00  ? 95   PRO A CG  1 
ATOM   742  C  CD  . PRO A 1 95  ? 3.241   -1.169  0.074   1.00 18.80  ? 95   PRO A CD  1 
ATOM   743  N  N   . ILE A 1 96  ? -0.661  0.571   1.519   1.00 17.11  ? 96   ILE A N   1 
ATOM   744  C  CA  . ILE A 1 96  ? -1.634  1.525   0.979   1.00 14.67  ? 96   ILE A CA  1 
ATOM   745  C  C   . ILE A 1 96  ? -1.261  2.890   1.525   1.00 14.33  ? 96   ILE A C   1 
ATOM   746  O  O   . ILE A 1 96  ? -1.052  3.022   2.743   1.00 18.41  ? 96   ILE A O   1 
ATOM   747  C  CB  . ILE A 1 96  ? -3.081  1.146   1.367   1.00 13.77  ? 96   ILE A CB  1 
ATOM   748  C  CG1 . ILE A 1 96  ? -3.490  -0.213  0.781   1.00 17.22  ? 96   ILE A CG1 1 
ATOM   749  C  CG2 . ILE A 1 96  ? -4.068  2.251   1.002   1.00 14.18  ? 96   ILE A CG2 1 
ATOM   750  C  CD1 . ILE A 1 96  ? -4.731  -0.727  1.520   1.00 19.87  ? 96   ILE A CD1 1 
ATOM   751  N  N   . VAL A 1 97  ? -1.136  3.886   0.669   1.00 16.09  ? 97   VAL A N   1 
ATOM   752  C  CA  . VAL A 1 97  ? -0.814  5.239   1.135   1.00 13.91  ? 97   VAL A CA  1 
ATOM   753  C  C   . VAL A 1 97  ? -1.926  6.214   0.695   1.00 12.45  ? 97   VAL A C   1 
ATOM   754  O  O   . VAL A 1 97  ? -2.371  6.151   -0.450  1.00 15.49  ? 97   VAL A O   1 
ATOM   755  C  CB  . VAL A 1 97  ? 0.544   5.761   0.621   1.00 12.09  ? 97   VAL A CB  1 
ATOM   756  C  CG1 . VAL A 1 97  ? 0.832   7.147   1.159   1.00 15.64  ? 97   VAL A CG1 1 
ATOM   757  C  CG2 . VAL A 1 97  ? 1.643   4.773   1.034   1.00 13.84  ? 97   VAL A CG2 1 
ATOM   758  N  N   . VAL A 1 98  ? -2.293  7.087   1.627   1.00 14.99  ? 98   VAL A N   1 
ATOM   759  C  CA  . VAL A 1 98  ? -3.303  8.122   1.421   1.00 14.98  ? 98   VAL A CA  1 
ATOM   760  C  C   . VAL A 1 98  ? -2.608  9.476   1.690   1.00 17.89  ? 98   VAL A C   1 
ATOM   761  O  O   . VAL A 1 98  ? -2.003  9.672   2.739   1.00 15.81  ? 98   VAL A O   1 
ATOM   762  C  CB  . VAL A 1 98  ? -4.524  8.069   2.349   1.00 18.27  ? 98   VAL A CB  1 
ATOM   763  C  CG1 . VAL A 1 98  ? -5.519  9.173   2.002   1.00 17.93  ? 98   VAL A CG1 1 
ATOM   764  C  CG2 . VAL A 1 98  ? -5.236  6.713   2.305   1.00 19.56  ? 98   VAL A CG2 1 
ATOM   765  N  N   . THR A 1 99  ? -2.730  10.383  0.725   1.00 17.32  ? 99   THR A N   1 
ATOM   766  C  CA  . THR A 1 99  ? -2.239  11.745  0.873   1.00 15.41  ? 99   THR A CA  1 
ATOM   767  C  C   . THR A 1 99  ? -3.324  12.720  0.353   1.00 16.64  ? 99   THR A C   1 
ATOM   768  O  O   . THR A 1 99  ? -4.312  12.245  -0.223  1.00 15.33  ? 99   THR A O   1 
ATOM   769  C  CB  . THR A 1 99  ? -0.926  12.002  0.105   1.00 15.07  ? 99   THR A CB  1 
ATOM   770  O  OG1 . THR A 1 99  ? -1.347  12.301  -1.232  1.00 16.34  ? 99   THR A OG1 1 
ATOM   771  C  CG2 . THR A 1 99  ? 0.031   10.814  0.052   1.00 18.26  ? 99   THR A CG2 1 
ATOM   772  N  N   . PRO A 1 100 ? -3.161  14.022  0.539   1.00 19.33  ? 100  PRO A N   1 
ATOM   773  C  CA  . PRO A 1 100 ? -4.099  14.983  -0.091  1.00 18.26  ? 100  PRO A CA  1 
ATOM   774  C  C   . PRO A 1 100 ? -4.280  14.800  -1.595  1.00 15.48  ? 100  PRO A C   1 
ATOM   775  O  O   . PRO A 1 100 ? -5.346  15.239  -2.119  1.00 17.67  ? 100  PRO A O   1 
ATOM   776  C  CB  . PRO A 1 100 ? -3.442  16.327  0.239   1.00 16.83  ? 100  PRO A CB  1 
ATOM   777  C  CG  . PRO A 1 100 ? -2.789  16.106  1.574   1.00 16.14  ? 100  PRO A CG  1 
ATOM   778  C  CD  . PRO A 1 100 ? -2.181  14.729  1.415   1.00 20.52  ? 100  PRO A CD  1 
ATOM   779  N  N   . LEU A 1 101 ? -3.313  14.191  -2.280  1.00 14.93  ? 101  LEU A N   1 
ATOM   780  C  CA  . LEU A 1 101 ? -3.402  14.043  -3.734  1.00 15.18  ? 101  LEU A CA  1 
ATOM   781  C  C   . LEU A 1 101 ? -4.142  12.796  -4.191  1.00 18.00  ? 101  LEU A C   1 
ATOM   782  O  O   . LEU A 1 101 ? -4.565  12.683  -5.345  1.00 19.20  ? 101  LEU A O   1 
ATOM   783  C  CB  . LEU A 1 101 ? -1.982  14.028  -4.337  1.00 18.80  ? 101  LEU A CB  1 
ATOM   784  C  CG  . LEU A 1 101 ? -1.334  15.412  -4.374  1.00 18.01  ? 101  LEU A CG  1 
ATOM   785  C  CD1 . LEU A 1 101 ? -0.078  15.360  -5.200  1.00 16.72  ? 101  LEU A CD1 1 
ATOM   786  C  CD2 . LEU A 1 101 ? -2.318  16.421  -4.962  1.00 20.77  ? 101  LEU A CD2 1 
ATOM   787  N  N   . GLY A 1 102 ? -4.291  11.807  -3.308  1.00 17.52  ? 102  GLY A N   1 
ATOM   788  C  CA  . GLY A 1 102 ? -4.941  10.559  -3.707  1.00 19.49  ? 102  GLY A CA  1 
ATOM   789  C  C   . GLY A 1 102 ? -4.524  9.378   -2.826  1.00 17.75  ? 102  GLY A C   1 
ATOM   790  O  O   . GLY A 1 102 ? -3.805  9.496   -1.844  1.00 17.52  ? 102  GLY A O   1 
ATOM   791  N  N   . THR A 1 103 ? -5.022  8.216   -3.234  1.00 15.45  ? 103  THR A N   1 
ATOM   792  C  CA  . THR A 1 103 ? -4.711  6.950   -2.560  1.00 17.87  ? 103  THR A CA  1 
ATOM   793  C  C   . THR A 1 103 ? -4.111  5.947   -3.529  1.00 17.33  ? 103  THR A C   1 
ATOM   794  O  O   . THR A 1 103 ? -4.600  5.835   -4.644  1.00 17.10  ? 103  THR A O   1 
ATOM   795  C  CB  . THR A 1 103 ? -6.002  6.336   -1.951  1.00 18.38  ? 103  THR A CB  1 
ATOM   796  O  OG1 . THR A 1 103 ? -6.576  7.314   -1.077  1.00 19.50  ? 103  THR A OG1 1 
ATOM   797  C  CG2 . THR A 1 103 ? -5.640  5.100   -1.155  1.00 18.69  ? 103  THR A CG2 1 
ATOM   798  N  N   . ARG A 1 104 ? -3.058  5.207   -3.170  1.00 15.85  ? 104  ARG A N   1 
ATOM   799  C  CA  . ARG A 1 104 ? -2.509  4.185   -4.051  1.00 18.11  ? 104  ARG A CA  1 
ATOM   800  C  C   . ARG A 1 104 ? -2.077  2.963   -3.238  1.00 18.76  ? 104  ARG A C   1 
ATOM   801  O  O   . ARG A 1 104 ? -1.580  3.117   -2.122  1.00 14.92  ? 104  ARG A O   1 
ATOM   802  C  CB  A ARG A 1 104 ? -1.307  4.653   -4.870  0.60 14.24  ? 104  ARG A CB  1 
ATOM   803  C  CB  B ARG A 1 104 ? -1.256  4.669   -4.780  0.40 14.05  ? 104  ARG A CB  1 
ATOM   804  C  CG  A ARG A 1 104 ? -1.547  5.905   -5.705  0.60 17.18  ? 104  ARG A CG  1 
ATOM   805  C  CG  B ARG A 1 104 ? -1.500  5.846   -5.716  0.40 17.69  ? 104  ARG A CG  1 
ATOM   806  C  CD  A ARG A 1 104 ? -2.443  5.629   -6.926  0.60 20.00  ? 104  ARG A CD  1 
ATOM   807  C  CD  B ARG A 1 104 ? -2.006  5.307   -7.063  0.40 17.62  ? 104  ARG A CD  1 
ATOM   808  N  NE  A ARG A 1 104 ? -2.284  6.800   -7.826  0.60 22.00  ? 104  ARG A NE  1 
ATOM   809  N  NE  B ARG A 1 104 ? -1.575  6.245   -8.101  0.40 26.18  ? 104  ARG A NE  1 
ATOM   810  C  CZ  A ARG A 1 104 ? -2.992  7.911   -7.682  0.60 20.73  ? 104  ARG A CZ  1 
ATOM   811  C  CZ  B ARG A 1 104 ? -1.050  5.931   -9.270  0.40 30.69  ? 104  ARG A CZ  1 
ATOM   812  N  NH1 A ARG A 1 104 ? -3.876  7.958   -6.702  0.60 17.18  ? 104  ARG A NH1 1 
ATOM   813  N  NH1 B ARG A 1 104 ? -0.862  4.666   -9.629  0.40 24.79  ? 104  ARG A NH1 1 
ATOM   814  N  NH2 A ARG A 1 104 ? -2.835  8.962   -8.486  0.60 16.42  ? 104  ARG A NH2 1 
ATOM   815  N  NH2 B ARG A 1 104 ? -0.724  6.933   -10.076 0.40 33.55  ? 104  ARG A NH2 1 
ATOM   816  N  N   . LEU A 1 105 ? -2.220  1.803   -3.843  1.00 17.17  ? 105  LEU A N   1 
ATOM   817  C  CA  . LEU A 1 105 ? -1.487  0.601   -3.473  1.00 13.64  ? 105  LEU A CA  1 
ATOM   818  C  C   . LEU A 1 105 ? -0.071  0.802   -3.988  1.00 15.87  ? 105  LEU A C   1 
ATOM   819  O  O   . LEU A 1 105 ? 0.082   0.786   -5.225  1.00 16.16  ? 105  LEU A O   1 
ATOM   820  C  CB  . LEU A 1 105 ? -2.103  -0.622  -4.158  1.00 12.32  ? 105  LEU A CB  1 
ATOM   821  C  CG  . LEU A 1 105 ? -1.396  -1.947  -3.868  1.00 16.91  ? 105  LEU A CG  1 
ATOM   822  C  CD1 . LEU A 1 105 ? -1.263  -2.152  -2.382  1.00 16.69  ? 105  LEU A CD1 1 
ATOM   823  C  CD2 . LEU A 1 105 ? -2.164  -3.086  -4.550  1.00 15.51  ? 105  LEU A CD2 1 
ATOM   824  N  N   . CYS A 1 106 ? 0.901   1.024   -3.103  1.00 14.20  ? 106  CYS A N   1 
ATOM   825  C  CA  . CYS A 1 106 ? 2.220   1.375   -3.638  1.00 13.48  ? 106  CYS A CA  1 
ATOM   826  C  C   . CYS A 1 106 ? 3.063   0.139   -3.883  1.00 16.70  ? 106  CYS A C   1 
ATOM   827  O  O   . CYS A 1 106 ? 4.009   -0.197  -3.170  1.00 15.91  ? 106  CYS A O   1 
ATOM   828  C  CB  . CYS A 1 106 ? 2.906   2.367   -2.673  1.00 15.93  ? 106  CYS A CB  1 
ATOM   829  S  SG  . CYS A 1 106 ? 1.981   3.929   -2.536  1.00 17.24  ? 106  CYS A SG  1 
ATOM   830  N  N   . ARG A 1 107 ? 2.729   -0.555  -4.977  1.00 14.21  ? 107  ARG A N   1 
ATOM   831  C  CA  . ARG A 1 107 ? 3.438   -1.742  -5.424  1.00 14.63  ? 107  ARG A CA  1 
ATOM   832  C  C   . ARG A 1 107 ? 3.680   -1.562  -6.915  1.00 18.68  ? 107  ARG A C   1 
ATOM   833  O  O   . ARG A 1 107 ? 2.685   -1.656  -7.678  1.00 17.45  ? 107  ARG A O   1 
ATOM   834  C  CB  . ARG A 1 107 ? 2.686   -3.049  -5.137  1.00 15.22  ? 107  ARG A CB  1 
ATOM   835  C  CG  . ARG A 1 107 ? 2.488   -3.239  -3.645  1.00 16.65  ? 107  ARG A CG  1 
ATOM   836  C  CD  . ARG A 1 107 ? 1.728   -4.549  -3.382  1.00 19.63  ? 107  ARG A CD  1 
ATOM   837  N  NE  . ARG A 1 107 ? 2.634   -5.678  -3.645  1.00 20.06  ? 107  ARG A NE  1 
ATOM   838  C  CZ  . ARG A 1 107 ? 3.556   -6.160  -2.831  1.00 21.99  ? 107  ARG A CZ  1 
ATOM   839  N  NH1 . ARG A 1 107 ? 3.763   -5.648  -1.624  1.00 18.54  ? 107  ARG A NH1 1 
ATOM   840  N  NH2 . ARG A 1 107 ? 4.323   -7.203  -3.186  1.00 26.82  ? 107  ARG A NH2 1 
ATOM   841  N  N   . PRO A 1 108 ? 4.907   -1.259  -7.328  1.00 15.38  ? 108  PRO A N   1 
ATOM   842  C  CA  . PRO A 1 108 ? 6.105   -1.154  -6.495  1.00 13.79  ? 108  PRO A CA  1 
ATOM   843  C  C   . PRO A 1 108 ? 6.106   0.145   -5.706  1.00 10.17  ? 108  PRO A C   1 
ATOM   844  O  O   . PRO A 1 108 ? 5.261   1.024   -5.881  1.00 13.27  ? 108  PRO A O   1 
ATOM   845  C  CB  . PRO A 1 108 ? 7.257   -1.154  -7.503  1.00 14.75  ? 108  PRO A CB  1 
ATOM   846  C  CG  . PRO A 1 108 ? 6.661   -0.463  -8.681  1.00 16.84  ? 108  PRO A CG  1 
ATOM   847  C  CD  . PRO A 1 108 ? 5.234   -0.953  -8.742  1.00 20.30  ? 108  PRO A CD  1 
ATOM   848  N  N   . SER A 1 109 ? 7.077   0.238   -4.782  1.00 15.50  ? 109  SER A N   1 
ATOM   849  C  CA  . SER A 1 109 ? 7.050   1.325   -3.798  1.00 15.82  ? 109  SER A CA  1 
ATOM   850  C  C   . SER A 1 109 ? 7.080   2.706   -4.434  1.00 14.22  ? 109  SER A C   1 
ATOM   851  O  O   . SER A 1 109 ? 6.435   3.624   -3.918  1.00 14.12  ? 109  SER A O   1 
ATOM   852  C  CB  . SER A 1 109 ? 8.209   1.124   -2.817  1.00 15.87  ? 109  SER A CB  1 
ATOM   853  O  OG  . SER A 1 109 ? 9.449   1.101   -3.507  1.00 15.01  ? 109  SER A OG  1 
ATOM   854  N  N   . GLU A 1 110 ? 7.785   2.839   -5.566  1.00 13.96  ? 110  GLU A N   1 
ATOM   855  C  CA  . GLU A 1 110 ? 7.938   4.179   -6.129  1.00 14.22  ? 110  GLU A CA  1 
ATOM   856  C  C   . GLU A 1 110 ? 6.666   4.744   -6.720  1.00 18.08  ? 110  GLU A C   1 
ATOM   857  O  O   . GLU A 1 110 ? 6.599   5.936   -7.053  1.00 15.96  ? 110  GLU A O   1 
ATOM   858  C  CB  . GLU A 1 110 ? 9.080   4.168   -7.164  1.00 18.34  ? 110  GLU A CB  1 
ATOM   859  C  CG  . GLU A 1 110 ? 8.844   3.301   -8.379  1.00 18.61  ? 110  GLU A CG  1 
ATOM   860  C  CD  . GLU A 1 110 ? 9.318   1.878   -8.296  1.00 15.20  ? 110  GLU A CD  1 
ATOM   861  O  OE1 . GLU A 1 110 ? 9.417   1.249   -9.380  1.00 20.82  ? 110  GLU A OE1 1 
ATOM   862  O  OE2 . GLU A 1 110 ? 9.576   1.332   -7.211  1.00 17.75  ? 110  GLU A OE2 1 
ATOM   863  N  N   . VAL A 1 111 ? 5.615   3.904   -6.809  1.00 13.11  ? 111  VAL A N   1 
ATOM   864  C  CA  . VAL A 1 111 ? 4.308   4.477   -7.105  1.00 11.89  ? 111  VAL A CA  1 
ATOM   865  C  C   . VAL A 1 111 ? 3.958   5.607   -6.153  1.00 13.77  ? 111  VAL A C   1 
ATOM   866  O  O   . VAL A 1 111 ? 3.209   6.530   -6.467  1.00 14.69  ? 111  VAL A O   1 
ATOM   867  C  CB  . VAL A 1 111 ? 3.222   3.381   -7.010  1.00 13.57  ? 111  VAL A CB  1 
ATOM   868  C  CG1 . VAL A 1 111 ? 1.847   4.024   -7.084  1.00 17.55  ? 111  VAL A CG1 1 
ATOM   869  C  CG2 . VAL A 1 111 ? 3.412   2.334   -8.097  1.00 17.75  ? 111  VAL A CG2 1 
ATOM   870  N  N   . VAL A 1 112 ? 4.471   5.588   -4.898  1.00 15.78  ? 112  VAL A N   1 
ATOM   871  C  CA  . VAL A 1 112 ? 4.109   6.647   -3.965  1.00 15.31  ? 112  VAL A CA  1 
ATOM   872  C  C   . VAL A 1 112 ? 4.524   8.050   -4.422  1.00 13.71  ? 112  VAL A C   1 
ATOM   873  O  O   . VAL A 1 112 ? 3.913   9.012   -3.962  1.00 14.13  ? 112  VAL A O   1 
ATOM   874  C  CB  . VAL A 1 112 ? 4.714   6.344   -2.562  1.00 15.65  ? 112  VAL A CB  1 
ATOM   875  C  CG1 . VAL A 1 112 ? 6.205   6.603   -2.553  1.00 16.13  ? 112  VAL A CG1 1 
ATOM   876  C  CG2 . VAL A 1 112 ? 3.970   7.136   -1.498  1.00 14.75  ? 112  VAL A CG2 1 
ATOM   877  N  N   . LEU A 1 113 ? 5.527   8.138   -5.288  1.00 13.94  ? 113  LEU A N   1 
ATOM   878  C  CA  . LEU A 1 113 ? 5.987   9.434   -5.811  1.00 14.81  ? 113  LEU A CA  1 
ATOM   879  C  C   . LEU A 1 113 ? 4.863   10.149  -6.559  1.00 18.96  ? 113  LEU A C   1 
ATOM   880  O  O   . LEU A 1 113 ? 4.827   11.394  -6.659  1.00 18.14  ? 113  LEU A O   1 
ATOM   881  C  CB  . LEU A 1 113 ? 7.195   9.213   -6.722  1.00 11.49  ? 113  LEU A CB  1 
ATOM   882  C  CG  . LEU A 1 113 ? 8.456   8.609   -6.096  1.00 12.07  ? 113  LEU A CG  1 
ATOM   883  C  CD1 . LEU A 1 113 ? 9.498   8.435   -7.186  1.00 16.75  ? 113  LEU A CD1 1 
ATOM   884  C  CD2 . LEU A 1 113 ? 8.976   9.511   -4.993  1.00 15.95  ? 113  LEU A CD2 1 
ATOM   885  N  N   . ASP A 1 114 ? 3.887   9.379   -7.099  1.00 12.70  ? 114  ASP A N   1 
ATOM   886  C  CA  . ASP A 1 114 ? 2.780   10.046  -7.777  1.00 12.59  ? 114  ASP A CA  1 
ATOM   887  C  C   . ASP A 1 114 ? 1.963   10.892  -6.801  1.00 18.47  ? 114  ASP A C   1 
ATOM   888  O  O   . ASP A 1 114 ? 1.369   11.902  -7.239  1.00 16.99  ? 114  ASP A O   1 
ATOM   889  C  CB  . ASP A 1 114 ? 1.825   9.038   -8.412  1.00 17.16  ? 114  ASP A CB  1 
ATOM   890  C  CG  . ASP A 1 114 ? 2.423   8.233   -9.548  1.00 22.96  ? 114  ASP A CG  1 
ATOM   891  O  OD1 . ASP A 1 114 ? 1.742   7.279   -9.972  1.00 33.07  ? 114  ASP A OD1 1 
ATOM   892  O  OD2 . ASP A 1 114 ? 3.558   8.485   -9.995  1.00 25.95  ? 114  ASP A OD2 1 
ATOM   893  N  N   . ILE A 1 115 ? 1.758   10.405  -5.564  1.00 13.34  ? 115  ILE A N   1 
ATOM   894  C  CA  . ILE A 1 115 ? 0.839   11.143  -4.670  1.00 13.73  ? 115  ILE A CA  1 
ATOM   895  C  C   . ILE A 1 115 ? 1.535   11.950  -3.597  1.00 14.14  ? 115  ILE A C   1 
ATOM   896  O  O   . ILE A 1 115 ? 0.870   12.636  -2.798  1.00 17.81  ? 115  ILE A O   1 
ATOM   897  C  CB  . ILE A 1 115 ? -0.159  10.161  -4.043  1.00 13.67  ? 115  ILE A CB  1 
ATOM   898  C  CG1 . ILE A 1 115 ? 0.534   8.955   -3.392  1.00 16.65  ? 115  ILE A CG1 1 
ATOM   899  C  CG2 . ILE A 1 115 ? -1.158  9.697   -5.102  1.00 13.93  ? 115  ILE A CG2 1 
ATOM   900  C  CD1 . ILE A 1 115 ? -0.523  8.112   -2.649  1.00 21.24  ? 115  ILE A CD1 1 
ATOM   901  N  N   . LEU A 1 116 ? 2.864   11.945  -3.513  1.00 14.61  ? 116  LEU A N   1 
ATOM   902  C  CA  . LEU A 1 116 ? 3.537   12.862  -2.583  1.00 12.47  ? 116  LEU A CA  1 
ATOM   903  C  C   . LEU A 1 116 ? 3.580   14.273  -3.154  1.00 15.45  ? 116  LEU A C   1 
ATOM   904  O  O   . LEU A 1 116 ? 4.059   14.416  -4.277  1.00 16.57  ? 116  LEU A O   1 
ATOM   905  C  CB  . LEU A 1 116 ? 4.952   12.359  -2.284  1.00 12.45  ? 116  LEU A CB  1 
ATOM   906  C  CG  . LEU A 1 116 ? 4.988   11.053  -1.489  1.00 12.78  ? 116  LEU A CG  1 
ATOM   907  C  CD1 . LEU A 1 116 ? 6.396   10.447  -1.398  1.00 12.43  ? 116  LEU A CD1 1 
ATOM   908  C  CD2 . LEU A 1 116 ? 4.431   11.298  -0.089  1.00 15.25  ? 116  LEU A CD2 1 
ATOM   909  N  N   . GLN A 1 117 ? 3.081   15.234  -2.387  1.00 16.39  ? 117  GLN A N   1 
ATOM   910  C  CA  . GLN A 1 117 ? 2.987   16.623  -2.833  1.00 15.05  ? 117  GLN A CA  1 
ATOM   911  C  C   . GLN A 1 117 ? 4.344   17.291  -3.028  1.00 17.82  ? 117  GLN A C   1 
ATOM   912  O  O   . GLN A 1 117 ? 4.588   18.092  -3.919  1.00 19.78  ? 117  GLN A O   1 
ATOM   913  C  CB  . GLN A 1 117 ? 2.201   17.434  -1.788  1.00 17.45  ? 117  GLN A CB  1 
ATOM   914  C  CG  . GLN A 1 117 ? 0.695   17.188  -1.822  1.00 21.73  ? 117  GLN A CG  1 
ATOM   915  C  CD  . GLN A 1 117 ? -0.001  17.713  -0.566  1.00 28.49  ? 117  GLN A CD  1 
ATOM   916  O  OE1 . GLN A 1 117 ? 0.302   17.251  0.535   1.00 23.51  ? 117  GLN A OE1 1 
ATOM   917  N  NE2 . GLN A 1 117 ? -0.926  18.648  -0.723  1.00 20.72  ? 117  GLN A NE2 1 
ATOM   918  N  N   . ASP A 1 118 ? 5.279   16.959  -2.135  1.00 16.34  ? 118  ASP A N   1 
ATOM   919  C  CA  . ASP A 1 118 ? 6.599   17.564  -2.172  1.00 18.01  ? 118  ASP A CA  1 
ATOM   920  C  C   . ASP A 1 118 ? 7.638   16.616  -2.755  1.00 16.59  ? 118  ASP A C   1 
ATOM   921  O  O   . ASP A 1 118 ? 7.638   15.403  -2.486  1.00 18.24  ? 118  ASP A O   1 
ATOM   922  C  CB  . ASP A 1 118 ? 6.970   17.954  -0.735  1.00 15.95  ? 118  ASP A CB  1 
ATOM   923  C  CG  . ASP A 1 118 ? 5.987   18.969  -0.167  1.00 23.41  ? 118  ASP A CG  1 
ATOM   924  O  OD1 . ASP A 1 118 ? 5.409   19.791  -0.908  1.00 23.80  ? 118  ASP A OD1 1 
ATOM   925  O  OD2 . ASP A 1 118 ? 5.790   18.923  1.060   1.00 23.84  ? 118  ASP A OD2 1 
ATOM   926  N  N   . ALA A 1 119 ? 8.555   17.116  -3.569  1.00 19.19  ? 119  ALA A N   1 
ATOM   927  C  CA  . ALA A 1 119 ? 9.580   16.275  -4.181  1.00 16.84  ? 119  ALA A CA  1 
ATOM   928  C  C   . ALA A 1 119 ? 10.517  15.641  -3.158  1.00 19.15  ? 119  ALA A C   1 
ATOM   929  O  O   . ALA A 1 119 ? 10.730  16.196  -2.068  1.00 18.21  ? 119  ALA A O   1 
ATOM   930  C  CB  . ALA A 1 119 ? 10.376  17.065  -5.218  1.00 18.41  ? 119  ALA A CB  1 
ATOM   931  N  N   . GLN A 1 120 ? 11.083  14.495  -3.517  1.00 15.60  ? 120  GLN A N   1 
ATOM   932  C  CA  . GLN A 1 120 ? 12.153  13.910  -2.701  1.00 15.07  ? 120  GLN A CA  1 
ATOM   933  C  C   . GLN A 1 120 ? 13.225  14.982  -2.407  1.00 14.40  ? 120  GLN A C   1 
ATOM   934  O  O   . GLN A 1 120 ? 13.600  15.759  -3.284  1.00 16.89  ? 120  GLN A O   1 
ATOM   935  C  CB  . GLN A 1 120 ? 12.820  12.723  -3.383  1.00 16.57  ? 120  GLN A CB  1 
ATOM   936  C  CG  . GLN A 1 120 ? 11.767  11.636  -3.676  1.00 15.16  ? 120  GLN A CG  1 
ATOM   937  C  CD  . GLN A 1 120 ? 11.449  10.903  -2.367  1.00 14.35  ? 120  GLN A CD  1 
ATOM   938  O  OE1 . GLN A 1 120 ? 12.307  10.187  -1.816  1.00 15.96  ? 120  GLN A OE1 1 
ATOM   939  N  NE2 . GLN A 1 120 ? 10.226  11.108  -1.913  1.00 18.29  ? 120  GLN A NE2 1 
ATOM   940  N  N   . LYS A 1 121 ? 13.701  15.002  -1.174  1.00 18.16  ? 121  LYS A N   1 
ATOM   941  C  CA  . LYS A 1 121 ? 14.635  16.052  -0.753  1.00 19.57  ? 121  LYS A CA  1 
ATOM   942  C  C   . LYS A 1 121 ? 16.068  15.848  -1.180  1.00 27.32  ? 121  LYS A C   1 
ATOM   943  O  O   . LYS A 1 121 ? 16.918  16.748  -1.128  1.00 30.63  ? 121  LYS A O   1 
ATOM   944  C  CB  . LYS A 1 121 ? 14.544  16.207  0.789   1.00 20.32  ? 121  LYS A CB  1 
ATOM   945  C  CG  . LYS A 1 121 ? 13.267  16.991  1.117   1.00 22.52  ? 121  LYS A CG  1 
ATOM   946  C  CD  . LYS A 1 121 ? 12.826  16.846  2.562   1.00 36.10  ? 121  LYS A CD  1 
ATOM   947  C  CE  . LYS A 1 121 ? 13.821  17.556  3.481   1.00 39.89  ? 121  LYS A CE  1 
ATOM   948  N  NZ  . LYS A 1 121 ? 13.353  17.540  4.899   1.00 61.92  ? 121  LYS A NZ  1 
ATOM   949  N  N   . GLY A 1 122 ? 16.364  14.652  -1.633  1.00 22.69  ? 122  GLY A N   1 
ATOM   950  C  CA  . GLY A 1 122 ? 17.689  14.268  -2.111  1.00 21.31  ? 122  GLY A CA  1 
ATOM   951  C  C   . GLY A 1 122 ? 17.510  12.916  -2.796  1.00 26.23  ? 122  GLY A C   1 
ATOM   952  O  O   . GLY A 1 122 ? 16.371  12.439  -2.843  1.00 23.27  ? 122  GLY A O   1 
ATOM   953  N  N   . ALA A 1 123 ? 18.589  12.338  -3.289  1.00 17.00  ? 123  ALA A N   1 
ATOM   954  C  CA  . ALA A 1 123 ? 18.490  11.062  -3.968  1.00 14.76  ? 123  ALA A CA  1 
ATOM   955  C  C   . ALA A 1 123 ? 17.850  10.037  -3.054  1.00 16.00  ? 123  ALA A C   1 
ATOM   956  O  O   . ALA A 1 123 ? 17.964  10.089  -1.813  1.00 19.12  ? 123  ALA A O   1 
ATOM   957  C  CB  . ALA A 1 123 ? 19.877  10.600  -4.389  1.00 16.20  ? 123  ALA A CB  1 
ATOM   958  N  N   . PHE A 1 124 ? 17.186  9.058   -3.648  1.00 13.46  ? 124  PHE A N   1 
ATOM   959  C  CA  . PHE A 1 124 ? 16.577  7.945   -2.943  1.00 15.41  ? 124  PHE A CA  1 
ATOM   960  C  C   . PHE A 1 124 ? 16.985  6.637   -3.630  1.00 14.45  ? 124  PHE A C   1 
ATOM   961  O  O   . PHE A 1 124 ? 16.769  6.432   -4.841  1.00 15.04  ? 124  PHE A O   1 
ATOM   962  C  CB  . PHE A 1 124 ? 15.026  8.002   -2.897  1.00 15.10  ? 124  PHE A CB  1 
ATOM   963  C  CG  . PHE A 1 124 ? 14.483  6.916   -1.961  1.00 11.79  ? 124  PHE A CG  1 
ATOM   964  C  CD1 . PHE A 1 124 ? 14.112  5.656   -2.412  1.00 13.16  ? 124  PHE A CD1 1 
ATOM   965  C  CD2 . PHE A 1 124 ? 14.371  7.205   -0.612  1.00 12.22  ? 124  PHE A CD2 1 
ATOM   966  C  CE1 . PHE A 1 124 ? 13.702  4.679   -1.513  1.00 16.76  ? 124  PHE A CE1 1 
ATOM   967  C  CE2 . PHE A 1 124 ? 13.984  6.239   0.300   1.00 15.44  ? 124  PHE A CE2 1 
ATOM   968  C  CZ  . PHE A 1 124 ? 13.650  4.953   -0.156  1.00 17.08  ? 124  PHE A CZ  1 
ATOM   969  N  N   . THR A 1 125 ? 17.540  5.757   -2.797  1.00 16.30  ? 125  THR A N   1 
ATOM   970  C  CA  . THR A 1 125 ? 17.946  4.400   -3.163  1.00 12.21  ? 125  THR A CA  1 
ATOM   971  C  C   . THR A 1 125 ? 17.218  3.417   -2.284  1.00 14.59  ? 125  THR A C   1 
ATOM   972  O  O   . THR A 1 125 ? 17.252  3.535   -1.049  1.00 15.66  ? 125  THR A O   1 
ATOM   973  C  CB  . THR A 1 125 ? 19.476  4.218   -3.000  1.00 14.35  ? 125  THR A CB  1 
ATOM   974  O  OG1 . THR A 1 125 ? 20.112  5.167   -3.867  1.00 16.82  ? 125  THR A OG1 1 
ATOM   975  C  CG2 . THR A 1 125 ? 19.884  2.814   -3.431  1.00 19.45  ? 125  THR A CG2 1 
ATOM   976  N  N   . LYS A 1 126 ? 16.540  2.436   -2.874  1.00 13.44  ? 126  LYS A N   1 
ATOM   977  C  CA  . LYS A 1 126 ? 15.858  1.435   -2.077  1.00 11.90  ? 126  LYS A CA  1 
ATOM   978  C  C   . LYS A 1 126 ? 16.822  0.642   -1.184  1.00 11.72  ? 126  LYS A C   1 
ATOM   979  O  O   . LYS A 1 126 ? 18.053  0.650   -1.353  1.00 14.36  ? 126  LYS A O   1 
ATOM   980  C  CB  . LYS A 1 126 ? 15.138  0.439   -3.007  1.00 13.93  ? 126  LYS A CB  1 
ATOM   981  C  CG  . LYS A 1 126 ? 13.978  1.095   -3.784  1.00 13.07  ? 126  LYS A CG  1 
ATOM   982  C  CD  . LYS A 1 126 ? 13.296  0.046   -4.687  1.00 14.76  ? 126  LYS A CD  1 
ATOM   983  C  CE  . LYS A 1 126 ? 12.173  0.693   -5.497  1.00 17.60  ? 126  LYS A CE  1 
ATOM   984  N  NZ  . LYS A 1 126 ? 11.654  -0.286  -6.531  1.00 17.61  ? 126  LYS A NZ  1 
ATOM   985  N  N   . GLU A 1 127 ? 16.243  -0.042  -0.182  1.00 13.33  ? 127  GLU A N   1 
ATOM   986  C  CA  . GLU A 1 127 ? 17.087  -0.739  0.800   1.00 16.03  ? 127  GLU A CA  1 
ATOM   987  C  C   . GLU A 1 127 ? 17.924  -1.829  0.151   1.00 16.29  ? 127  GLU A C   1 
ATOM   988  O  O   . GLU A 1 127 ? 18.997  -2.146  0.690   1.00 17.85  ? 127  GLU A O   1 
ATOM   989  C  CB  . GLU A 1 127 ? 16.255  -1.283  1.956   1.00 17.80  ? 127  GLU A CB  1 
ATOM   990  C  CG  . GLU A 1 127 ? 15.223  -2.307  1.541   1.00 17.87  ? 127  GLU A CG  1 
ATOM   991  C  CD  . GLU A 1 127 ? 14.465  -2.917  2.706   1.00 15.55  ? 127  GLU A CD  1 
ATOM   992  O  OE1 . GLU A 1 127 ? 13.895  -4.006  2.414   1.00 19.08  ? 127  GLU A OE1 1 
ATOM   993  O  OE2 . GLU A 1 127 ? 14.395  -2.394  3.837   1.00 16.25  ? 127  GLU A OE2 1 
ATOM   994  N  N   . ASP A 1 128 ? 17.558  -2.390  -0.999  1.00 14.00  ? 128  ASP A N   1 
ATOM   995  C  CA  . ASP A 1 128 ? 18.427  -3.375  -1.639  1.00 15.54  ? 128  ASP A CA  1 
ATOM   996  C  C   . ASP A 1 128 ? 19.403  -2.758  -2.632  1.00 15.50  ? 128  ASP A C   1 
ATOM   997  O  O   . ASP A 1 128 ? 20.083  -3.521  -3.330  1.00 18.46  ? 128  ASP A O   1 
ATOM   998  C  CB  . ASP A 1 128 ? 17.602  -4.465  -2.361  1.00 18.93  ? 128  ASP A CB  1 
ATOM   999  C  CG  . ASP A 1 128 ? 16.944  -4.044  -3.650  1.00 22.06  ? 128  ASP A CG  1 
ATOM   1000 O  OD1 . ASP A 1 128 ? 16.941  -2.845  -4.013  1.00 18.55  ? 128  ASP A OD1 1 
ATOM   1001 O  OD2 . ASP A 1 128 ? 16.384  -4.931  -4.365  1.00 23.81  ? 128  ASP A OD2 1 
ATOM   1002 N  N   . GLY A 1 129 ? 19.524  -1.442  -2.689  1.00 15.07  ? 129  GLY A N   1 
ATOM   1003 C  CA  . GLY A 1 129 ? 20.473  -0.789  -3.594  1.00 15.81  ? 129  GLY A CA  1 
ATOM   1004 C  C   . GLY A 1 129 ? 19.871  -0.300  -4.897  1.00 18.09  ? 129  GLY A C   1 
ATOM   1005 O  O   . GLY A 1 129 ? 20.556  0.406   -5.666  1.00 19.51  ? 129  GLY A O   1 
ATOM   1006 N  N   . GLU A 1 130 ? 18.639  -0.644  -5.216  0.50 5.44   ? 130  GLU A N   1 
ATOM   1007 C  CA  . GLU A 1 130 ? 18.010  -0.152  -6.435  0.50 7.34   ? 130  GLU A CA  1 
ATOM   1008 C  C   . GLU A 1 130 ? 17.800  1.358   -6.384  0.50 4.69   ? 130  GLU A C   1 
ATOM   1009 O  O   . GLU A 1 130 ? 17.089  1.877   -5.525  0.50 5.06   ? 130  GLU A O   1 
ATOM   1010 C  CB  . GLU A 1 130 ? 16.685  -0.893  -6.647  0.50 7.87   ? 130  GLU A CB  1 
ATOM   1011 C  CG  . GLU A 1 130 ? 15.883  -0.512  -7.884  0.50 11.09  ? 130  GLU A CG  1 
ATOM   1012 C  CD  . GLU A 1 130 ? 14.499  -1.142  -7.916  0.50 17.17  ? 130  GLU A CD  1 
ATOM   1013 O  OE1 . GLU A 1 130 ? 14.322  -2.286  -7.431  0.50 28.17  ? 130  GLU A OE1 1 
ATOM   1014 O  OE2 . GLU A 1 130 ? 13.511  -0.543  -8.399  0.50 23.55  ? 130  GLU A OE2 1 
ATOM   1015 N  N   . LYS A 1 131 ? 18.430  2.073   -7.313  1.00 16.48  ? 131  LYS A N   1 
ATOM   1016 C  CA  . LYS A 1 131 ? 18.307  3.536   -7.377  1.00 16.32  ? 131  LYS A CA  1 
ATOM   1017 C  C   . LYS A 1 131 ? 16.918  3.947   -7.833  1.00 21.49  ? 131  LYS A C   1 
ATOM   1018 O  O   . LYS A 1 131 ? 16.431  3.355   -8.801  1.00 20.20  ? 131  LYS A O   1 
ATOM   1019 C  CB  . LYS A 1 131 ? 19.372  4.108   -8.319  1.00 20.36  ? 131  LYS A CB  1 
ATOM   1020 C  CG  . LYS A 1 131 ? 20.777  3.933   -7.747  1.00 22.24  ? 131  LYS A CG  1 
ATOM   1021 C  CD  . LYS A 1 131 ? 21.846  4.424   -8.731  1.00 28.15  ? 131  LYS A CD  1 
ATOM   1022 C  CE  . LYS A 1 131 ? 23.174  3.758   -8.319  1.00 38.49  ? 131  LYS A CE  1 
ATOM   1023 N  NZ  . LYS A 1 131 ? 24.338  4.577   -8.756  1.00 67.18  ? 131  LYS A NZ  1 
ATOM   1024 N  N   . VAL A 1 132 ? 16.308  4.922   -7.157  1.00 15.16  ? 132  VAL A N   1 
ATOM   1025 C  CA  . VAL A 1 132 ? 14.993  5.384   -7.626  1.00 14.08  ? 132  VAL A CA  1 
ATOM   1026 C  C   . VAL A 1 132 ? 15.029  6.792   -8.181  1.00 18.59  ? 132  VAL A C   1 
ATOM   1027 O  O   . VAL A 1 132 ? 14.594  7.041   -9.306  1.00 18.09  ? 132  VAL A O   1 
ATOM   1028 C  CB  . VAL A 1 132 ? 13.975  5.331   -6.465  1.00 17.45  ? 132  VAL A CB  1 
ATOM   1029 C  CG1 . VAL A 1 132 ? 12.637  5.858   -6.984  1.00 17.22  ? 132  VAL A CG1 1 
ATOM   1030 C  CG2 . VAL A 1 132 ? 13.857  3.926   -5.917  1.00 20.52  ? 132  VAL A CG2 1 
ATOM   1031 N  N   . VAL A 1 133 ? 15.542  7.709   -7.340  1.00 14.96  ? 133  VAL A N   1 
ATOM   1032 C  CA  . VAL A 1 133 ? 15.694  9.082   -7.836  1.00 19.76  ? 133  VAL A CA  1 
ATOM   1033 C  C   . VAL A 1 133 ? 17.134  9.527   -7.567  1.00 20.26  ? 133  VAL A C   1 
ATOM   1034 O  O   . VAL A 1 133 ? 17.696  9.150   -6.506  1.00 16.11  ? 133  VAL A O   1 
ATOM   1035 C  CB  . VAL A 1 133 ? 14.692  10.069  -7.224  1.00 23.21  ? 133  VAL A CB  1 
ATOM   1036 C  CG1 . VAL A 1 133 ? 13.282  9.449   -7.266  1.00 24.07  ? 133  VAL A CG1 1 
ATOM   1037 C  CG2 . VAL A 1 133 ? 15.043  10.454  -5.807  1.00 40.28  ? 133  VAL A CG2 1 
ATOM   1038 N  N   . ASP A 1 134 ? 17.690  10.255  -8.541  1.00 17.49  ? 134  ASP A N   1 
ATOM   1039 C  CA  . ASP A 1 134 ? 19.075  10.730  -8.324  1.00 19.72  ? 134  ASP A CA  1 
ATOM   1040 C  C   . ASP A 1 134 ? 19.077  12.029  -7.556  1.00 19.61  ? 134  ASP A C   1 
ATOM   1041 O  O   . ASP A 1 134 ? 18.032  12.557  -7.179  1.00 19.72  ? 134  ASP A O   1 
ATOM   1042 C  CB  . ASP A 1 134 ? 19.832  10.849  -9.640  1.00 18.82  ? 134  ASP A CB  1 
ATOM   1043 C  CG  . ASP A 1 134 ? 19.277  11.890  -10.603 1.00 26.68  ? 134  ASP A CG  1 
ATOM   1044 O  OD1 . ASP A 1 134 ? 19.529  11.733  -11.827 1.00 32.03  ? 134  ASP A OD1 1 
ATOM   1045 O  OD2 . ASP A 1 134 ? 18.615  12.867  -10.185 1.00 24.12  ? 134  ASP A OD2 1 
ATOM   1046 N  N   . GLU A 1 135 ? 20.260  12.607  -7.303  1.00 20.49  ? 135  GLU A N   1 
ATOM   1047 C  CA  . GLU A 1 135 ? 20.297  13.815  -6.481  1.00 23.20  ? 135  GLU A CA  1 
ATOM   1048 C  C   . GLU A 1 135 ? 19.573  14.982  -7.148  1.00 23.45  ? 135  GLU A C   1 
ATOM   1049 O  O   . GLU A 1 135 ? 19.050  15.828  -6.413  1.00 29.99  ? 135  GLU A O   1 
ATOM   1050 C  CB  A GLU A 1 135 ? 21.736  14.224  -6.148  0.56 25.41  ? 135  GLU A CB  1 
ATOM   1051 C  CB  B GLU A 1 135 ? 21.755  14.174  -6.194  0.44 25.80  ? 135  GLU A CB  1 
ATOM   1052 C  CG  A GLU A 1 135 ? 22.183  13.743  -4.774  0.56 34.24  ? 135  GLU A CG  1 
ATOM   1053 C  CG  B GLU A 1 135 ? 21.981  15.247  -5.154  0.44 27.20  ? 135  GLU A CG  1 
ATOM   1054 C  CD  A GLU A 1 135 ? 21.519  14.477  -3.628  0.56 44.29  ? 135  GLU A CD  1 
ATOM   1055 C  CD  B GLU A 1 135 ? 21.257  15.031  -3.844  0.44 43.58  ? 135  GLU A CD  1 
ATOM   1056 O  OE1 A GLU A 1 135 ? 21.373  15.721  -3.722  0.56 63.28  ? 135  GLU A OE1 1 
ATOM   1057 O  OE1 B GLU A 1 135 ? 21.029  16.038  -3.129  0.44 52.51  ? 135  GLU A OE1 1 
ATOM   1058 O  OE2 A GLU A 1 135 ? 21.134  13.842  -2.619  0.56 25.26  ? 135  GLU A OE2 1 
ATOM   1059 O  OE2 B GLU A 1 135 ? 20.894  13.888  -3.500  0.44 29.32  ? 135  GLU A OE2 1 
ATOM   1060 N  N   . ALA A 1 136 ? 19.498  14.984  -8.467  1.00 27.44  ? 136  ALA A N   1 
ATOM   1061 C  CA  . ALA A 1 136 ? 18.835  16.062  -9.206  1.00 27.07  ? 136  ALA A CA  1 
ATOM   1062 C  C   . ALA A 1 136 ? 17.322  15.950  -9.130  1.00 26.98  ? 136  ALA A C   1 
ATOM   1063 O  O   . ALA A 1 136 ? 16.573  16.905  -9.341  1.00 27.95  ? 136  ALA A O   1 
ATOM   1064 C  CB  . ALA A 1 136 ? 19.285  16.054  -10.666 1.00 25.69  ? 136  ALA A CB  1 
ATOM   1065 N  N   . GLY A 1 137 ? 16.856  14.748  -8.824  1.00 21.85  ? 137  GLY A N   1 
ATOM   1066 C  CA  . GLY A 1 137 ? 15.428  14.522  -8.664  1.00 20.99  ? 137  GLY A CA  1 
ATOM   1067 C  C   . GLY A 1 137 ? 14.861  13.701  -9.815  1.00 19.82  ? 137  GLY A C   1 
ATOM   1068 O  O   . GLY A 1 137 ? 13.645  13.499  -9.795  1.00 20.99  ? 137  GLY A O   1 
ATOM   1069 N  N   . LYS A 1 138 ? 15.689  13.240  -10.755 1.00 17.21  ? 138  LYS A N   1 
ATOM   1070 C  CA  . LYS A 1 138 ? 15.182  12.471  -11.887 1.00 19.11  ? 138  LYS A CA  1 
ATOM   1071 C  C   . LYS A 1 138 ? 14.911  11.028  -11.447 1.00 21.79  ? 138  LYS A C   1 
ATOM   1072 O  O   . LYS A 1 138 ? 15.754  10.398  -10.803 1.00 22.65  ? 138  LYS A O   1 
ATOM   1073 C  CB  . LYS A 1 138 ? 16.176  12.512  -13.046 1.00 27.54  ? 138  LYS A CB  1 
ATOM   1074 C  CG  . LYS A 1 138 ? 15.824  11.535  -14.169 1.00 38.54  ? 138  LYS A CG  1 
ATOM   1075 C  CD  . LYS A 1 138 ? 16.643  11.826  -15.426 1.00 40.39  ? 138  LYS A CD  1 
ATOM   1076 C  CE  . LYS A 1 138 ? 16.049  11.123  -16.633 1.00 48.01  ? 138  LYS A CE  1 
ATOM   1077 N  NZ  . LYS A 1 138 ? 16.847  9.942   -17.065 1.00 76.00  ? 138  LYS A NZ  1 
ATOM   1078 N  N   . ARG A 1 139 ? 13.734  10.532  -11.790 1.00 19.95  ? 139  ARG A N   1 
ATOM   1079 C  CA  . ARG A 1 139 ? 13.380  9.126   -11.664 1.00 24.49  ? 139  ARG A CA  1 
ATOM   1080 C  C   . ARG A 1 139 ? 14.320  8.294   -12.526 1.00 34.56  ? 139  ARG A C   1 
ATOM   1081 O  O   . ARG A 1 139 ? 14.566  8.529   -13.714 1.00 36.98  ? 139  ARG A O   1 
ATOM   1082 C  CB  A ARG A 1 139 ? 11.908  8.903   -12.008 0.52 22.45  ? 139  ARG A CB  1 
ATOM   1083 C  CB  B ARG A 1 139 ? 11.934  8.922   -12.096 0.48 24.84  ? 139  ARG A CB  1 
ATOM   1084 C  CG  A ARG A 1 139 ? 11.091  8.330   -10.874 0.52 28.65  ? 139  ARG A CG  1 
ATOM   1085 C  CG  B ARG A 1 139 ? 10.978  8.227   -11.177 0.48 27.34  ? 139  ARG A CG  1 
ATOM   1086 C  CD  A ARG A 1 139 ? 11.004  6.817   -10.960 0.52 32.03  ? 139  ARG A CD  1 
ATOM   1087 C  CD  B ARG A 1 139 ? 11.586  7.083   -10.401 0.48 31.77  ? 139  ARG A CD  1 
ATOM   1088 N  NE  A ARG A 1 139 ? 9.972   6.367   -11.889 0.52 37.99  ? 139  ARG A NE  1 
ATOM   1089 N  NE  B ARG A 1 139 ? 11.336  5.780   -11.008 0.48 39.40  ? 139  ARG A NE  1 
ATOM   1090 C  CZ  A ARG A 1 139 ? 8.687   6.254   -11.569 0.52 43.38  ? 139  ARG A CZ  1 
ATOM   1091 C  CZ  B ARG A 1 139 ? 10.156  5.260   -11.297 0.48 38.48  ? 139  ARG A CZ  1 
ATOM   1092 N  NH1 A ARG A 1 139 ? 8.251   6.550   -10.351 0.52 26.95  ? 139  ARG A NH1 1 
ATOM   1093 N  NH1 B ARG A 1 139 ? 9.047   5.936   -11.038 0.48 46.88  ? 139  ARG A NH1 1 
ATOM   1094 N  NH2 A ARG A 1 139 ? 7.813   5.836   -12.479 0.52 53.14  ? 139  ARG A NH2 1 
ATOM   1095 N  NH2 B ARG A 1 139 ? 10.073  4.060   -11.849 0.48 33.51  ? 139  ARG A NH2 1 
ATOM   1096 N  N   . LEU A 1 140 ? 14.934  7.257   -11.934 1.00 27.13  ? 140  LEU A N   1 
ATOM   1097 C  CA  . LEU A 1 140 ? 15.811  6.421   -12.748 1.00 38.99  ? 140  LEU A CA  1 
ATOM   1098 C  C   . LEU A 1 140 ? 15.073  5.257   -13.389 1.00 48.67  ? 140  LEU A C   1 
ATOM   1099 O  O   . LEU A 1 140 ? 14.020  4.831   -12.922 1.00 39.93  ? 140  LEU A O   1 
ATOM   1100 C  CB  . LEU A 1 140 ? 16.981  5.936   -11.889 1.00 34.44  ? 140  LEU A CB  1 
ATOM   1101 C  CG  . LEU A 1 140 ? 17.932  7.092   -11.533 1.00 48.26  ? 140  LEU A CG  1 
ATOM   1102 C  CD1 . LEU A 1 140 ? 19.178  6.611   -10.820 1.00 43.54  ? 140  LEU A CD1 1 
ATOM   1103 C  CD2 . LEU A 1 140 ? 18.270  7.845   -12.813 1.00 46.47  ? 140  LEU A CD2 1 
ATOM   1104 O  OXT . LEU A 1 140 ? 15.610  5.617   -13.467 1.00 53.39  ? 140  LEU A OXT 1 
HETATM 1105 S  S   . SO4 B 2 .   ? 9.437   -8.157  0.283   0.55 20.73  ? 201  SO4 A S   1 
HETATM 1106 O  O1  . SO4 B 2 .   ? 10.212  -8.992  -0.654  0.55 24.22  ? 201  SO4 A O1  1 
HETATM 1107 O  O2  . SO4 B 2 .   ? 8.102   -8.753  0.498   0.55 28.29  ? 201  SO4 A O2  1 
HETATM 1108 O  O3  . SO4 B 2 .   ? 10.127  -8.162  1.583   0.55 25.32  ? 201  SO4 A O3  1 
HETATM 1109 O  O4  . SO4 B 2 .   ? 9.265   -6.805  -0.292  0.55 15.71  ? 201  SO4 A O4  1 
HETATM 1110 S  S   . SO4 C 2 .   ? 2.648   -7.992  -6.420  0.58 56.14  ? 202  SO4 A S   1 
HETATM 1111 O  O1  . SO4 C 2 .   ? 3.501   -7.432  -7.488  0.58 66.34  ? 202  SO4 A O1  1 
HETATM 1112 O  O2  . SO4 C 2 .   ? 1.900   -6.889  -5.796  0.58 44.23  ? 202  SO4 A O2  1 
HETATM 1113 O  O3  . SO4 C 2 .   ? 1.687   -8.949  -6.994  0.58 55.38  ? 202  SO4 A O3  1 
HETATM 1114 O  O4  . SO4 C 2 .   ? 3.506   -8.686  -5.435  0.58 44.83  ? 202  SO4 A O4  1 
HETATM 1115 S  S   . SO4 D 2 .   ? 9.916   -2.587  -4.005  0.77 14.07  ? 203  SO4 A S   1 
HETATM 1116 O  O1  . SO4 D 2 .   ? 9.647   -3.867  -3.340  0.77 18.23  ? 203  SO4 A O1  1 
HETATM 1117 O  O2  . SO4 D 2 .   ? 8.737   -2.142  -4.775  0.77 18.31  ? 203  SO4 A O2  1 
HETATM 1118 O  O3  . SO4 D 2 .   ? 10.135  -1.587  -2.949  0.77 19.13  ? 203  SO4 A O3  1 
HETATM 1119 O  O4  . SO4 D 2 .   ? 11.045  -2.755  -4.958  0.77 14.34  ? 203  SO4 A O4  1 
HETATM 1120 CS CS  . CS  E 3 .   ? 3.642   14.210  -7.406  0.49 16.56  ? 401  CS  A CS  1 
HETATM 1121 CS CS  . CS  F 3 .   ? -10.614 1.005   11.776  0.34 59.64  ? 402  CS  A CS  1 
HETATM 1122 CS CS  . CS  G 3 .   ? 16.859  17.033  -5.038  0.40 80.61  ? 404  CS  A CS  1 
HETATM 1123 CS CS  . CS  H 3 .   ? 13.576  -6.705  -3.308  0.40 23.44  ? 405  CS  A CS  1 
HETATM 1124 O  O   . HOH I 4 .   ? 8.361   12.831  -3.249  1.00 16.78  ? 1001 HOH A O   1 
HETATM 1125 O  O   . HOH I 4 .   ? 14.715  -2.838  -1.870  1.00 16.70  ? 1002 HOH A O   1 
HETATM 1126 O  O   . HOH I 4 .   ? -9.954  -25.278 2.719   1.00 18.57  ? 1003 HOH A O   1 
HETATM 1127 O  O   . HOH I 4 .   ? 6.073   21.005  -3.317  1.00 21.65  ? 1004 HOH A O   1 
HETATM 1128 O  O   . HOH I 4 .   ? -14.007 -14.314 -7.862  1.00 16.53  ? 1005 HOH A O   1 
HETATM 1129 O  O   . HOH I 4 .   ? 7.268   12.799  -5.896  1.00 16.59  ? 1006 HOH A O   1 
HETATM 1130 O  O   . HOH I 4 .   ? 19.835  -1.015  2.969   1.00 17.21  ? 1007 HOH A O   1 
HETATM 1131 O  O   . HOH I 4 .   ? 12.007  14.472  -7.923  1.00 17.96  ? 1008 HOH A O   1 
HETATM 1132 O  O   . HOH I 4 .   ? 20.867  7.466   -2.891  1.00 20.83  ? 1009 HOH A O   1 
HETATM 1133 O  O   . HOH I 4 .   ? 10.195  13.403  -5.962  1.00 17.29  ? 1010 HOH A O   1 
HETATM 1134 O  O   . HOH I 4 .   ? -6.398  -19.973 -3.209  1.00 19.01  ? 1011 HOH A O   1 
HETATM 1135 O  O   . HOH I 4 .   ? 14.082  0.226   4.398   1.00 17.90  ? 1012 HOH A O   1 
HETATM 1136 O  O   . HOH I 4 .   ? -20.479 -7.855  -4.759  1.00 21.81  ? 1013 HOH A O   1 
HETATM 1137 O  O   . HOH I 4 .   ? -20.102 -15.635 -5.410  1.00 16.54  ? 1014 HOH A O   1 
HETATM 1138 O  O   . HOH I 4 .   ? 20.254  8.605   -0.489  1.00 20.64  ? 1015 HOH A O   1 
HETATM 1139 O  O   . HOH I 4 .   ? -18.336 -17.870 -2.802  1.00 18.07  ? 1016 HOH A O   1 
HETATM 1140 O  O   . HOH I 4 .   ? -18.506 -14.900 1.474   1.00 16.79  ? 1017 HOH A O   1 
HETATM 1141 O  O   . HOH I 4 .   ? -16.606 -13.251 2.758   1.00 19.93  ? 1018 HOH A O   1 
HETATM 1142 O  O   . HOH I 4 .   ? -14.015 -15.524 7.233   1.00 24.91  ? 1019 HOH A O   1 
HETATM 1143 O  O   . HOH I 4 .   ? -17.661 -16.874 -0.269  1.00 16.88  ? 1020 HOH A O   1 
HETATM 1144 O  O   . HOH I 4 .   ? 12.876  0.593   7.304   1.00 24.45  ? 1021 HOH A O   1 
HETATM 1145 O  O   . HOH I 4 .   ? 5.028   15.160  0.498   1.00 17.58  ? 1022 HOH A O   1 
HETATM 1146 O  O   . HOH I 4 .   ? 14.134  2.061   2.234   1.00 15.07  ? 1023 HOH A O   1 
HETATM 1147 O  O   . HOH I 4 .   ? 13.783  -4.741  -0.247  1.00 18.55  ? 1024 HOH A O   1 
HETATM 1148 O  O   . HOH I 4 .   ? 2.199   14.565  0.144   1.00 22.21  ? 1025 HOH A O   1 
HETATM 1149 O  O   . HOH I 4 .   ? 6.232   15.303  -5.834  1.00 16.70  ? 1026 HOH A O   1 
HETATM 1150 O  O   . HOH I 4 .   ? 20.969  -6.096  -3.378  1.00 22.71  ? 1027 HOH A O   1 
HETATM 1151 O  O   . HOH I 4 .   ? -15.013 -10.712 -7.812  1.00 22.67  ? 1028 HOH A O   1 
HETATM 1152 O  O   . HOH I 4 .   ? -2.536  -7.963  -4.663  1.00 23.97  ? 1029 HOH A O   1 
HETATM 1153 O  O   . HOH I 4 .   ? -21.738 -10.111 -2.633  1.00 20.62  ? 1030 HOH A O   1 
HETATM 1154 O  O   . HOH I 4 .   ? 22.644  4.395   -4.770  1.00 20.56  ? 1031 HOH A O   1 
HETATM 1155 O  O   . HOH I 4 .   ? -6.234  -12.969 -6.912  1.00 19.15  ? 1032 HOH A O   1 
HETATM 1156 O  O   . HOH I 4 .   ? 13.657  15.434  -5.920  1.00 23.12  ? 1033 HOH A O   1 
HETATM 1157 O  O   . HOH I 4 .   ? -17.549 -20.461 -2.298  1.00 21.67  ? 1034 HOH A O   1 
HETATM 1158 O  O   . HOH I 4 .   ? -7.815  9.646   -1.895  1.00 25.10  ? 1035 HOH A O   1 
HETATM 1159 O  O   . HOH I 4 .   ? -3.406  2.188   -6.603  1.00 23.14  ? 1036 HOH A O   1 
HETATM 1160 O  O   . HOH I 4 .   ? -12.459 -7.658  -8.172  1.00 21.83  ? 1037 HOH A O   1 
HETATM 1161 O  O   . HOH I 4 .   ? -3.650  -20.180 -3.821  1.00 23.38  ? 1038 HOH A O   1 
HETATM 1162 O  O   . HOH I 4 .   ? 23.019  1.760   -5.434  1.00 24.89  ? 1039 HOH A O   1 
HETATM 1163 O  O   . HOH I 4 .   ? 11.342  -5.138  -1.452  1.00 18.23  ? 1040 HOH A O   1 
HETATM 1164 O  O   . HOH I 4 .   ? 13.642  -3.603  -4.250  1.00 19.70  ? 1041 HOH A O   1 
HETATM 1165 O  O   . HOH I 4 .   ? -0.900  -8.420  3.583   1.00 27.55  ? 1042 HOH A O   1 
HETATM 1166 O  O   . HOH I 4 .   ? 1.232   13.185  8.049   1.00 19.38  ? 1043 HOH A O   1 
HETATM 1167 O  O   . HOH I 4 .   ? -6.669  8.425   -5.615  1.00 22.95  ? 1044 HOH A O   1 
HETATM 1168 O  O   . HOH I 4 .   ? -20.324 -1.101  3.293   1.00 35.87  ? 1045 HOH A O   1 
HETATM 1169 O  O   . HOH I 4 .   ? -8.861  6.975   0.432   1.00 26.07  ? 1046 HOH A O   1 
HETATM 1170 O  O   . HOH I 4 .   ? -12.776 -11.348 -9.091  1.00 23.48  ? 1047 HOH A O   1 
HETATM 1171 O  O   . HOH I 4 .   ? 19.484  6.737   -6.410  1.00 23.38  ? 1048 HOH A O   1 
HETATM 1172 O  O   . HOH I 4 .   ? 5.602   10.246  -10.024 1.00 23.05  ? 1049 HOH A O   1 
HETATM 1173 O  O   . HOH I 4 .   ? 0.602   -4.257  10.011  1.00 31.73  ? 1050 HOH A O   1 
HETATM 1174 O  O   . HOH I 4 .   ? -4.969  -10.685 -5.901  1.00 23.22  ? 1051 HOH A O   1 
HETATM 1175 O  O   . HOH I 4 .   ? 0.058   -11.314 -3.778  1.00 23.79  ? 1052 HOH A O   1 
HETATM 1176 O  O   . HOH I 4 .   ? -1.778  0.777   14.104  1.00 32.29  ? 1053 HOH A O   1 
HETATM 1177 O  O   . HOH I 4 .   ? 14.603  17.200  -11.284 1.00 27.44  ? 1054 HOH A O   1 
HETATM 1178 O  O   . HOH I 4 .   ? 23.438  -3.793  -2.929  1.00 28.77  ? 1055 HOH A O   1 
HETATM 1179 O  O   . HOH I 4 .   ? -13.735 -12.068 -11.344 1.00 38.88  ? 1056 HOH A O   1 
HETATM 1180 O  O   . HOH I 4 .   ? 10.237  -1.310  -9.418  1.00 27.42  ? 1057 HOH A O   1 
HETATM 1181 O  O   . HOH I 4 .   ? 10.338  14.515  7.758   1.00 37.28  ? 1058 HOH A O   1 
HETATM 1182 O  O   . HOH I 4 .   ? -5.349  -12.028 9.145   1.00 31.49  ? 1059 HOH A O   1 
HETATM 1183 O  O   . HOH I 4 .   ? -18.452 -8.720  -7.820  1.00 26.25  ? 1060 HOH A O   1 
HETATM 1184 O  O   . HOH I 4 .   ? -1.589  -18.389 -3.384  1.00 25.07  ? 1061 HOH A O   1 
HETATM 1185 O  O   . HOH I 4 .   ? -13.580 -4.535  -8.108  1.00 24.25  ? 1062 HOH A O   1 
HETATM 1186 O  O   . HOH I 4 .   ? -6.315  -14.979 9.512   1.00 38.35  ? 1063 HOH A O   1 
HETATM 1187 O  O   . HOH I 4 .   ? 15.307  -4.188  -6.617  1.00 33.16  ? 1064 HOH A O   1 
HETATM 1188 O  O   . HOH I 4 .   ? 16.083  16.427  -13.773 1.00 32.25  ? 1065 HOH A O   1 
HETATM 1189 O  O   . HOH I 4 .   ? 21.653  8.040   -7.451  1.00 31.89  ? 1066 HOH A O   1 
HETATM 1190 O  O   . HOH I 4 .   ? 7.978   1.122   11.086  1.00 29.22  ? 1067 HOH A O   1 
HETATM 1191 O  O   . HOH I 4 .   ? -4.034  -25.133 8.871   1.00 31.33  ? 1068 HOH A O   1 
HETATM 1192 O  O   . HOH I 4 .   ? -4.901  10.604  -7.425  1.00 33.00  ? 1069 HOH A O   1 
HETATM 1193 O  O   . HOH I 4 .   ? 8.493   3.545   11.880  1.00 36.20  ? 1070 HOH A O   1 
HETATM 1194 O  O   . HOH I 4 .   ? 9.486   -0.380  9.158   1.00 38.02  ? 1071 HOH A O   1 
HETATM 1195 O  O   . HOH I 4 .   ? 1.481   7.010   13.479  1.00 26.25  ? 1072 HOH A O   1 
HETATM 1196 O  O   . HOH I 4 .   ? 17.663  13.094  1.699   1.00 40.04  ? 1073 HOH A O   1 
HETATM 1197 O  O   . HOH I 4 .   ? -9.527  7.330   2.779   1.00 36.73  ? 1074 HOH A O   1 
HETATM 1198 O  O   . HOH I 4 .   ? 0.075   -16.515 6.093   1.00 37.02  ? 1075 HOH A O   1 
HETATM 1199 O  O   . HOH I 4 .   ? -18.431 -18.199 -10.611 1.00 31.31  ? 1076 HOH A O   1 
HETATM 1200 O  O   . HOH I 4 .   ? 5.703   15.633  9.539   1.00 28.60  ? 1077 HOH A O   1 
HETATM 1201 O  O   . HOH I 4 .   ? 16.453  14.632  -5.622  1.00 33.89  ? 1078 HOH A O   1 
HETATM 1202 O  O   . HOH I 4 .   ? 20.069  0.723   -9.517  1.00 32.09  ? 1079 HOH A O   1 
HETATM 1203 O  O   . HOH I 4 .   ? 6.516   16.893  2.496   1.00 32.00  ? 1080 HOH A O   1 
HETATM 1204 O  O   . HOH I 4 .   ? 20.001  13.922  -13.962 1.00 70.56  ? 1081 HOH A O   1 
HETATM 1205 O  O   . HOH I 4 .   ? -8.372  3.169   8.847   1.00 28.72  ? 1082 HOH A O   1 
HETATM 1206 O  O   . HOH I 4 .   ? -14.975 0.383   -3.844  1.00 28.88  ? 1083 HOH A O   1 
HETATM 1207 O  O   . HOH I 4 .   ? 2.460   -5.551  11.650  1.00 28.58  ? 1084 HOH A O   1 
HETATM 1208 O  O   . HOH I 4 .   ? 4.323   -7.320  10.460  1.00 31.83  ? 1085 HOH A O   1 
HETATM 1209 O  O   . HOH I 4 .   ? -7.132  6.385   5.436   1.00 35.60  ? 1086 HOH A O   1 
HETATM 1210 O  O   . HOH I 4 .   ? -7.280  -3.524  -11.098 1.00 26.30  ? 1087 HOH A O   1 
HETATM 1211 O  O   . HOH I 4 .   ? 19.047  11.908  -0.154  1.00 37.03  ? 1088 HOH A O   1 
HETATM 1212 O  O   . HOH I 4 .   ? -7.592  1.356   10.817  1.00 32.46  ? 1089 HOH A O   1 
HETATM 1213 O  O   . HOH I 4 .   ? 12.997  1.693   -9.693  1.00 72.27  ? 1090 HOH A O   1 
HETATM 1214 O  O   . HOH I 4 .   ? -17.097 -14.530 -9.952  1.00 30.39  ? 1091 HOH A O   1 
HETATM 1215 O  O   . HOH I 4 .   ? -4.463  10.749  5.248   1.00 30.00  ? 1092 HOH A O   1 
HETATM 1216 O  O   . HOH I 4 .   ? 1.758   -0.764  -9.910  1.00 35.85  ? 1093 HOH A O   1 
HETATM 1217 O  O   . HOH I 4 .   ? 7.280   4.349   -14.849 1.00 56.76  ? 1094 HOH A O   1 
HETATM 1218 O  O   . HOH I 4 .   ? 10.575  -5.807  -4.996  1.00 42.73  ? 1095 HOH A O   1 
HETATM 1219 O  O   . HOH I 4 .   ? -5.584  -19.509 10.649  1.00 29.24  ? 1096 HOH A O   1 
HETATM 1220 O  O   . HOH I 4 .   ? -2.503  -5.789  -7.446  1.00 33.71  ? 1097 HOH A O   1 
HETATM 1221 O  O   . HOH I 4 .   ? -14.367 0.260   -6.289  1.00 32.80  ? 1098 HOH A O   1 
HETATM 1222 O  O   . HOH I 4 .   ? 4.969   8.080   12.745  1.00 34.48  ? 1099 HOH A O   1 
HETATM 1223 O  O   . HOH I 4 .   ? -8.527  -24.336 -0.994  1.00 28.02  ? 1100 HOH A O   1 
HETATM 1224 O  O   . HOH I 4 .   ? -18.531 -6.672  6.908   1.00 34.17  ? 1101 HOH A O   1 
HETATM 1225 O  O   . HOH I 4 .   ? 12.916  10.234  -15.794 1.00 43.10  ? 1102 HOH A O   1 
HETATM 1226 O  O   . HOH I 4 .   ? -2.001  -2.112  3.027   1.00 33.81  ? 1103 HOH A O   1 
HETATM 1227 O  O   . HOH I 4 .   ? 22.524  10.541  -7.480  1.00 29.81  ? 1104 HOH A O   1 
HETATM 1228 O  O   . HOH I 4 .   ? -9.551  -15.808 -10.449 1.00 39.72  ? 1105 HOH A O   1 
HETATM 1229 O  O   . HOH I 4 .   ? 5.869   6.976   -9.734  1.00 47.17  ? 1106 HOH A O   1 
HETATM 1230 O  O   . HOH I 4 .   ? 0.136   -5.294  -6.635  1.00 39.33  ? 1107 HOH A O   1 
HETATM 1231 O  O   . HOH I 4 .   ? 10.115  -3.359  -7.541  1.00 47.35  ? 1108 HOH A O   1 
HETATM 1232 O  O   . HOH I 4 .   ? 11.257  -8.229  4.022   1.00 26.04  ? 1109 HOH A O   1 
HETATM 1233 O  O   . HOH I 4 .   ? -9.435  -1.798  13.269  1.00 50.58  ? 1110 HOH A O   1 
HETATM 1234 O  O   . HOH I 4 .   ? -11.474 0.943   -7.575  1.00 27.57  ? 1111 HOH A O   1 
HETATM 1235 O  O   . HOH I 4 .   ? -4.217  -16.950 -7.838  1.00 28.77  ? 1112 HOH A O   1 
HETATM 1236 O  O   . HOH I 4 .   ? -1.407  14.311  8.574   1.00 58.26  ? 1113 HOH A O   1 
HETATM 1237 O  O   . HOH I 4 .   ? -11.614 -20.185 -11.276 1.00 33.21  ? 1114 HOH A O   1 
HETATM 1238 O  O   . HOH I 4 .   ? 2.918   20.253  -0.004  1.00 38.12  ? 1115 HOH A O   1 
HETATM 1239 O  O   . HOH I 4 .   ? -3.755  14.045  -7.501  1.00 29.77  ? 1116 HOH A O   1 
HETATM 1240 O  O   . HOH I 4 .   ? -4.966  13.277  3.288   1.00 30.29  ? 1117 HOH A O   1 
HETATM 1241 O  O   . HOH I 4 .   ? -6.804  11.744  -0.661  1.00 37.70  ? 1118 HOH A O   1 
HETATM 1242 O  O   . HOH I 4 .   ? 5.513   -5.125  -7.259  1.00 55.20  ? 1119 HOH A O   1 
HETATM 1243 O  O   . HOH I 4 .   ? 14.080  13.274  5.576   1.00 87.44  ? 1120 HOH A O   1 
HETATM 1244 O  O   . HOH I 4 .   ? -16.841 -11.540 -9.880  1.00 46.24  ? 1121 HOH A O   1 
HETATM 1245 O  O   . HOH I 4 .   ? 6.441   -7.298  -1.303  1.00 29.83  ? 1122 HOH A O   1 
HETATM 1246 O  O   . HOH I 4 .   ? 23.580  10.727  -4.500  1.00 30.89  ? 1123 HOH A O   1 
HETATM 1247 O  O   . HOH I 4 .   ? -5.552  7.943   9.494   1.00 47.81  ? 1124 HOH A O   1 
HETATM 1248 O  O   . HOH I 4 .   ? -5.821  6.472   -7.537  1.00 39.73  ? 1125 HOH A O   1 
HETATM 1249 O  O   . HOH I 4 .   ? 12.260  -1.446  -11.009 1.00 47.15  ? 1126 HOH A O   1 
HETATM 1250 O  O   . HOH I 4 .   ? 9.756   -0.693  11.414  1.00 36.91  ? 1127 HOH A O   1 
HETATM 1251 O  O   . HOH I 4 .   ? -5.577  -13.196 -9.802  1.00 35.80  ? 1128 HOH A O   1 
HETATM 1252 O  O   . HOH I 4 .   ? -11.607 -8.738  -11.044 1.00 37.15  ? 1129 HOH A O   1 
HETATM 1253 O  O   . HOH I 4 .   ? -16.119 -2.483  -3.461  1.00 38.15  ? 1130 HOH A O   1 
HETATM 1254 O  O   . HOH I 4 .   ? 8.932   -6.813  -3.742  1.00 46.73  ? 1131 HOH A O   1 
HETATM 1255 O  O   . HOH I 4 .   ? 1.727   2.554   14.368  1.00 34.18  ? 1132 HOH A O   1 
HETATM 1256 O  O   . HOH I 4 .   ? 6.780   -4.738  -5.390  1.00 42.84  ? 1133 HOH A O   1 
HETATM 1257 O  O   . HOH I 4 .   ? 15.425  13.366  3.718   1.00 41.48  ? 1134 HOH A O   1 
HETATM 1258 O  O   . HOH I 4 .   ? 5.740   0.436   12.523  1.00 37.60  ? 1135 HOH A O   1 
HETATM 1259 O  O   . HOH I 4 .   ? -5.955  16.492  3.216   1.00 45.24  ? 1136 HOH A O   1 
HETATM 1260 O  O   . HOH I 4 .   ? -12.692 -3.554  10.183  1.00 35.58  ? 1137 HOH A O   1 
HETATM 1261 O  O   . HOH I 4 .   ? 10.969  -2.254  9.490   1.00 40.24  ? 1138 HOH A O   1 
HETATM 1262 O  O   . HOH I 4 .   ? -17.384 -8.946  7.464   1.00 47.43  ? 1139 HOH A O   1 
HETATM 1263 O  O   . HOH I 4 .   ? 10.602  19.018  -1.619  1.00 40.82  ? 1140 HOH A O   1 
HETATM 1264 O  O   . HOH I 4 .   ? -18.093 0.354   8.353   1.00 36.88  ? 1141 HOH A O   1 
HETATM 1265 O  O   . HOH I 4 .   ? 3.997   2.004   13.931  1.00 38.23  ? 1142 HOH A O   1 
HETATM 1266 O  O   . HOH I 4 .   ? 3.005   12.468  12.109  1.00 50.75  ? 1143 HOH A O   1 
HETATM 1267 O  O   . HOH I 4 .   ? -8.945  9.936   -4.714  1.00 46.62  ? 1144 HOH A O   1 
HETATM 1268 O  O   . HOH I 4 .   ? -11.813 -13.542 11.718  1.00 54.45  ? 1145 HOH A O   1 
HETATM 1269 O  O   . HOH I 4 .   ? -10.067 6.556   -8.323  1.00 41.70  ? 1146 HOH A O   1 
HETATM 1270 O  O   . HOH I 4 .   ? -19.794 -2.325  -1.457  1.00 44.31  ? 1147 HOH A O   1 
HETATM 1271 O  O   . HOH I 4 .   ? -11.773 -23.798 -1.398  1.00 64.09  ? 1148 HOH A O   1 
HETATM 1272 O  O   . HOH I 4 .   ? -16.016 -14.341 -14.084 1.00 62.68  ? 1149 HOH A O   1 
HETATM 1273 O  O   . HOH I 4 .   ? 0.911   15.935  2.899   1.00 45.92  ? 1150 HOH A O   1 
HETATM 1274 O  O   . HOH I 4 .   ? -3.990  -9.912  10.994  1.00 45.17  ? 1151 HOH A O   1 
HETATM 1275 O  O   . HOH I 4 .   ? -0.439  12.469  9.555   1.00 41.01  ? 1152 HOH A O   1 
HETATM 1276 O  O   . HOH I 4 .   ? 1.120   15.758  7.008   1.00 36.93  ? 1153 HOH A O   1 
HETATM 1277 O  O   . HOH I 4 .   ? 5.464   6.816   15.096  1.00 77.44  ? 1154 HOH A O   1 
HETATM 1278 O  O   . HOH I 4 .   ? 5.968   -1.937  14.092  1.00 37.04  ? 1155 HOH A O   1 
HETATM 1279 O  O   . HOH I 4 .   ? -20.658 0.141   0.183   1.00 48.05  ? 1156 HOH A O   1 
HETATM 1280 O  O   . HOH I 4 .   ? 0.260   11.227  12.941  1.00 76.35  ? 1157 HOH A O   1 
HETATM 1281 O  O   . HOH I 4 .   ? -0.927  -17.980 -5.992  1.00 49.44  ? 1158 HOH A O   1 
HETATM 1282 O  O   . HOH I 4 .   ? 22.877  12.396  -2.237  1.00 39.81  ? 1159 HOH A O   1 
HETATM 1283 O  O   . HOH I 4 .   ? 4.082   -16.439 3.258   1.00 54.75  ? 1160 HOH A O   1 
HETATM 1284 O  O   . HOH I 4 .   ? -13.135 -4.348  -11.089 1.00 49.16  ? 1161 HOH A O   1 
HETATM 1285 O  O   . HOH I 4 .   ? -10.875 -14.053 -11.379 1.00 43.17  ? 1162 HOH A O   1 
HETATM 1286 O  O   . HOH I 4 .   ? 3.092   5.416   -11.066 1.00 49.42  ? 1163 HOH A O   1 
HETATM 1287 O  O   . HOH I 4 .   ? -1.840  4.780   13.962  1.00 40.29  ? 1164 HOH A O   1 
HETATM 1288 O  O   . HOH I 4 .   ? 10.536  2.760   10.681  1.00 36.60  ? 1165 HOH A O   1 
HETATM 1289 O  O   . HOH I 4 .   ? -1.094  0.558   -7.819  1.00 43.46  ? 1166 HOH A O   1 
HETATM 1290 O  O   . HOH I 4 .   ? -12.964 7.629   -5.772  1.00 68.75  ? 1167 HOH A O   1 
HETATM 1291 O  O   . HOH I 4 .   ? -0.528  -9.536  -6.109  1.00 38.64  ? 1168 HOH A O   1 
HETATM 1292 O  O   . HOH I 4 .   ? -14.562 -23.683 -8.483  1.00 62.98  ? 1169 HOH A O   1 
HETATM 1293 O  O   . HOH I 4 .   ? 22.251  7.776   -10.581 1.00 45.82  ? 1170 HOH A O   1 
HETATM 1294 O  O   . HOH I 4 .   ? 22.004  13.890  -10.109 1.00 40.25  ? 1171 HOH A O   1 
HETATM 1295 O  O   . HOH I 4 .   ? -0.607  18.961  2.956   1.00 45.90  ? 1172 HOH A O   1 
HETATM 1296 O  O   . HOH I 4 .   ? 14.014  18.809  -3.476  1.00 60.72  ? 1173 HOH A O   1 
HETATM 1297 O  O   . HOH I 4 .   ? -17.422 2.660   -3.987  1.00 48.72  ? 1174 HOH A O   1 
HETATM 1298 O  O   . HOH I 4 .   ? -6.734  11.355  -6.269  1.00 33.44  ? 1175 HOH A O   1 
HETATM 1299 O  O   . HOH I 4 .   ? 24.014  6.437   -5.355  1.00 42.94  ? 1176 HOH A O   1 
HETATM 1300 O  O   . HOH I 4 .   ? -1.819  -1.835  -8.283  1.00 54.30  ? 1177 HOH A O   1 
HETATM 1301 O  O   . HOH I 4 .   ? 17.399  -8.092  -5.634  1.00 41.42  ? 1178 HOH A O   1 
HETATM 1302 O  O   . HOH I 4 .   ? -6.351  -16.996 -9.583  1.00 36.45  ? 1179 HOH A O   1 
HETATM 1303 O  O   . HOH I 4 .   ? 1.108   -11.392 -8.532  1.00 58.86  ? 1180 HOH A O   1 
HETATM 1304 O  O   . HOH I 4 .   ? -2.016  6.909   -12.208 1.00 71.45  ? 1181 HOH A O   1 
HETATM 1305 O  O   . HOH I 4 .   ? -13.710 8.801   -2.401  1.00 54.70  ? 1182 HOH A O   1 
HETATM 1306 O  O   . HOH I 4 .   ? -2.891  11.598  8.755   1.00 54.76  ? 1183 HOH A O   1 
HETATM 1307 O  O   . HOH I 4 .   ? -9.173  -8.203  -11.202 1.00 54.48  ? 1184 HOH A O   1 
HETATM 1308 O  O   . HOH I 4 .   ? -11.421 -1.270  -11.325 1.00 45.38  ? 1185 HOH A O   1 
HETATM 1309 O  O   . HOH I 4 .   ? 20.337  -3.624  -6.299  1.00 35.86  ? 1186 HOH A O   1 
HETATM 1310 O  O   . HOH I 4 .   ? 17.569  2.005   -11.088 1.00 42.16  ? 1187 HOH A O   1 
HETATM 1311 O  O   . HOH I 4 .   ? 13.266  18.438  -6.992  1.00 49.87  ? 1188 HOH A O   1 
HETATM 1312 O  O   . HOH I 4 .   ? 14.576  -7.089  -5.400  1.00 69.39  ? 1189 HOH A O   1 
HETATM 1313 O  O   . HOH I 4 .   ? -6.962  8.670   5.546   1.00 52.59  ? 1190 HOH A O   1 
HETATM 1314 O  O   . HOH I 4 .   ? -1.822  18.058  4.931   1.00 50.60  ? 1191 HOH A O   1 
HETATM 1315 O  O   . HOH I 4 .   ? 4.588   -10.952 -1.679  1.00 38.36  ? 1192 HOH A O   1 
HETATM 1316 O  O   . HOH I 4 .   ? -17.522 3.506   1.608   1.00 38.07  ? 1193 HOH A O   1 
HETATM 1317 O  O   . HOH I 4 .   ? -8.069  -16.633 11.048  1.00 50.71  ? 1194 HOH A O   1 
HETATM 1318 O  O   . HOH I 4 .   ? -11.045 5.824   10.867  1.00 85.56  ? 1195 HOH A O   1 
HETATM 1319 O  O   . HOH I 4 .   ? 19.173  17.570  -1.807  1.00 47.62  ? 1196 HOH A O   1 
HETATM 1320 O  O   . HOH I 4 .   ? 22.284  -0.674  -7.993  1.00 49.58  ? 1197 HOH A O   1 
HETATM 1321 O  O   . HOH I 4 .   ? -10.671 2.623   -12.156 1.00 62.57  ? 1198 HOH A O   1 
HETATM 1322 O  O   . HOH I 4 .   ? -17.031 -3.124  9.778   1.00 74.34  ? 1199 HOH A O   1 
HETATM 1323 O  O   . HOH I 4 .   ? 2.066   -13.336 -5.371  1.00 39.92  ? 1200 HOH A O   1 
HETATM 1324 O  O   . HOH I 4 .   ? 1.874   -9.580  -3.374  1.00 47.55  ? 1203 HOH A O   1 
HETATM 1325 O  O   . HOH I 4 .   ? -5.155  -17.250 9.035   1.00 40.86  ? 1204 HOH A O   1 
HETATM 1326 O  O   . HOH I 4 .   ? 24.292  -1.841  -5.226  1.00 50.98  ? 1206 HOH A O   1 
HETATM 1327 O  O   . HOH I 4 .   ? -15.698 -21.721 -0.699  1.00 34.06  ? 1207 HOH A O   1 
HETATM 1328 O  O   . HOH I 4 .   ? 22.702  16.898  -9.125  1.00 74.83  ? 1208 HOH A O   1 
HETATM 1329 O  O   . HOH I 4 .   ? -0.514  -18.924 10.599  1.00 59.81  ? 1210 HOH A O   1 
HETATM 1330 O  O   . HOH I 4 .   ? 18.165  15.434  1.972   1.00 46.28  ? 1211 HOH A O   1 
HETATM 1331 O  O   . HOH I 4 .   ? -2.676  -15.777 8.688   1.00 35.22  ? 1212 HOH A O   1 
HETATM 1332 O  O   . HOH I 4 .   ? 3.570   -10.292 7.077   1.00 66.29  ? 1214 HOH A O   1 
HETATM 1333 O  O   . HOH I 4 .   ? -12.563 -16.456 -14.680 1.00 53.60  ? 1215 HOH A O   1 
HETATM 1334 O  O   . HOH I 4 .   ? 9.678   -11.776 6.345   1.00 55.76  ? 1216 HOH A O   1 
HETATM 1335 O  O   . HOH I 4 .   ? 8.822   -5.415  -8.421  1.00 53.23  ? 1217 HOH A O   1 
HETATM 1336 O  O   . HOH I 4 .   ? 4.962   20.910  2.756   1.00 38.29  ? 1218 HOH A O   1 
HETATM 1337 O  O   . HOH I 4 .   ? -15.876 -7.052  -10.423 1.00 55.35  ? 1220 HOH A O   1 
HETATM 1338 O  O   . HOH I 4 .   ? -0.667  7.213   15.384  1.00 59.53  ? 1221 HOH A O   1 
HETATM 1339 O  O   . HOH I 4 .   ? -3.637  2.787   14.312  1.00 46.25  ? 1222 HOH A O   1 
HETATM 1340 O  O   . HOH I 4 .   ? 4.339   -4.565  13.869  1.00 38.32  ? 1223 HOH A O   1 
HETATM 1341 O  O   . HOH I 4 .   ? 9.084   -6.965  11.055  1.00 54.90  ? 1224 HOH A O   1 
HETATM 1342 O  O   . HOH I 4 .   ? -0.171  -17.044 8.546   1.00 51.33  ? 1227 HOH A O   1 
HETATM 1343 O  O   . HOH I 4 .   ? 6.812   4.801   14.410  1.00 51.67  ? 1228 HOH A O   1 
HETATM 1344 O  O   . HOH I 4 .   ? 6.371   4.932   -10.654 1.00 48.33  ? 1229 HOH A O   1 
HETATM 1345 O  O   . HOH I 4 .   ? -12.175 3.142   -9.175  1.00 58.67  ? 1230 HOH A O   1 
HETATM 1346 O  O   . HOH I 4 .   ? 8.163   19.200  4.867   1.00 51.90  ? 1231 HOH A O   1 
HETATM 1347 O  O   . HOH I 4 .   ? 25.247  8.096   -8.537  1.00 89.96  ? 1232 HOH A O   1 
HETATM 1348 O  O   . HOH I 4 .   ? -3.052  -19.984 11.956  1.00 39.93  ? 1233 HOH A O   1 
HETATM 1349 O  O   . HOH I 4 .   ? -13.187 -25.563 -5.052  1.00 65.68  ? 1234 HOH A O   1 
HETATM 1350 O  O   . HOH I 4 .   ? -9.902  7.195   7.658   1.00 55.65  ? 1235 HOH A O   1 
HETATM 1351 O  O   . HOH I 4 .   ? -12.858 -6.924  -11.703 1.00 55.54  ? 1236 HOH A O   1 
HETATM 1352 O  O   . HOH I 4 .   ? 7.199   -4.203  -10.032 1.00 66.96  ? 1237 HOH A O   1 
HETATM 1353 O  O   . HOH I 4 .   ? 2.002   16.302  9.077   1.00 64.47  ? 1238 HOH A O   1 
HETATM 1354 O  O   . HOH I 4 .   ? 10.123  12.316  8.453   1.00 54.47  ? 1241 HOH A O   1 
HETATM 1355 O  O   . HOH I 4 .   ? -7.217  -14.571 11.583  1.00 73.27  ? 1242 HOH A O   1 
HETATM 1356 O  O   . HOH I 4 .   ? 3.052   -4.398  16.289  1.00 52.27  ? 1243 HOH A O   1 
HETATM 1357 O  O   . HOH I 4 .   ? 5.288   18.140  6.478   1.00 51.11  ? 1244 HOH A O   1 
HETATM 1358 O  O   . HOH I 4 .   ? 4.314   4.406   14.895  1.00 57.62  ? 1245 HOH A O   1 
HETATM 1359 O  O   . HOH I 4 .   ? 6.476   -7.072  11.636  1.00 49.59  ? 1246 HOH A O   1 
HETATM 1360 O  O   . HOH I 4 .   ? -6.687  -7.925  13.583  1.00 35.09  ? 1247 HOH A O   1 
HETATM 1361 O  O   . HOH I 4 .   ? -18.712 -3.140  -3.308  1.00 47.87  ? 1248 HOH A O   1 
HETATM 1362 O  O   . HOH I 4 .   ? 8.853   -11.615 9.053   1.00 60.77  ? 1249 HOH A O   1 
HETATM 1363 O  O   . HOH I 4 .   ? -2.212  -22.038 10.764  1.00 39.37  ? 1251 HOH A O   1 
HETATM 1364 O  O   . HOH I 4 .   ? -10.758 -9.079  11.920  1.00 48.29  ? 1252 HOH A O   1 
HETATM 1365 O  O   . HOH I 4 .   ? 2.077   17.445  5.277   1.00 64.51  ? 1254 HOH A O   1 
HETATM 1366 O  O   . HOH I 4 .   ? 5.532   -16.737 -0.340  1.00 55.38  ? 1255 HOH A O   1 
HETATM 1367 O  O   . HOH I 4 .   ? 22.012  9.923   -12.567 1.00 40.32  ? 1256 HOH A O   1 
HETATM 1368 O  O   . HOH I 4 .   ? -22.449 2.105   4.710   1.00 37.22  ? 1257 HOH A O   1 
HETATM 1369 O  O   . HOH I 4 .   ? 6.100   -10.790 11.423  1.00 48.53  ? 1258 HOH A O   1 
HETATM 1370 O  O   . HOH I 4 .   ? 8.250   -2.137  14.239  1.00 61.71  ? 1259 HOH A O   1 
HETATM 1371 O  O   . HOH I 4 .   ? -6.179  5.537   -10.229 1.00 63.98  ? 1260 HOH A O   1 
HETATM 1372 O  O   . HOH I 4 .   ? 26.582  2.998   -7.733  1.00 60.62  ? 1261 HOH A O   1 
HETATM 1373 O  O   . HOH I 4 .   ? -24.386 1.339   5.708   1.00 48.12  ? 1262 HOH A O   1 
HETATM 1374 O  O   . HOH I 4 .   ? -6.564  2.437   13.234  1.00 39.81  ? 1263 HOH A O   1 
HETATM 1375 O  O   . HOH I 4 .   ? -4.484  2.193   -10.909 1.00 71.22  ? 1264 HOH A O   1 
HETATM 1376 O  O   . HOH I 4 .   ? 7.993   21.224  2.143   1.00 55.87  ? 1265 HOH A O   1 
HETATM 1377 O  O   . HOH I 4 .   ? 1.114   -12.024 -0.601  1.00 47.45  ? 1267 HOH A O   1 
HETATM 1378 O  O   . HOH I 4 .   ? 23.703  11.459  -9.455  1.00 46.96  ? 1268 HOH A O   1 
HETATM 1379 O  O   . HOH I 4 .   ? 1.625   -16.195 -5.555  1.00 46.42  ? 1269 HOH A O   1 
HETATM 1380 O  O   . HOH I 4 .   ? -3.662  6.157   13.695  1.00 75.71  ? 1273 HOH A O   1 
HETATM 1381 O  O   . HOH I 4 .   ? -2.117  4.377   17.121  1.00 69.08  ? 1274 HOH A O   1 
HETATM 1382 O  O   . HOH I 4 .   ? 8.958   -5.260  13.144  1.00 53.23  ? 1275 HOH A O   1 
HETATM 1383 O  O   . HOH I 4 .   ? 1.320   -19.562 -2.534  1.00 33.16  ? 1276 HOH A O   1 
HETATM 1384 O  O   . HOH I 4 .   ? 5.749   -14.632 -2.012  1.00 55.48  ? 1277 HOH A O   1 
HETATM 1385 O  O   . HOH I 4 .   ? 4.638   -9.313  14.569  1.00 70.40  ? 1278 HOH A O   1 
HETATM 1386 O  O   . HOH I 4 .   ? -3.019  -12.964 11.850  1.00 71.28  ? 1279 HOH A O   1 
HETATM 1387 O  O   . HOH I 4 .   ? 3.819   22.120  -0.960  1.00 52.03  ? 1280 HOH A O   1 
HETATM 1388 O  O   . HOH I 4 .   ? -8.273  -18.431 8.819   1.00 36.06  ? 1284 HOH A O   1 
HETATM 1389 O  O   . HOH I 4 .   ? -8.255  -19.661 6.896   1.00 41.54  ? 1285 HOH A O   1 
HETATM 1390 O  O   . HOH I 4 .   ? -6.540  -18.215 7.341   1.00 34.96  ? 1286 HOH A O   1 
HETATM 1391 O  O   . HOH I 4 .   ? -15.128 6.403   4.747   1.00 54.23  ? 1287 HOH A O   1 
HETATM 1392 O  O   . HOH I 4 .   ? 21.156  18.811  -12.373 1.00 68.34  ? 1288 HOH A O   1 
HETATM 1393 O  O   . HOH I 4 .   ? -21.677 -3.719  -4.599  1.00 47.35  ? 1289 HOH A O   1 
HETATM 1394 O  O   . HOH I 4 .   ? -12.799 -22.247 -9.461  1.00 52.85  ? 1290 HOH A O   1 
HETATM 1395 O  O   . HOH I 4 .   ? 10.873  1.836   7.415   1.00 31.86  ? 1293 HOH A O   1 
HETATM 1396 O  O   . HOH I 4 .   ? 6.120   -14.921 2.586   1.00 51.34  ? 1294 HOH A O   1 
HETATM 1397 O  O   . HOH I 4 .   ? -6.596  0.096   -12.457 1.00 53.93  ? 1296 HOH A O   1 
HETATM 1398 O  O   . HOH I 4 .   ? 16.084  9.907   -19.827 1.00 70.01  ? 1297 HOH A O   1 
HETATM 1399 O  O   . HOH I 4 .   ? 20.017  3.412   -12.912 1.00 70.95  ? 1298 HOH A O   1 
HETATM 1400 O  O   . HOH I 4 .   ? 4.807   1.907   -11.430 1.00 66.34  ? 1300 HOH A O   1 
HETATM 1401 O  O   . HOH I 4 .   ? -8.465  5.634   10.083  1.00 54.96  ? 1301 HOH A O   1 
HETATM 1402 O  O   . HOH I 4 .   ? -19.560 -0.579  -3.491  1.00 53.06  ? 1302 HOH A O   1 
HETATM 1403 O  O   . HOH I 4 .   ? 8.176   1.841   -11.975 1.00 68.78  ? 1303 HOH A O   1 
HETATM 1404 O  O   . HOH I 4 .   ? 5.714   22.969  0.363   1.00 63.45  ? 1305 HOH A O   1 
HETATM 1405 O  O   . HOH I 4 .   ? -9.053  10.761  2.506   1.00 73.65  ? 1307 HOH A O   1 
HETATM 1406 O  O   . HOH I 4 .   ? 4.589   -10.763 -5.348  1.00 72.64  ? 1308 HOH A O   1 
HETATM 1407 O  O   . HOH I 4 .   ? -4.393  -3.030  -11.061 1.00 61.85  ? 1309 HOH A O   1 
HETATM 1408 O  O   . HOH I 4 .   ? -23.075 3.368   7.906   1.00 68.66  ? 1314 HOH A O   1 
HETATM 1409 O  O   . HOH I 4 .   ? 4.087   23.015  2.436   1.00 55.67  ? 1315 HOH A O   1 
HETATM 1410 O  O   . HOH I 4 .   ? 19.992  19.137  1.326   1.00 56.70  ? 1317 HOH A O   1 
HETATM 1411 O  O   . HOH I 4 .   ? -7.942  3.431   -12.558 1.00 68.96  ? 1319 HOH A O   1 
HETATM 1412 O  O   . HOH I 4 .   ? -9.487  -11.375 -12.957 1.00 65.48  ? 1320 HOH A O   1 
# 
